data_3F6P
# 
_entry.id   3F6P 
# 
_audit_conform.dict_name       mmcif_pdbx.dic 
_audit_conform.dict_version    5.378 
_audit_conform.dict_location   http://mmcif.pdb.org/dictionaries/ascii/mmcif_pdbx.dic 
# 
loop_
_database_2.database_id 
_database_2.database_code 
_database_2.pdbx_database_accession 
_database_2.pdbx_DOI 
PDB   3F6P         pdb_00003f6p 10.2210/pdb3f6p/pdb 
RCSB  RCSB050214   ?            ?                   
WWPDB D_1000050214 ?            ?                   
# 
_pdbx_database_status.entry_id                        3F6P 
_pdbx_database_status.deposit_site                    RCSB 
_pdbx_database_status.process_site                    RCSB 
_pdbx_database_status.recvd_initial_deposition_date   2008-11-06 
_pdbx_database_status.status_code                     REL 
_pdbx_database_status.status_code_sf                  REL 
_pdbx_database_status.status_code_mr                  ? 
_pdbx_database_status.SG_entry                        ? 
_pdbx_database_status.pdb_format_compatible           Y 
_pdbx_database_status.status_code_cs                  ? 
_pdbx_database_status.methods_development_category    ? 
_pdbx_database_status.status_code_nmr_data            ? 
# 
loop_
_audit_author.name 
_audit_author.pdbx_ordinal 
'Zhao, H.' 1 
'Tang, L.' 2 
# 
_citation.id                        primary 
_citation.title                     
;Preliminary crystallographic studies of the regulatory domain of response regulator YycF from an essential two-component signal transduction system.
;
_citation.journal_abbrev            'Acta Crystallogr.,Sect.F' 
_citation.journal_volume            65 
_citation.page_first                719 
_citation.page_last                 722 
_citation.year                      2009 
_citation.journal_id_ASTM           ? 
_citation.country                   DK 
_citation.journal_id_ISSN           1744-3091 
_citation.journal_id_CSD            ? 
_citation.book_publisher            ? 
_citation.pdbx_database_id_PubMed   19574649 
_citation.pdbx_database_id_DOI      10.1107/S1744309109022696 
# 
loop_
_citation_author.citation_id 
_citation_author.name 
_citation_author.ordinal 
_citation_author.identifier_ORCID 
primary 'Zhao, H.'       1 ? 
primary 'Heroux, A.'     2 ? 
primary 'Sequeira, R.D.' 3 ? 
primary 'Tang, L.'       4 ? 
# 
_cell.length_a           59.495 
_cell.length_b           59.495 
_cell.length_c           79.059 
_cell.angle_alpha        90.000 
_cell.angle_beta         90.000 
_cell.angle_gamma        120.000 
_cell.entry_id           3F6P 
_cell.pdbx_unique_axis   ? 
_cell.Z_PDB              6 
_cell.length_a_esd       ? 
_cell.length_b_esd       ? 
_cell.length_c_esd       ? 
_cell.angle_alpha_esd    ? 
_cell.angle_beta_esd     ? 
_cell.angle_gamma_esd    ? 
# 
_symmetry.space_group_name_H-M             'P 31 2 1' 
_symmetry.entry_id                         3F6P 
_symmetry.Int_Tables_number                152 
_symmetry.pdbx_full_space_group_name_H-M   ? 
_symmetry.cell_setting                     ? 
_symmetry.space_group_name_Hall            ? 
# 
loop_
_entity.id 
_entity.type 
_entity.src_method 
_entity.pdbx_description 
_entity.formula_weight 
_entity.pdbx_number_of_molecules 
_entity.pdbx_ec 
_entity.pdbx_mutation 
_entity.pdbx_fragment 
_entity.details 
1 polymer man 'Transcriptional regulatory protein yycF' 13787.979 1  ? ? 'receiver domain of YycF' ? 
2 water   nat water                                     18.015    29 ? ? ?                         ? 
# 
_entity_poly.entity_id                      1 
_entity_poly.type                           'polypeptide(L)' 
_entity_poly.nstd_linkage                   no 
_entity_poly.nstd_monomer                   no 
_entity_poly.pdbx_seq_one_letter_code       
;MDKKILVVDDEKPIADILEFNLRKEGYEVHCAHDGNEAVEMVEELQPDLILLDIMLPNKDGVEVCREVRKKYDMPIIMLT
AKDSEIDKVIGLEIGADDYVTKPFSTRELLARVKANLRRQ
;
_entity_poly.pdbx_seq_one_letter_code_can   
;MDKKILVVDDEKPIADILEFNLRKEGYEVHCAHDGNEAVEMVEELQPDLILLDIMLPNKDGVEVCREVRKKYDMPIIMLT
AKDSEIDKVIGLEIGADDYVTKPFSTRELLARVKANLRRQ
;
_entity_poly.pdbx_strand_id                 A 
_entity_poly.pdbx_target_identifier         ? 
# 
loop_
_entity_poly_seq.entity_id 
_entity_poly_seq.num 
_entity_poly_seq.mon_id 
_entity_poly_seq.hetero 
1 1   MET n 
1 2   ASP n 
1 3   LYS n 
1 4   LYS n 
1 5   ILE n 
1 6   LEU n 
1 7   VAL n 
1 8   VAL n 
1 9   ASP n 
1 10  ASP n 
1 11  GLU n 
1 12  LYS n 
1 13  PRO n 
1 14  ILE n 
1 15  ALA n 
1 16  ASP n 
1 17  ILE n 
1 18  LEU n 
1 19  GLU n 
1 20  PHE n 
1 21  ASN n 
1 22  LEU n 
1 23  ARG n 
1 24  LYS n 
1 25  GLU n 
1 26  GLY n 
1 27  TYR n 
1 28  GLU n 
1 29  VAL n 
1 30  HIS n 
1 31  CYS n 
1 32  ALA n 
1 33  HIS n 
1 34  ASP n 
1 35  GLY n 
1 36  ASN n 
1 37  GLU n 
1 38  ALA n 
1 39  VAL n 
1 40  GLU n 
1 41  MET n 
1 42  VAL n 
1 43  GLU n 
1 44  GLU n 
1 45  LEU n 
1 46  GLN n 
1 47  PRO n 
1 48  ASP n 
1 49  LEU n 
1 50  ILE n 
1 51  LEU n 
1 52  LEU n 
1 53  ASP n 
1 54  ILE n 
1 55  MET n 
1 56  LEU n 
1 57  PRO n 
1 58  ASN n 
1 59  LYS n 
1 60  ASP n 
1 61  GLY n 
1 62  VAL n 
1 63  GLU n 
1 64  VAL n 
1 65  CYS n 
1 66  ARG n 
1 67  GLU n 
1 68  VAL n 
1 69  ARG n 
1 70  LYS n 
1 71  LYS n 
1 72  TYR n 
1 73  ASP n 
1 74  MET n 
1 75  PRO n 
1 76  ILE n 
1 77  ILE n 
1 78  MET n 
1 79  LEU n 
1 80  THR n 
1 81  ALA n 
1 82  LYS n 
1 83  ASP n 
1 84  SER n 
1 85  GLU n 
1 86  ILE n 
1 87  ASP n 
1 88  LYS n 
1 89  VAL n 
1 90  ILE n 
1 91  GLY n 
1 92  LEU n 
1 93  GLU n 
1 94  ILE n 
1 95  GLY n 
1 96  ALA n 
1 97  ASP n 
1 98  ASP n 
1 99  TYR n 
1 100 VAL n 
1 101 THR n 
1 102 LYS n 
1 103 PRO n 
1 104 PHE n 
1 105 SER n 
1 106 THR n 
1 107 ARG n 
1 108 GLU n 
1 109 LEU n 
1 110 LEU n 
1 111 ALA n 
1 112 ARG n 
1 113 VAL n 
1 114 LYS n 
1 115 ALA n 
1 116 ASN n 
1 117 LEU n 
1 118 ARG n 
1 119 ARG n 
1 120 GLN n 
# 
_entity_src_gen.entity_id                          1 
_entity_src_gen.pdbx_src_id                        1 
_entity_src_gen.pdbx_alt_source_flag               sample 
_entity_src_gen.pdbx_seq_type                      ? 
_entity_src_gen.pdbx_beg_seq_num                   ? 
_entity_src_gen.pdbx_end_seq_num                   ? 
_entity_src_gen.gene_src_common_name               ? 
_entity_src_gen.gene_src_genus                     ? 
_entity_src_gen.pdbx_gene_src_gene                 'BSU40410, yycF' 
_entity_src_gen.gene_src_species                   ? 
_entity_src_gen.gene_src_strain                    'Strain 168' 
_entity_src_gen.gene_src_tissue                    ? 
_entity_src_gen.gene_src_tissue_fraction           ? 
_entity_src_gen.gene_src_details                   ? 
_entity_src_gen.pdbx_gene_src_fragment             ? 
_entity_src_gen.pdbx_gene_src_scientific_name      'Bacillus subtilis' 
_entity_src_gen.pdbx_gene_src_ncbi_taxonomy_id     224308 
_entity_src_gen.pdbx_gene_src_variant              ? 
_entity_src_gen.pdbx_gene_src_cell_line            ? 
_entity_src_gen.pdbx_gene_src_atcc                 ? 
_entity_src_gen.pdbx_gene_src_organ                ? 
_entity_src_gen.pdbx_gene_src_organelle            ? 
_entity_src_gen.pdbx_gene_src_cell                 ? 
_entity_src_gen.pdbx_gene_src_cellular_location    ? 
_entity_src_gen.host_org_common_name               ? 
_entity_src_gen.pdbx_host_org_scientific_name      'Escherichia coli' 
_entity_src_gen.pdbx_host_org_ncbi_taxonomy_id     562 
_entity_src_gen.host_org_genus                     ? 
_entity_src_gen.pdbx_host_org_gene                 ? 
_entity_src_gen.pdbx_host_org_organ                ? 
_entity_src_gen.host_org_species                   ? 
_entity_src_gen.pdbx_host_org_tissue               ? 
_entity_src_gen.pdbx_host_org_tissue_fraction      ? 
_entity_src_gen.pdbx_host_org_strain               'BL21(DE3)' 
_entity_src_gen.pdbx_host_org_variant              ? 
_entity_src_gen.pdbx_host_org_cell_line            ? 
_entity_src_gen.pdbx_host_org_atcc                 ? 
_entity_src_gen.pdbx_host_org_culture_collection   ? 
_entity_src_gen.pdbx_host_org_cell                 ? 
_entity_src_gen.pdbx_host_org_organelle            ? 
_entity_src_gen.pdbx_host_org_cellular_location    ? 
_entity_src_gen.pdbx_host_org_vector_type          plasmid 
_entity_src_gen.pdbx_host_org_vector               ? 
_entity_src_gen.host_org_details                   ? 
_entity_src_gen.expression_system_id               ? 
_entity_src_gen.plasmid_name                       pET28 
_entity_src_gen.plasmid_details                    ? 
_entity_src_gen.pdbx_description                   ? 
# 
_struct_ref.id                         1 
_struct_ref.db_name                    UNP 
_struct_ref.db_code                    YYCF_BACSU 
_struct_ref.pdbx_db_accession          P37478 
_struct_ref.entity_id                  1 
_struct_ref.pdbx_seq_one_letter_code   
;MDKKILVVDDEKPIADILEFNLRKEGYEVHCAHDGNEAVEMVEELQPDLILLDIMLPNKDGVEVCREVRKKYDMPIIMLT
AKDSEIDKVIGLEIGADDYVTKPFSTRELLARVKANLRRQ
;
_struct_ref.pdbx_align_begin           1 
_struct_ref.pdbx_db_isoform            ? 
# 
_struct_ref_seq.align_id                      1 
_struct_ref_seq.ref_id                        1 
_struct_ref_seq.pdbx_PDB_id_code              3F6P 
_struct_ref_seq.pdbx_strand_id                A 
_struct_ref_seq.seq_align_beg                 2 
_struct_ref_seq.pdbx_seq_align_beg_ins_code   ? 
_struct_ref_seq.seq_align_end                 120 
_struct_ref_seq.pdbx_seq_align_end_ins_code   ? 
_struct_ref_seq.pdbx_db_accession             P37478 
_struct_ref_seq.db_align_beg                  1 
_struct_ref_seq.pdbx_db_align_beg_ins_code    ? 
_struct_ref_seq.db_align_end                  120 
_struct_ref_seq.pdbx_db_align_end_ins_code    ? 
_struct_ref_seq.pdbx_auth_seq_align_beg       2 
_struct_ref_seq.pdbx_auth_seq_align_end       120 
# 
loop_
_chem_comp.id 
_chem_comp.type 
_chem_comp.mon_nstd_flag 
_chem_comp.name 
_chem_comp.pdbx_synonyms 
_chem_comp.formula 
_chem_comp.formula_weight 
ALA 'L-peptide linking' y ALANINE         ? 'C3 H7 N O2'     89.093  
ARG 'L-peptide linking' y ARGININE        ? 'C6 H15 N4 O2 1' 175.209 
ASN 'L-peptide linking' y ASPARAGINE      ? 'C4 H8 N2 O3'    132.118 
ASP 'L-peptide linking' y 'ASPARTIC ACID' ? 'C4 H7 N O4'     133.103 
CYS 'L-peptide linking' y CYSTEINE        ? 'C3 H7 N O2 S'   121.158 
GLN 'L-peptide linking' y GLUTAMINE       ? 'C5 H10 N2 O3'   146.144 
GLU 'L-peptide linking' y 'GLUTAMIC ACID' ? 'C5 H9 N O4'     147.129 
GLY 'peptide linking'   y GLYCINE         ? 'C2 H5 N O2'     75.067  
HIS 'L-peptide linking' y HISTIDINE       ? 'C6 H10 N3 O2 1' 156.162 
HOH non-polymer         . WATER           ? 'H2 O'           18.015  
ILE 'L-peptide linking' y ISOLEUCINE      ? 'C6 H13 N O2'    131.173 
LEU 'L-peptide linking' y LEUCINE         ? 'C6 H13 N O2'    131.173 
LYS 'L-peptide linking' y LYSINE          ? 'C6 H15 N2 O2 1' 147.195 
MET 'L-peptide linking' y METHIONINE      ? 'C5 H11 N O2 S'  149.211 
PHE 'L-peptide linking' y PHENYLALANINE   ? 'C9 H11 N O2'    165.189 
PRO 'L-peptide linking' y PROLINE         ? 'C5 H9 N O2'     115.130 
SER 'L-peptide linking' y SERINE          ? 'C3 H7 N O3'     105.093 
THR 'L-peptide linking' y THREONINE       ? 'C4 H9 N O3'     119.119 
TYR 'L-peptide linking' y TYROSINE        ? 'C9 H11 N O3'    181.189 
VAL 'L-peptide linking' y VALINE          ? 'C5 H11 N O2'    117.146 
# 
_exptl.crystals_number   1 
_exptl.entry_id          3F6P 
_exptl.method            'X-RAY DIFFRACTION' 
# 
_exptl_crystal.id                    1 
_exptl_crystal.density_Matthews      2.94 
_exptl_crystal.density_meas          ? 
_exptl_crystal.density_percent_sol   58.20 
_exptl_crystal.description           ? 
_exptl_crystal.F_000                 ? 
_exptl_crystal.preparation           ? 
# 
_exptl_crystal_grow.crystal_id      1 
_exptl_crystal_grow.method          'VAPOR DIFFUSION, HANGING DROP' 
_exptl_crystal_grow.pH              7.5 
_exptl_crystal_grow.temp            298 
_exptl_crystal_grow.pdbx_details    
'1.5M Ammonium sulfate and 10% glycerol, pH 7.5, VAPOR DIFFUSION, HANGING DROP, temperature 298 K' 
_exptl_crystal_grow.temp_details    ? 
_exptl_crystal_grow.pdbx_pH_range   . 
# 
_diffrn.id                     1 
_diffrn.ambient_temp           100 
_diffrn.ambient_temp_details   ? 
_diffrn.crystal_id             1 
# 
_diffrn_detector.diffrn_id              1 
_diffrn_detector.detector               CCD 
_diffrn_detector.type                   'ADSC QUANTUM 315' 
_diffrn_detector.pdbx_collection_date   2008-10-21 
_diffrn_detector.details                mirrors 
# 
_diffrn_radiation.diffrn_id                        1 
_diffrn_radiation.pdbx_diffrn_protocol             'SINGLE WAVELENGTH' 
_diffrn_radiation.monochromator                    'Si 111 CHANNEL' 
_diffrn_radiation.wavelength_id                    1 
_diffrn_radiation.pdbx_monochromatic_or_laue_m_l   M 
_diffrn_radiation.pdbx_scattering_type             x-ray 
# 
_diffrn_radiation_wavelength.id           1 
_diffrn_radiation_wavelength.wavelength   1.0000 
_diffrn_radiation_wavelength.wt           1.0 
# 
_diffrn_source.diffrn_id                   1 
_diffrn_source.source                      SYNCHROTRON 
_diffrn_source.type                        'NSLS BEAMLINE X29A' 
_diffrn_source.pdbx_wavelength_list        1.0000 
_diffrn_source.pdbx_wavelength             ? 
_diffrn_source.pdbx_synchrotron_site       NSLS 
_diffrn_source.pdbx_synchrotron_beamline   X29A 
# 
_reflns.entry_id                     3F6P 
_reflns.d_resolution_high            1.950 
_reflns.d_resolution_low             30.000 
_reflns.number_obs                   11994 
_reflns.pdbx_Rmerge_I_obs            0.077 
_reflns.pdbx_chi_squared             2.702 
_reflns.pdbx_redundancy              10.400 
_reflns.percent_possible_obs         97.700 
_reflns.observed_criterion_sigma_F   ? 
_reflns.observed_criterion_sigma_I   ? 
_reflns.number_all                   ? 
_reflns.pdbx_Rsym_value              ? 
_reflns.B_iso_Wilson_estimate        ? 
_reflns.R_free_details               ? 
_reflns.limit_h_max                  ? 
_reflns.limit_h_min                  ? 
_reflns.limit_k_max                  ? 
_reflns.limit_k_min                  ? 
_reflns.limit_l_max                  ? 
_reflns.limit_l_min                  ? 
_reflns.observed_criterion_F_max     ? 
_reflns.observed_criterion_F_min     ? 
_reflns.pdbx_scaling_rejects         ? 
_reflns.pdbx_netI_over_sigmaI        ? 
_reflns.pdbx_diffrn_id               1 
_reflns.pdbx_ordinal                 1 
# 
_reflns_shell.d_res_high             1.95 
_reflns_shell.d_res_low              2.02 
_reflns_shell.number_measured_obs    ? 
_reflns_shell.number_measured_all    ? 
_reflns_shell.number_unique_obs      ? 
_reflns_shell.Rmerge_I_obs           0.469 
_reflns_shell.meanI_over_sigI_obs    ? 
_reflns_shell.pdbx_Rsym_value        ? 
_reflns_shell.pdbx_chi_squared       1.301 
_reflns_shell.pdbx_redundancy        8.60 
_reflns_shell.percent_possible_obs   ? 
_reflns_shell.number_unique_all      1151 
_reflns_shell.percent_possible_all   95.00 
_reflns_shell.pdbx_diffrn_id         ? 
_reflns_shell.pdbx_ordinal           1 
# 
_refine.entry_id                                 3F6P 
_refine.ls_d_res_high                            1.950 
_refine.ls_d_res_low                             20.000 
_refine.pdbx_ls_sigma_F                          452.00 
_refine.ls_percent_reflns_obs                    90.200 
_refine.ls_number_reflns_obs                     11041 
_refine.ls_R_factor_R_work                       0.239 
_refine.ls_R_factor_R_free                       0.276 
_refine.ls_percent_reflns_R_free                 4.600 
_refine.ls_number_reflns_R_free                  563 
_refine.B_iso_mean                               43.253 
_refine.solvent_model_param_bsol                 59.710 
_refine.aniso_B[1][1]                            5.481 
_refine.aniso_B[2][2]                            5.481 
_refine.aniso_B[3][3]                            -10.962 
_refine.aniso_B[1][2]                            0.000 
_refine.aniso_B[1][3]                            0.000 
_refine.aniso_B[2][3]                            0.000 
_refine.pdbx_method_to_determine_struct          'MOLECULAR REPLACEMENT' 
_refine.overall_FOM_work_R_set                   0.832 
_refine.B_iso_max                                85.68 
_refine.B_iso_min                                21.21 
_refine.occupancy_max                            1.00 
_refine.occupancy_min                            1.00 
_refine.pdbx_ls_sigma_I                          ? 
_refine.ls_number_reflns_all                     ? 
_refine.ls_R_factor_all                          ? 
_refine.ls_R_factor_obs                          ? 
_refine.ls_redundancy_reflns_obs                 ? 
_refine.pdbx_data_cutoff_high_absF               ? 
_refine.pdbx_data_cutoff_low_absF                ? 
_refine.ls_number_parameters                     ? 
_refine.ls_number_restraints                     ? 
_refine.ls_R_factor_R_free_error                 ? 
_refine.ls_R_factor_R_free_error_details         ? 
_refine.pdbx_starting_model                      1NXP 
_refine.pdbx_ls_cross_valid_method               THROUGHOUT 
_refine.pdbx_R_Free_selection_details            Random 
_refine.pdbx_stereochem_target_val_spec_case     ? 
_refine.pdbx_stereochemistry_target_values       ? 
_refine.solvent_model_details                    ? 
_refine.solvent_model_param_ksol                 ? 
_refine.pdbx_isotropic_thermal_model             ? 
_refine.details                                  ? 
_refine.correlation_coeff_Fo_to_Fc               ? 
_refine.correlation_coeff_Fo_to_Fc_free          ? 
_refine.pdbx_solvent_vdw_probe_radii             ? 
_refine.pdbx_solvent_ion_probe_radii             ? 
_refine.pdbx_solvent_shrinkage_radii             ? 
_refine.overall_SU_R_Cruickshank_DPI             ? 
_refine.overall_SU_R_free                        ? 
_refine.overall_SU_ML                            ? 
_refine.overall_SU_B                             ? 
_refine.pdbx_overall_ESU_R_Free                  ? 
_refine.pdbx_data_cutoff_high_rms_absF           ? 
_refine.pdbx_overall_ESU_R                       ? 
_refine.ls_wR_factor_R_free                      ? 
_refine.ls_wR_factor_R_work                      ? 
_refine.overall_FOM_free_R_set                   ? 
_refine.pdbx_overall_phase_error                 ? 
_refine.pdbx_refine_id                           'X-RAY DIFFRACTION' 
_refine.pdbx_diffrn_id                           1 
_refine.pdbx_TLS_residual_ADP_flag               ? 
_refine.pdbx_overall_SU_R_free_Cruickshank_DPI   ? 
_refine.pdbx_overall_SU_R_Blow_DPI               ? 
_refine.pdbx_overall_SU_R_free_Blow_DPI          ? 
# 
_refine_hist.pdbx_refine_id                   'X-RAY DIFFRACTION' 
_refine_hist.cycle_id                         LAST 
_refine_hist.pdbx_number_atoms_protein        959 
_refine_hist.pdbx_number_atoms_nucleic_acid   0 
_refine_hist.pdbx_number_atoms_ligand         0 
_refine_hist.number_atoms_solvent             29 
_refine_hist.number_atoms_total               988 
_refine_hist.d_res_high                       1.950 
_refine_hist.d_res_low                        20.000 
# 
loop_
_refine_ls_restr.type 
_refine_ls_restr.number 
_refine_ls_restr.dev_ideal 
_refine_ls_restr.dev_ideal_target 
_refine_ls_restr.weight 
_refine_ls_restr.pdbx_refine_id 
_refine_ls_restr.pdbx_restraint_function 
c_mcbond_it  ? 3.512 1.500 ? 'X-RAY DIFFRACTION' ? 
c_scbond_it  ? 4.759 2.000 ? 'X-RAY DIFFRACTION' ? 
c_mcangle_it ? 4.725 2.000 ? 'X-RAY DIFFRACTION' ? 
c_scangle_it ? 6.278 2.500 ? 'X-RAY DIFFRACTION' ? 
# 
_refine_ls_shell.d_res_high                       1.95 
_refine_ls_shell.d_res_low                        2.02 
_refine_ls_shell.number_reflns_obs                686 
_refine_ls_shell.number_reflns_R_free             36 
_refine_ls_shell.R_factor_R_work                  0.2600 
_refine_ls_shell.R_factor_R_free                  0.2782 
_refine_ls_shell.R_factor_R_free_error            ? 
_refine_ls_shell.percent_reflns_obs               95.2 
_refine_ls_shell.percent_reflns_R_free            ? 
_refine_ls_shell.pdbx_total_number_of_bins_used   ? 
_refine_ls_shell.number_reflns_R_work             ? 
_refine_ls_shell.redundancy_reflns_obs            ? 
_refine_ls_shell.number_reflns_all                ? 
_refine_ls_shell.R_factor_all                     ? 
_refine_ls_shell.pdbx_refine_id                   'X-RAY DIFFRACTION' 
# 
loop_
_pdbx_xplor_file.serial_no 
_pdbx_xplor_file.param_file 
_pdbx_xplor_file.topol_file 
_pdbx_xplor_file.pdbx_refine_id 
1 CNS_TOPPAR:protein_rep.param ? 'X-RAY DIFFRACTION' 
2 CNS_TOPPAR:water_rep.param   ? 'X-RAY DIFFRACTION' 
# 
_struct.entry_id                  3F6P 
_struct.title                     'Crystal Structure of unphosphorelated receiver domain of YycF' 
_struct.pdbx_model_details        ? 
_struct.pdbx_CASP_flag            ? 
_struct.pdbx_model_type_details   ? 
# 
_struct_keywords.entry_id        3F6P 
_struct_keywords.text            
;unphosphorelated, receiver domain, Cytoplasm, DNA-binding, Phosphoprotein, Transcription, Transcription regulation, Two-component regulatory system, DNA BINDING PROTEIN, TRANSCRIPTION REGULATOR
;
_struct_keywords.pdbx_keywords   'TRANSCRIPTION REGULATOR' 
# 
loop_
_struct_asym.id 
_struct_asym.pdbx_blank_PDB_chainid_flag 
_struct_asym.pdbx_modified 
_struct_asym.entity_id 
_struct_asym.details 
A N N 1 ? 
B N N 2 ? 
# 
_struct_biol.id        1 
_struct_biol.details   ? 
# 
loop_
_struct_conf.conf_type_id 
_struct_conf.id 
_struct_conf.pdbx_PDB_helix_id 
_struct_conf.beg_label_comp_id 
_struct_conf.beg_label_asym_id 
_struct_conf.beg_label_seq_id 
_struct_conf.pdbx_beg_PDB_ins_code 
_struct_conf.end_label_comp_id 
_struct_conf.end_label_asym_id 
_struct_conf.end_label_seq_id 
_struct_conf.pdbx_end_PDB_ins_code 
_struct_conf.beg_auth_comp_id 
_struct_conf.beg_auth_asym_id 
_struct_conf.beg_auth_seq_id 
_struct_conf.end_auth_comp_id 
_struct_conf.end_auth_asym_id 
_struct_conf.end_auth_seq_id 
_struct_conf.pdbx_PDB_helix_class 
_struct_conf.details 
_struct_conf.pdbx_PDB_helix_length 
HELX_P HELX_P1 1 GLU A 11  ? GLU A 25  ? GLU A 11  GLU A 25  1 ? 15 
HELX_P HELX_P2 2 ASP A 34  ? GLU A 44  ? ASP A 34  GLU A 44  1 ? 11 
HELX_P HELX_P3 3 LYS A 59  ? LYS A 70  ? LYS A 59  LYS A 70  1 ? 12 
HELX_P HELX_P4 4 SER A 84  ? ILE A 94  ? SER A 84  ILE A 94  1 ? 11 
HELX_P HELX_P5 5 SER A 105 ? ARG A 118 ? SER A 105 ARG A 118 1 ? 14 
# 
_struct_conf_type.id          HELX_P 
_struct_conf_type.criteria    ? 
_struct_conf_type.reference   ? 
# 
_struct_mon_prot_cis.pdbx_id                1 
_struct_mon_prot_cis.label_comp_id          LYS 
_struct_mon_prot_cis.label_seq_id           102 
_struct_mon_prot_cis.label_asym_id          A 
_struct_mon_prot_cis.label_alt_id           . 
_struct_mon_prot_cis.pdbx_PDB_ins_code      ? 
_struct_mon_prot_cis.auth_comp_id           LYS 
_struct_mon_prot_cis.auth_seq_id            102 
_struct_mon_prot_cis.auth_asym_id           A 
_struct_mon_prot_cis.pdbx_label_comp_id_2   PRO 
_struct_mon_prot_cis.pdbx_label_seq_id_2    103 
_struct_mon_prot_cis.pdbx_label_asym_id_2   A 
_struct_mon_prot_cis.pdbx_PDB_ins_code_2    ? 
_struct_mon_prot_cis.pdbx_auth_comp_id_2    PRO 
_struct_mon_prot_cis.pdbx_auth_seq_id_2     103 
_struct_mon_prot_cis.pdbx_auth_asym_id_2    A 
_struct_mon_prot_cis.pdbx_PDB_model_num     1 
_struct_mon_prot_cis.pdbx_omega_angle       0.02 
# 
_struct_sheet.id               A 
_struct_sheet.type             ? 
_struct_sheet.number_strands   5 
_struct_sheet.details          ? 
# 
loop_
_struct_sheet_order.sheet_id 
_struct_sheet_order.range_id_1 
_struct_sheet_order.range_id_2 
_struct_sheet_order.offset 
_struct_sheet_order.sense 
A 1 2 ? parallel 
A 2 3 ? parallel 
A 3 4 ? parallel 
A 4 5 ? parallel 
# 
loop_
_struct_sheet_range.sheet_id 
_struct_sheet_range.id 
_struct_sheet_range.beg_label_comp_id 
_struct_sheet_range.beg_label_asym_id 
_struct_sheet_range.beg_label_seq_id 
_struct_sheet_range.pdbx_beg_PDB_ins_code 
_struct_sheet_range.end_label_comp_id 
_struct_sheet_range.end_label_asym_id 
_struct_sheet_range.end_label_seq_id 
_struct_sheet_range.pdbx_end_PDB_ins_code 
_struct_sheet_range.beg_auth_comp_id 
_struct_sheet_range.beg_auth_asym_id 
_struct_sheet_range.beg_auth_seq_id 
_struct_sheet_range.end_auth_comp_id 
_struct_sheet_range.end_auth_asym_id 
_struct_sheet_range.end_auth_seq_id 
A 1 GLU A 28 ? ALA A 32  ? GLU A 28 ALA A 32  
A 2 LYS A 4  ? VAL A 8   ? LYS A 4  VAL A 8   
A 3 LEU A 49 ? ASP A 53  ? LEU A 49 ASP A 53  
A 4 ILE A 76 ? ALA A 81  ? ILE A 76 ALA A 81  
A 5 ASP A 98 ? LYS A 102 ? ASP A 98 LYS A 102 
# 
loop_
_pdbx_struct_sheet_hbond.sheet_id 
_pdbx_struct_sheet_hbond.range_id_1 
_pdbx_struct_sheet_hbond.range_id_2 
_pdbx_struct_sheet_hbond.range_1_label_atom_id 
_pdbx_struct_sheet_hbond.range_1_label_comp_id 
_pdbx_struct_sheet_hbond.range_1_label_asym_id 
_pdbx_struct_sheet_hbond.range_1_label_seq_id 
_pdbx_struct_sheet_hbond.range_1_PDB_ins_code 
_pdbx_struct_sheet_hbond.range_1_auth_atom_id 
_pdbx_struct_sheet_hbond.range_1_auth_comp_id 
_pdbx_struct_sheet_hbond.range_1_auth_asym_id 
_pdbx_struct_sheet_hbond.range_1_auth_seq_id 
_pdbx_struct_sheet_hbond.range_2_label_atom_id 
_pdbx_struct_sheet_hbond.range_2_label_comp_id 
_pdbx_struct_sheet_hbond.range_2_label_asym_id 
_pdbx_struct_sheet_hbond.range_2_label_seq_id 
_pdbx_struct_sheet_hbond.range_2_PDB_ins_code 
_pdbx_struct_sheet_hbond.range_2_auth_atom_id 
_pdbx_struct_sheet_hbond.range_2_auth_comp_id 
_pdbx_struct_sheet_hbond.range_2_auth_asym_id 
_pdbx_struct_sheet_hbond.range_2_auth_seq_id 
A 1 2 O HIS A 30 ? O HIS A 30 N VAL A 7  ? N VAL A 7  
A 2 3 N VAL A 8  ? N VAL A 8  O LEU A 51 ? O LEU A 51 
A 3 4 N LEU A 52 ? N LEU A 52 O ILE A 77 ? O ILE A 77 
A 4 5 N MET A 78 ? N MET A 78 O ASP A 98 ? O ASP A 98 
# 
_atom_sites.entry_id                    3F6P 
_atom_sites.fract_transf_matrix[1][1]   -0.01323540 
_atom_sites.fract_transf_matrix[1][2]   0.01240865 
_atom_sites.fract_transf_matrix[1][3]   0.00689392 
_atom_sites.fract_transf_matrix[2][1]   -0.01515435 
_atom_sites.fract_transf_matrix[2][2]   0.00512001 
_atom_sites.fract_transf_matrix[2][3]   -0.01099098 
_atom_sites.fract_transf_matrix[3][1]   -0.00665701 
_atom_sites.fract_transf_matrix[3][2]   -0.00969171 
_atom_sites.fract_transf_matrix[3][3]   0.00466392 
_atom_sites.fract_transf_vector[1]      0.375624 
_atom_sites.fract_transf_vector[2]      0.462497 
_atom_sites.fract_transf_vector[3]      0.150010 
# 
loop_
_atom_type.symbol 
C 
N 
O 
S 
# 
loop_
_atom_site.group_PDB 
_atom_site.id 
_atom_site.type_symbol 
_atom_site.label_atom_id 
_atom_site.label_alt_id 
_atom_site.label_comp_id 
_atom_site.label_asym_id 
_atom_site.label_entity_id 
_atom_site.label_seq_id 
_atom_site.pdbx_PDB_ins_code 
_atom_site.Cartn_x 
_atom_site.Cartn_y 
_atom_site.Cartn_z 
_atom_site.occupancy 
_atom_site.B_iso_or_equiv 
_atom_site.pdbx_formal_charge 
_atom_site.auth_seq_id 
_atom_site.auth_comp_id 
_atom_site.auth_asym_id 
_atom_site.auth_atom_id 
_atom_site.pdbx_PDB_model_num 
ATOM   1   N N   . MET A 1 1   ? 5.761   -7.316  -19.125 1.00 55.90 ? 1   MET A N   1 
ATOM   2   C CA  . MET A 1 1   ? 5.769   -7.529  -17.650 1.00 56.98 ? 1   MET A CA  1 
ATOM   3   C C   . MET A 1 1   ? 5.206   -6.298  -16.928 1.00 56.70 ? 1   MET A C   1 
ATOM   4   O O   . MET A 1 1   ? 5.922   -5.319  -16.698 1.00 53.85 ? 1   MET A O   1 
ATOM   5   C CB  . MET A 1 1   ? 7.201   -7.816  -17.173 1.00 57.69 ? 1   MET A CB  1 
ATOM   6   N N   . ASP A 1 2   ? 3.918   -6.358  -16.590 1.00 55.22 ? 2   ASP A N   1 
ATOM   7   C CA  . ASP A 1 2   ? 3.229   -5.277  -15.886 1.00 54.24 ? 2   ASP A CA  1 
ATOM   8   C C   . ASP A 1 2   ? 3.672   -5.255  -14.429 1.00 52.90 ? 2   ASP A C   1 
ATOM   9   O O   . ASP A 1 2   ? 3.806   -6.308  -13.796 1.00 47.42 ? 2   ASP A O   1 
ATOM   10  C CB  . ASP A 1 2   ? 1.708   -5.495  -15.903 1.00 56.52 ? 2   ASP A CB  1 
ATOM   11  C CG  . ASP A 1 2   ? 1.127   -5.516  -17.305 1.00 59.62 ? 2   ASP A CG  1 
ATOM   12  O OD1 . ASP A 1 2   ? -0.046  -5.918  -17.447 1.00 62.41 ? 2   ASP A OD1 1 
ATOM   13  O OD2 . ASP A 1 2   ? 1.832   -5.126  -18.257 1.00 61.93 ? 2   ASP A OD2 1 
ATOM   14  N N   . LYS A 1 3   ? 3.898   -4.060  -13.896 1.00 48.81 ? 3   LYS A N   1 
ATOM   15  C CA  . LYS A 1 3   ? 4.281   -3.937  -12.499 1.00 41.63 ? 3   LYS A CA  1 
ATOM   16  C C   . LYS A 1 3   ? 3.154   -4.488  -11.622 1.00 40.54 ? 3   LYS A C   1 
ATOM   17  O O   . LYS A 1 3   ? 1.972   -4.208  -11.849 1.00 38.19 ? 3   LYS A O   1 
ATOM   18  C CB  . LYS A 1 3   ? 4.562   -2.468  -12.165 1.00 41.86 ? 3   LYS A CB  1 
ATOM   19  C CG  . LYS A 1 3   ? 5.899   -1.976  -12.679 1.00 42.86 ? 3   LYS A CG  1 
ATOM   20  C CD  . LYS A 1 3   ? 7.051   -2.652  -11.935 1.00 41.35 ? 3   LYS A CD  1 
ATOM   21  C CE  . LYS A 1 3   ? 8.394   -2.249  -12.500 1.00 47.34 ? 3   LYS A CE  1 
ATOM   22  N NZ  . LYS A 1 3   ? 8.407   -2.454  -13.974 1.00 43.76 ? 3   LYS A NZ  1 
ATOM   23  N N   . LYS A 1 4   ? 3.531   -5.285  -10.628 1.00 39.84 ? 4   LYS A N   1 
ATOM   24  C CA  . LYS A 1 4   ? 2.582   -5.906  -9.706  1.00 40.33 ? 4   LYS A CA  1 
ATOM   25  C C   . LYS A 1 4   ? 2.340   -5.098  -8.435  1.00 38.19 ? 4   LYS A C   1 
ATOM   26  O O   . LYS A 1 4   ? 3.277   -4.787  -7.694  1.00 37.92 ? 4   LYS A O   1 
ATOM   27  C CB  . LYS A 1 4   ? 3.068   -7.300  -9.294  1.00 38.38 ? 4   LYS A CB  1 
ATOM   28  C CG  . LYS A 1 4   ? 3.000   -8.343  -10.399 1.00 48.99 ? 4   LYS A CG  1 
ATOM   29  C CD  . LYS A 1 4   ? 3.472   -9.701  -9.901  1.00 49.72 ? 4   LYS A CD  1 
ATOM   30  C CE  . LYS A 1 4   ? 4.977   -9.869  -10.099 1.00 59.58 ? 4   LYS A CE  1 
ATOM   31  N NZ  . LYS A 1 4   ? 5.344   -9.827  -11.552 1.00 53.22 ? 4   LYS A NZ  1 
ATOM   32  N N   . ILE A 1 5   ? 1.077   -4.800  -8.167  1.00 36.09 ? 5   ILE A N   1 
ATOM   33  C CA  . ILE A 1 5   ? 0.727   -4.050  -6.972  1.00 37.88 ? 5   ILE A CA  1 
ATOM   34  C C   . ILE A 1 5   ? -0.243  -4.789  -6.063  1.00 37.16 ? 5   ILE A C   1 
ATOM   35  O O   . ILE A 1 5   ? -1.258  -5.338  -6.511  1.00 35.98 ? 5   ILE A O   1 
ATOM   36  C CB  . ILE A 1 5   ? 0.125   -2.694  -7.337  1.00 41.35 ? 5   ILE A CB  1 
ATOM   37  C CG1 . ILE A 1 5   ? 1.169   -1.855  -8.083  1.00 43.32 ? 5   ILE A CG1 1 
ATOM   38  C CG2 . ILE A 1 5   ? -0.331  -1.972  -6.088  1.00 34.80 ? 5   ILE A CG2 1 
ATOM   39  C CD1 . ILE A 1 5   ? 0.594   -0.610  -8.669  1.00 54.66 ? 5   ILE A CD1 1 
ATOM   40  N N   . LEU A 1 6   ? 0.087   -4.795  -4.775  1.00 34.94 ? 6   LEU A N   1 
ATOM   41  C CA  . LEU A 1 6   ? -0.737  -5.421  -3.762  1.00 31.31 ? 6   LEU A CA  1 
ATOM   42  C C   . LEU A 1 6   ? -1.459  -4.322  -3.005  1.00 32.44 ? 6   LEU A C   1 
ATOM   43  O O   . LEU A 1 6   ? -0.826  -3.461  -2.385  1.00 33.76 ? 6   LEU A O   1 
ATOM   44  C CB  . LEU A 1 6   ? 0.140   -6.219  -2.796  1.00 35.38 ? 6   LEU A CB  1 
ATOM   45  C CG  . LEU A 1 6   ? -0.606  -6.901  -1.654  1.00 41.22 ? 6   LEU A CG  1 
ATOM   46  C CD1 . LEU A 1 6   ? -1.419  -8.066  -2.209  1.00 48.73 ? 6   LEU A CD1 1 
ATOM   47  C CD2 . LEU A 1 6   ? 0.395   -7.366  -0.604  1.00 37.36 ? 6   LEU A CD2 1 
ATOM   48  N N   . VAL A 1 7   ? -2.782  -4.319  -3.075  1.00 28.88 ? 7   VAL A N   1 
ATOM   49  C CA  . VAL A 1 7   ? -3.575  -3.326  -2.365  1.00 31.05 ? 7   VAL A CA  1 
ATOM   50  C C   . VAL A 1 7   ? -4.028  -4.006  -1.075  1.00 36.65 ? 7   VAL A C   1 
ATOM   51  O O   . VAL A 1 7   ? -4.657  -5.063  -1.115  1.00 36.14 ? 7   VAL A O   1 
ATOM   52  C CB  . VAL A 1 7   ? -4.831  -2.900  -3.183  1.00 31.82 ? 7   VAL A CB  1 
ATOM   53  C CG1 . VAL A 1 7   ? -5.753  -2.086  -2.327  1.00 31.79 ? 7   VAL A CG1 1 
ATOM   54  C CG2 . VAL A 1 7   ? -4.420  -2.061  -4.406  1.00 32.66 ? 7   VAL A CG2 1 
ATOM   55  N N   . VAL A 1 8   ? -3.692  -3.425  0.072   1.00 34.71 ? 8   VAL A N   1 
ATOM   56  C CA  . VAL A 1 8   ? -4.114  -4.026  1.344   1.00 34.85 ? 8   VAL A CA  1 
ATOM   57  C C   . VAL A 1 8   ? -5.028  -3.032  2.040   1.00 39.54 ? 8   VAL A C   1 
ATOM   58  O O   . VAL A 1 8   ? -4.561  -2.058  2.625   1.00 35.59 ? 8   VAL A O   1 
ATOM   59  C CB  . VAL A 1 8   ? -2.917  -4.336  2.236   1.00 28.98 ? 8   VAL A CB  1 
ATOM   60  C CG1 . VAL A 1 8   ? -3.382  -5.061  3.501   1.00 36.08 ? 8   VAL A CG1 1 
ATOM   61  C CG2 . VAL A 1 8   ? -1.921  -5.199  1.487   1.00 34.04 ? 8   VAL A CG2 1 
ATOM   62  N N   . ASP A 1 9   ? -6.336  -3.264  1.947   1.00 31.71 ? 9   ASP A N   1 
ATOM   63  C CA  . ASP A 1 9   ? -7.312  -2.369  2.545   1.00 35.30 ? 9   ASP A CA  1 
ATOM   64  C C   . ASP A 1 9   ? -8.584  -3.172  2.803   1.00 42.75 ? 9   ASP A C   1 
ATOM   65  O O   . ASP A 1 9   ? -8.985  -3.998  1.973   1.00 40.66 ? 9   ASP A O   1 
ATOM   66  C CB  . ASP A 1 9   ? -7.597  -1.202  1.602   1.00 40.82 ? 9   ASP A CB  1 
ATOM   67  C CG  . ASP A 1 9   ? -8.231  -0.018  2.306   1.00 43.41 ? 9   ASP A CG  1 
ATOM   68  O OD1 . ASP A 1 9   ? -9.144  -0.226  3.128   1.00 56.88 ? 9   ASP A OD1 1 
ATOM   69  O OD2 . ASP A 1 9   ? -7.829  1.131   2.034   1.00 50.54 ? 9   ASP A OD2 1 
ATOM   70  N N   . ASP A 1 10  ? -9.205  -2.930  3.952   1.00 45.06 ? 10  ASP A N   1 
ATOM   71  C CA  . ASP A 1 10  ? -10.411 -3.649  4.354   1.00 52.71 ? 10  ASP A CA  1 
ATOM   72  C C   . ASP A 1 10  ? -11.690 -2.899  4.009   1.00 49.54 ? 10  ASP A C   1 
ATOM   73  O O   . ASP A 1 10  ? -12.786 -3.387  4.254   1.00 54.42 ? 10  ASP A O   1 
ATOM   74  C CB  . ASP A 1 10  ? -10.366 -3.922  5.860   1.00 61.50 ? 10  ASP A CB  1 
ATOM   75  C CG  . ASP A 1 10  ? -11.434 -4.904  6.313   1.00 73.22 ? 10  ASP A CG  1 
ATOM   76  O OD1 . ASP A 1 10  ? -12.636 -4.557  6.247   1.00 75.44 ? 10  ASP A OD1 1 
ATOM   77  O OD2 . ASP A 1 10  ? -11.067 -6.026  6.735   1.00 74.28 ? 10  ASP A OD2 1 
ATOM   78  N N   . GLU A 1 11  ? -11.554 -1.710  3.443   1.00 45.86 ? 11  GLU A N   1 
ATOM   79  C CA  . GLU A 1 11  ? -12.721 -0.932  3.071   1.00 49.82 ? 11  GLU A CA  1 
ATOM   80  C C   . GLU A 1 11  ? -12.984 -1.253  1.599   1.00 50.18 ? 11  GLU A C   1 
ATOM   81  O O   . GLU A 1 11  ? -12.529 -0.534  0.710   1.00 44.46 ? 11  GLU A O   1 
ATOM   82  C CB  . GLU A 1 11  ? -12.439 0.561   3.247   1.00 52.92 ? 11  GLU A CB  1 
ATOM   83  C CG  . GLU A 1 11  ? -11.546 0.872   4.429   1.00 66.89 ? 11  GLU A CG  1 
ATOM   84  C CD  . GLU A 1 11  ? -11.288 2.354   4.598   1.00 70.95 ? 11  GLU A CD  1 
ATOM   85  O OE1 . GLU A 1 11  ? -10.476 2.712   5.476   1.00 72.50 ? 11  GLU A OE1 1 
ATOM   86  O OE2 . GLU A 1 11  ? -11.898 3.158   3.861   1.00 73.77 ? 11  GLU A OE2 1 
ATOM   87  N N   . LYS A 1 12  ? -13.701 -2.353  1.359   1.00 50.52 ? 12  LYS A N   1 
ATOM   88  C CA  . LYS A 1 12  ? -14.036 -2.810  0.010   1.00 49.10 ? 12  LYS A CA  1 
ATOM   89  C C   . LYS A 1 12  ? -14.177 -1.676  -1.022  1.00 43.21 ? 12  LYS A C   1 
ATOM   90  O O   . LYS A 1 12  ? -13.634 -1.777  -2.108  1.00 42.36 ? 12  LYS A O   1 
ATOM   91  C CB  . LYS A 1 12  ? -15.323 -3.644  0.037   1.00 49.22 ? 12  LYS A CB  1 
ATOM   92  C CG  . LYS A 1 12  ? -15.334 -4.772  1.050   1.00 58.85 ? 12  LYS A CG  1 
ATOM   93  C CD  . LYS A 1 12  ? -14.435 -5.928  0.674   1.00 55.81 ? 12  LYS A CD  1 
ATOM   94  C CE  . LYS A 1 12  ? -14.399 -6.952  1.802   1.00 62.84 ? 12  LYS A CE  1 
ATOM   95  N NZ  . LYS A 1 12  ? -15.761 -7.398  2.212   1.00 61.06 ? 12  LYS A NZ  1 
ATOM   96  N N   . PRO A 1 13  ? -14.909 -0.586  -0.688  1.00 48.23 ? 13  PRO A N   1 
ATOM   97  C CA  . PRO A 1 13  ? -15.108 0.560   -1.604  1.00 45.39 ? 13  PRO A CA  1 
ATOM   98  C C   . PRO A 1 13  ? -13.806 1.243   -2.069  1.00 46.73 ? 13  PRO A C   1 
ATOM   99  O O   . PRO A 1 13  ? -13.538 1.389   -3.271  1.00 33.77 ? 13  PRO A O   1 
ATOM   100 C CB  . PRO A 1 13  ? -15.983 1.509   -0.783  1.00 51.62 ? 13  PRO A CB  1 
ATOM   101 C CG  . PRO A 1 13  ? -16.772 0.574   0.089   1.00 50.85 ? 13  PRO A CG  1 
ATOM   102 C CD  . PRO A 1 13  ? -15.747 -0.440  0.520   1.00 47.26 ? 13  PRO A CD  1 
ATOM   103 N N   . ILE A 1 14  ? -12.992 1.669   -1.110  1.00 41.77 ? 14  ILE A N   1 
ATOM   104 C CA  . ILE A 1 14  ? -11.732 2.311   -1.443  1.00 35.13 ? 14  ILE A CA  1 
ATOM   105 C C   . ILE A 1 14  ? -10.818 1.299   -2.086  1.00 28.15 ? 14  ILE A C   1 
ATOM   106 O O   . ILE A 1 14  ? -10.140 1.611   -3.059  1.00 33.58 ? 14  ILE A O   1 
ATOM   107 C CB  . ILE A 1 14  ? -11.014 2.904   -0.179  1.00 42.86 ? 14  ILE A CB  1 
ATOM   108 C CG1 . ILE A 1 14  ? -11.697 4.204   0.247   1.00 45.42 ? 14  ILE A CG1 1 
ATOM   109 C CG2 . ILE A 1 14  ? -9.554  3.169   -0.487  1.00 38.89 ? 14  ILE A CG2 1 
ATOM   110 C CD1 . ILE A 1 14  ? -11.042 4.883   1.453   1.00 61.46 ? 14  ILE A CD1 1 
ATOM   111 N N   . ALA A 1 15  ? -10.782 0.089   -1.545  1.00 28.68 ? 15  ALA A N   1 
ATOM   112 C CA  . ALA A 1 15  ? -9.921  -0.950  -2.103  1.00 33.58 ? 15  ALA A CA  1 
ATOM   113 C C   . ALA A 1 15  ? -10.264 -1.230  -3.566  1.00 34.68 ? 15  ALA A C   1 
ATOM   114 O O   . ALA A 1 15  ? -9.379  -1.464  -4.386  1.00 33.58 ? 15  ALA A O   1 
ATOM   115 C CB  . ALA A 1 15  ? -10.055 -2.244  -1.304  1.00 30.87 ? 15  ALA A CB  1 
ATOM   116 N N   . ASP A 1 16  ? -11.557 -1.245  -3.870  1.00 29.37 ? 16  ASP A N   1 
ATOM   117 C CA  . ASP A 1 16  ? -12.003 -1.528  -5.227  1.00 31.39 ? 16  ASP A CA  1 
ATOM   118 C C   . ASP A 1 16  ? -11.713 -0.361  -6.168  1.00 25.70 ? 16  ASP A C   1 
ATOM   119 O O   . ASP A 1 16  ? -11.336 -0.590  -7.312  1.00 30.43 ? 16  ASP A O   1 
ATOM   120 C CB  . ASP A 1 16  ? -13.486 -1.887  -5.236  1.00 32.39 ? 16  ASP A CB  1 
ATOM   121 C CG  . ASP A 1 16  ? -13.745 -3.292  -4.698  1.00 39.06 ? 16  ASP A CG  1 
ATOM   122 O OD1 . ASP A 1 16  ? -12.799 -4.114  -4.665  1.00 32.32 ? 16  ASP A OD1 1 
ATOM   123 O OD2 . ASP A 1 16  ? -14.890 -3.582  -4.327  1.00 37.17 ? 16  ASP A OD2 1 
ATOM   124 N N   . ILE A 1 17  ? -11.867 0.875   -5.700  1.00 30.98 ? 17  ILE A N   1 
ATOM   125 C CA  . ILE A 1 17  ? -11.554 2.016   -6.562  1.00 33.63 ? 17  ILE A CA  1 
ATOM   126 C C   . ILE A 1 17  ? -10.035 2.035   -6.858  1.00 35.08 ? 17  ILE A C   1 
ATOM   127 O O   . ILE A 1 17  ? -9.619  2.331   -7.982  1.00 35.94 ? 17  ILE A O   1 
ATOM   128 C CB  . ILE A 1 17  ? -12.019 3.370   -5.947  1.00 34.05 ? 17  ILE A CB  1 
ATOM   129 C CG1 . ILE A 1 17  ? -11.981 4.454   -7.022  1.00 41.81 ? 17  ILE A CG1 1 
ATOM   130 C CG2 . ILE A 1 17  ? -11.074 3.819   -4.825  1.00 45.03 ? 17  ILE A CG2 1 
ATOM   131 C CD1 . ILE A 1 17  ? -12.988 4.225   -8.138  1.00 40.42 ? 17  ILE A CD1 1 
ATOM   132 N N   . LEU A 1 18  ? -9.197  1.711   -5.866  1.00 36.23 ? 18  LEU A N   1 
ATOM   133 C CA  . LEU A 1 18  ? -7.753  1.648   -6.099  1.00 29.91 ? 18  LEU A CA  1 
ATOM   134 C C   . LEU A 1 18  ? -7.481  0.588   -7.169  1.00 29.61 ? 18  LEU A C   1 
ATOM   135 O O   . LEU A 1 18  ? -6.706  0.801   -8.100  1.00 30.35 ? 18  LEU A O   1 
ATOM   136 C CB  . LEU A 1 18  ? -6.982  1.234   -4.805  1.00 33.72 ? 18  LEU A CB  1 
ATOM   137 C CG  . LEU A 1 18  ? -6.634  2.341   -3.792  1.00 36.79 ? 18  LEU A CG  1 
ATOM   138 C CD1 . LEU A 1 18  ? -7.834  3.217   -3.595  1.00 45.38 ? 18  LEU A CD1 1 
ATOM   139 C CD2 . LEU A 1 18  ? -6.189  1.760   -2.438  1.00 36.76 ? 18  LEU A CD2 1 
ATOM   140 N N   . GLU A 1 19  ? -8.102  -0.582  -7.025  1.00 29.24 ? 19  GLU A N   1 
ATOM   141 C CA  . GLU A 1 19  ? -7.881  -1.636  -8.000  1.00 34.27 ? 19  GLU A CA  1 
ATOM   142 C C   . GLU A 1 19  ? -8.335  -1.195  -9.405  1.00 31.55 ? 19  GLU A C   1 
ATOM   143 O O   . GLU A 1 19  ? -7.645  -1.457  -10.393 1.00 31.12 ? 19  GLU A O   1 
ATOM   144 C CB  . GLU A 1 19  ? -8.622  -2.924  -7.617  1.00 32.89 ? 19  GLU A CB  1 
ATOM   145 C CG  . GLU A 1 19  ? -8.572  -3.939  -8.752  1.00 41.08 ? 19  GLU A CG  1 
ATOM   146 C CD  . GLU A 1 19  ? -9.170  -5.288  -8.395  1.00 40.61 ? 19  GLU A CD  1 
ATOM   147 O OE1 . GLU A 1 19  ? -9.958  -5.357  -7.431  1.00 32.98 ? 19  GLU A OE1 1 
ATOM   148 O OE2 . GLU A 1 19  ? -8.850  -6.273  -9.097  1.00 42.71 ? 19  GLU A OE2 1 
ATOM   149 N N   . PHE A 1 20  ? -9.483  -0.531  -9.479  1.00 27.75 ? 20  PHE A N   1 
ATOM   150 C CA  . PHE A 1 20  ? -10.021 -0.078  -10.774 1.00 30.41 ? 20  PHE A CA  1 
ATOM   151 C C   . PHE A 1 20  ? -9.057  0.844   -11.504 1.00 35.28 ? 20  PHE A C   1 
ATOM   152 O O   . PHE A 1 20  ? -8.688  0.585   -12.647 1.00 32.26 ? 20  PHE A O   1 
ATOM   153 C CB  . PHE A 1 20  ? -11.347 0.656   -10.590 1.00 30.61 ? 20  PHE A CB  1 
ATOM   154 C CG  . PHE A 1 20  ? -11.873 1.285   -11.869 1.00 29.11 ? 20  PHE A CG  1 
ATOM   155 C CD1 . PHE A 1 20  ? -12.266 0.482   -12.941 1.00 34.73 ? 20  PHE A CD1 1 
ATOM   156 C CD2 . PHE A 1 20  ? -11.934 2.668   -12.009 1.00 34.07 ? 20  PHE A CD2 1 
ATOM   157 C CE1 . PHE A 1 20  ? -12.713 1.057   -14.148 1.00 32.73 ? 20  PHE A CE1 1 
ATOM   158 C CE2 . PHE A 1 20  ? -12.377 3.255   -13.203 1.00 44.49 ? 20  PHE A CE2 1 
ATOM   159 C CZ  . PHE A 1 20  ? -12.768 2.440   -14.275 1.00 33.96 ? 20  PHE A CZ  1 
ATOM   160 N N   . ASN A 1 21  ? -8.650  1.916   -10.834 1.00 34.32 ? 21  ASN A N   1 
ATOM   161 C CA  . ASN A 1 21  ? -7.734  2.882   -11.427 1.00 38.14 ? 21  ASN A CA  1 
ATOM   162 C C   . ASN A 1 21  ? -6.324  2.356   -11.734 1.00 38.83 ? 21  ASN A C   1 
ATOM   163 O O   . ASN A 1 21  ? -5.761  2.694   -12.789 1.00 35.11 ? 21  ASN A O   1 
ATOM   164 C CB  . ASN A 1 21  ? -7.699  4.141   -10.556 1.00 37.31 ? 21  ASN A CB  1 
ATOM   165 C CG  . ASN A 1 21  ? -9.011  4.927   -10.633 1.00 41.49 ? 21  ASN A CG  1 
ATOM   166 O OD1 . ASN A 1 21  ? -9.509  5.208   -11.719 1.00 46.86 ? 21  ASN A OD1 1 
ATOM   167 N ND2 . ASN A 1 21  ? -9.563  5.281   -9.495  1.00 38.95 ? 21  ASN A ND2 1 
ATOM   168 N N   . LEU A 1 22  ? -5.761  1.519   -10.853 1.00 33.47 ? 22  LEU A N   1 
ATOM   169 C CA  . LEU A 1 22  ? -4.428  0.959   -11.088 1.00 31.40 ? 22  LEU A CA  1 
ATOM   170 C C   . LEU A 1 22  ? -4.462  0.004   -12.301 1.00 32.44 ? 22  LEU A C   1 
ATOM   171 O O   . LEU A 1 22  ? -3.621  0.093   -13.192 1.00 32.95 ? 22  LEU A O   1 
ATOM   172 C CB  . LEU A 1 22  ? -3.899  0.235   -9.821  1.00 28.43 ? 22  LEU A CB  1 
ATOM   173 C CG  . LEU A 1 22  ? -3.625  1.218   -8.659  1.00 30.58 ? 22  LEU A CG  1 
ATOM   174 C CD1 . LEU A 1 22  ? -3.344  0.458   -7.356  1.00 36.21 ? 22  LEU A CD1 1 
ATOM   175 C CD2 . LEU A 1 22  ? -2.437  2.137   -9.020  1.00 33.10 ? 22  LEU A CD2 1 
ATOM   176 N N   . ARG A 1 23  ? -5.438  -0.901  -12.353 1.00 31.41 ? 23  ARG A N   1 
ATOM   177 C CA  . ARG A 1 23  ? -5.535  -1.802  -13.503 1.00 34.86 ? 23  ARG A CA  1 
ATOM   178 C C   . ARG A 1 23  ? -5.724  -0.982  -14.779 1.00 39.39 ? 23  ARG A C   1 
ATOM   179 O O   . ARG A 1 23  ? -5.152  -1.298  -15.822 1.00 41.95 ? 23  ARG A O   1 
ATOM   180 C CB  . ARG A 1 23  ? -6.705  -2.785  -13.359 1.00 40.14 ? 23  ARG A CB  1 
ATOM   181 C CG  . ARG A 1 23  ? -6.372  -3.954  -12.453 1.00 49.50 ? 23  ARG A CG  1 
ATOM   182 C CD  . ARG A 1 23  ? -7.394  -5.067  -12.577 1.00 60.65 ? 23  ARG A CD  1 
ATOM   183 N NE  . ARG A 1 23  ? -7.127  -6.125  -11.609 1.00 68.03 ? 23  ARG A NE  1 
ATOM   184 C CZ  . ARG A 1 23  ? -7.848  -7.236  -11.493 1.00 77.12 ? 23  ARG A CZ  1 
ATOM   185 N NH1 . ARG A 1 23  ? -8.892  -7.447  -12.292 1.00 78.53 ? 23  ARG A NH1 1 
ATOM   186 N NH2 . ARG A 1 23  ? -7.521  -8.138  -10.575 1.00 79.62 ? 23  ARG A NH2 1 
ATOM   187 N N   . LYS A 1 24  ? -6.513  0.079   -14.690 1.00 36.60 ? 24  LYS A N   1 
ATOM   188 C CA  . LYS A 1 24  ? -6.749  0.922   -15.849 1.00 41.29 ? 24  LYS A CA  1 
ATOM   189 C C   . LYS A 1 24  ? -5.459  1.581   -16.341 1.00 46.66 ? 24  LYS A C   1 
ATOM   190 O O   . LYS A 1 24  ? -5.300  1.843   -17.535 1.00 43.42 ? 24  LYS A O   1 
ATOM   191 C CB  . LYS A 1 24  ? -7.766  1.998   -15.506 1.00 42.53 ? 24  LYS A CB  1 
ATOM   192 C CG  . LYS A 1 24  ? -8.156  2.860   -16.685 1.00 50.48 ? 24  LYS A CG  1 
ATOM   193 C CD  . LYS A 1 24  ? -9.290  3.778   -16.294 1.00 50.79 ? 24  LYS A CD  1 
ATOM   194 C CE  . LYS A 1 24  ? -9.744  4.645   -17.458 1.00 56.48 ? 24  LYS A CE  1 
ATOM   195 N NZ  . LYS A 1 24  ? -8.801  5.756   -17.752 1.00 49.39 ? 24  LYS A NZ  1 
ATOM   196 N N   . GLU A 1 25  ? -4.545  1.858   -15.419 1.00 41.48 ? 25  GLU A N   1 
ATOM   197 C CA  . GLU A 1 25  ? -3.293  2.491   -15.786 1.00 36.09 ? 25  GLU A CA  1 
ATOM   198 C C   . GLU A 1 25  ? -2.339  1.427   -16.288 1.00 38.71 ? 25  GLU A C   1 
ATOM   199 O O   . GLU A 1 25  ? -1.234  1.732   -16.735 1.00 41.19 ? 25  GLU A O   1 
ATOM   200 C CB  . GLU A 1 25  ? -2.690  3.245   -14.586 1.00 33.69 ? 25  GLU A CB  1 
ATOM   201 C CG  . GLU A 1 25  ? -1.404  4.040   -14.935 1.00 37.58 ? 25  GLU A CG  1 
ATOM   202 C CD  . GLU A 1 25  ? -1.643  5.251   -15.856 1.00 39.32 ? 25  GLU A CD  1 
ATOM   203 O OE1 . GLU A 1 25  ? -2.720  5.352   -16.463 1.00 42.97 ? 25  GLU A OE1 1 
ATOM   204 O OE2 . GLU A 1 25  ? -0.734  6.102   -15.988 1.00 43.93 ? 25  GLU A OE2 1 
ATOM   205 N N   . GLY A 1 26  ? -2.754  0.169   -16.195 1.00 39.29 ? 26  GLY A N   1 
ATOM   206 C CA  . GLY A 1 26  ? -1.917  -0.911  -16.683 1.00 37.35 ? 26  GLY A CA  1 
ATOM   207 C C   . GLY A 1 26  ? -1.193  -1.777  -15.675 1.00 37.78 ? 26  GLY A C   1 
ATOM   208 O O   . GLY A 1 26  ? -0.355  -2.598  -16.056 1.00 43.70 ? 26  GLY A O   1 
ATOM   209 N N   . TYR A 1 27  ? -1.498  -1.606  -14.393 1.00 36.65 ? 27  TYR A N   1 
ATOM   210 C CA  . TYR A 1 27  ? -0.857  -2.407  -13.357 1.00 34.24 ? 27  TYR A CA  1 
ATOM   211 C C   . TYR A 1 27  ? -1.629  -3.696  -13.194 1.00 36.27 ? 27  TYR A C   1 
ATOM   212 O O   . TYR A 1 27  ? -2.818  -3.765  -13.504 1.00 36.52 ? 27  TYR A O   1 
ATOM   213 C CB  . TYR A 1 27  ? -0.894  -1.681  -12.001 1.00 33.26 ? 27  TYR A CB  1 
ATOM   214 C CG  . TYR A 1 27  ? -0.003  -0.464  -11.942 1.00 30.43 ? 27  TYR A CG  1 
ATOM   215 C CD1 . TYR A 1 27  ? 1.384   -0.607  -11.953 1.00 32.82 ? 27  TYR A CD1 1 
ATOM   216 C CD2 . TYR A 1 27  ? -0.544  0.823   -11.914 1.00 29.03 ? 27  TYR A CD2 1 
ATOM   217 C CE1 . TYR A 1 27  ? 2.232   0.508   -11.943 1.00 33.92 ? 27  TYR A CE1 1 
ATOM   218 C CE2 . TYR A 1 27  ? 0.286   1.951   -11.903 1.00 24.37 ? 27  TYR A CE2 1 
ATOM   219 C CZ  . TYR A 1 27  ? 1.679   1.774   -11.919 1.00 29.17 ? 27  TYR A CZ  1 
ATOM   220 O OH  . TYR A 1 27  ? 2.519   2.842   -11.921 1.00 28.47 ? 27  TYR A OH  1 
ATOM   221 N N   . GLU A 1 28  ? -0.926  -4.708  -12.721 1.00 37.59 ? 28  GLU A N   1 
ATOM   222 C CA  . GLU A 1 28  ? -1.518  -5.997  -12.411 1.00 44.69 ? 28  GLU A CA  1 
ATOM   223 C C   . GLU A 1 28  ? -1.775  -5.824  -10.919 1.00 45.28 ? 28  GLU A C   1 
ATOM   224 O O   . GLU A 1 28  ? -0.830  -5.639  -10.142 1.00 49.27 ? 28  GLU A O   1 
ATOM   225 C CB  . GLU A 1 28  ? -0.505  -7.107  -12.629 1.00 38.47 ? 28  GLU A CB  1 
ATOM   226 C CG  . GLU A 1 28  ? -1.029  -8.472  -12.255 1.00 51.00 ? 28  GLU A CG  1 
ATOM   227 C CD  . GLU A 1 28  ? 0.007   -9.536  -12.457 1.00 48.02 ? 28  GLU A CD  1 
ATOM   228 O OE1 . GLU A 1 28  ? 0.587   -9.562  -13.556 1.00 53.88 ? 28  GLU A OE1 1 
ATOM   229 O OE2 . GLU A 1 28  ? 0.240   -10.338 -11.526 1.00 53.30 ? 28  GLU A OE2 1 
ATOM   230 N N   . VAL A 1 29  ? -3.039  -5.883  -10.519 1.00 41.07 ? 29  VAL A N   1 
ATOM   231 C CA  . VAL A 1 29  ? -3.410  -5.659  -9.137  1.00 35.87 ? 29  VAL A CA  1 
ATOM   232 C C   . VAL A 1 29  ? -4.044  -6.831  -8.410  1.00 40.15 ? 29  VAL A C   1 
ATOM   233 O O   . VAL A 1 29  ? -4.879  -7.544  -8.970  1.00 39.68 ? 29  VAL A O   1 
ATOM   234 C CB  . VAL A 1 29  ? -4.397  -4.483  -9.050  1.00 38.06 ? 29  VAL A CB  1 
ATOM   235 C CG1 . VAL A 1 29  ? -4.672  -4.129  -7.595  1.00 38.16 ? 29  VAL A CG1 1 
ATOM   236 C CG2 . VAL A 1 29  ? -3.861  -3.296  -9.848  1.00 35.37 ? 29  VAL A CG2 1 
ATOM   237 N N   . HIS A 1 30  ? -3.649  -7.005  -7.152  1.00 39.31 ? 30  HIS A N   1 
ATOM   238 C CA  . HIS A 1 30  ? -4.185  -8.040  -6.275  1.00 43.46 ? 30  HIS A CA  1 
ATOM   239 C C   . HIS A 1 30  ? -4.618  -7.321  -4.997  1.00 43.83 ? 30  HIS A C   1 
ATOM   240 O O   . HIS A 1 30  ? -4.029  -6.295  -4.625  1.00 40.29 ? 30  HIS A O   1 
ATOM   241 C CB  . HIS A 1 30  ? -3.114  -9.097  -5.990  1.00 44.36 ? 30  HIS A CB  1 
ATOM   242 C CG  . HIS A 1 30  ? -2.754  -9.909  -7.193  1.00 52.75 ? 30  HIS A CG  1 
ATOM   243 N ND1 . HIS A 1 30  ? -1.474  -9.966  -7.703  1.00 59.35 ? 30  HIS A ND1 1 
ATOM   244 C CD2 . HIS A 1 30  ? -3.522  -10.653 -8.026  1.00 53.73 ? 30  HIS A CD2 1 
ATOM   245 C CE1 . HIS A 1 30  ? -1.468  -10.706 -8.798  1.00 57.75 ? 30  HIS A CE1 1 
ATOM   246 N NE2 . HIS A 1 30  ? -2.700  -11.134 -9.016  1.00 60.88 ? 30  HIS A NE2 1 
ATOM   247 N N   . CYS A 1 31  ? -5.658  -7.834  -4.340  1.00 36.76 ? 31  CYS A N   1 
ATOM   248 C CA  . CYS A 1 31  ? -6.167  -7.218  -3.125  1.00 38.09 ? 31  CYS A CA  1 
ATOM   249 C C   . CYS A 1 31  ? -6.144  -8.187  -1.929  1.00 45.68 ? 31  CYS A C   1 
ATOM   250 O O   . CYS A 1 31  ? -6.346  -9.402  -2.082  1.00 44.58 ? 31  CYS A O   1 
ATOM   251 C CB  . CYS A 1 31  ? -7.597  -6.696  -3.357  1.00 37.04 ? 31  CYS A CB  1 
ATOM   252 S SG  . CYS A 1 31  ? -7.771  -5.230  -4.524  1.00 42.74 ? 31  CYS A SG  1 
ATOM   253 N N   . ALA A 1 32  ? -5.875  -7.644  -0.744  1.00 39.76 ? 32  ALA A N   1 
ATOM   254 C CA  . ALA A 1 32  ? -5.845  -8.426  0.502   1.00 42.74 ? 32  ALA A CA  1 
ATOM   255 C C   . ALA A 1 32  ? -6.663  -7.589  1.467   1.00 44.23 ? 32  ALA A C   1 
ATOM   256 O O   . ALA A 1 32  ? -6.573  -6.368  1.440   1.00 41.95 ? 32  ALA A O   1 
ATOM   257 C CB  . ALA A 1 32  ? -4.419  -8.587  1.014   1.00 44.02 ? 32  ALA A CB  1 
ATOM   258 N N   . HIS A 1 33  ? -7.462  -8.226  2.318   1.00 44.06 ? 33  HIS A N   1 
ATOM   259 C CA  . HIS A 1 33  ? -8.309  -7.459  3.209   1.00 45.70 ? 33  HIS A CA  1 
ATOM   260 C C   . HIS A 1 33  ? -7.945  -7.469  4.686   1.00 45.63 ? 33  HIS A C   1 
ATOM   261 O O   . HIS A 1 33  ? -8.617  -6.832  5.487   1.00 41.11 ? 33  HIS A O   1 
ATOM   262 C CB  . HIS A 1 33  ? -9.763  -7.885  3.006   1.00 56.13 ? 33  HIS A CB  1 
ATOM   263 C CG  . HIS A 1 33  ? -10.255 -7.645  1.614   1.00 60.55 ? 33  HIS A CG  1 
ATOM   264 N ND1 . HIS A 1 33  ? -9.740  -8.308  0.519   1.00 63.20 ? 33  HIS A ND1 1 
ATOM   265 C CD2 . HIS A 1 33  ? -11.164 -6.766  1.127   1.00 63.83 ? 33  HIS A CD2 1 
ATOM   266 C CE1 . HIS A 1 33  ? -10.311 -7.847  -0.581  1.00 62.48 ? 33  HIS A CE1 1 
ATOM   267 N NE2 . HIS A 1 33  ? -11.178 -6.911  -0.240  1.00 64.40 ? 33  HIS A NE2 1 
ATOM   268 N N   . ASP A 1 34  ? -6.883  -8.188  5.033   1.00 49.59 ? 34  ASP A N   1 
ATOM   269 C CA  . ASP A 1 34  ? -6.394  -8.237  6.417   1.00 53.74 ? 34  ASP A CA  1 
ATOM   270 C C   . ASP A 1 34  ? -4.918  -8.615  6.401   1.00 53.28 ? 34  ASP A C   1 
ATOM   271 O O   . ASP A 1 34  ? -4.457  -9.267  5.468   1.00 50.34 ? 34  ASP A O   1 
ATOM   272 C CB  . ASP A 1 34  ? -7.200  -9.239  7.256   1.00 55.34 ? 34  ASP A CB  1 
ATOM   273 C CG  . ASP A 1 34  ? -7.245  -10.609 6.637   1.00 63.36 ? 34  ASP A CG  1 
ATOM   274 O OD1 . ASP A 1 34  ? -6.192  -11.285 6.606   1.00 63.74 ? 34  ASP A OD1 1 
ATOM   275 O OD2 . ASP A 1 34  ? -8.342  -11.004 6.174   1.00 67.58 ? 34  ASP A OD2 1 
ATOM   276 N N   . GLY A 1 35  ? -4.183  -8.191  7.431   1.00 58.33 ? 35  GLY A N   1 
ATOM   277 C CA  . GLY A 1 35  ? -2.753  -8.459  7.520   1.00 55.19 ? 35  GLY A CA  1 
ATOM   278 C C   . GLY A 1 35  ? -2.245  -9.822  7.090   1.00 60.35 ? 35  GLY A C   1 
ATOM   279 O O   . GLY A 1 35  ? -1.445  -9.941  6.152   1.00 59.68 ? 35  GLY A O   1 
ATOM   280 N N   . ASN A 1 36  ? -2.700  -10.855 7.791   1.00 62.41 ? 36  ASN A N   1 
ATOM   281 C CA  . ASN A 1 36  ? -2.308  -12.231 7.513   1.00 60.16 ? 36  ASN A CA  1 
ATOM   282 C C   . ASN A 1 36  ? -2.411  -12.553 6.028   1.00 57.43 ? 36  ASN A C   1 
ATOM   283 O O   . ASN A 1 36  ? -1.462  -13.060 5.420   1.00 52.38 ? 36  ASN A O   1 
ATOM   284 C CB  . ASN A 1 36  ? -3.200  -13.160 8.321   1.00 66.17 ? 36  ASN A CB  1 
ATOM   285 C CG  . ASN A 1 36  ? -3.528  -12.586 9.687   1.00 71.76 ? 36  ASN A CG  1 
ATOM   286 O OD1 . ASN A 1 36  ? -2.638  -12.393 10.517  1.00 70.49 ? 36  ASN A OD1 1 
ATOM   287 N ND2 . ASN A 1 36  ? -4.807  -12.291 9.919   1.00 73.68 ? 36  ASN A ND2 1 
ATOM   288 N N   . GLU A 1 37  ? -3.566  -12.264 5.443   1.00 55.70 ? 37  GLU A N   1 
ATOM   289 C CA  . GLU A 1 37  ? -3.755  -12.509 4.018   1.00 57.52 ? 37  GLU A CA  1 
ATOM   290 C C   . GLU A 1 37  ? -2.682  -11.745 3.230   1.00 55.35 ? 37  GLU A C   1 
ATOM   291 O O   . GLU A 1 37  ? -2.080  -12.277 2.295   1.00 53.88 ? 37  GLU A O   1 
ATOM   292 C CB  . GLU A 1 37  ? -5.160  -12.064 3.584   1.00 60.24 ? 37  GLU A CB  1 
ATOM   293 C CG  . GLU A 1 37  ? -5.391  -12.150 2.083   1.00 59.73 ? 37  GLU A CG  1 
ATOM   294 C CD  . GLU A 1 37  ? -6.836  -11.906 1.683   1.00 58.77 ? 37  GLU A CD  1 
ATOM   295 O OE1 . GLU A 1 37  ? -7.464  -10.961 2.209   1.00 57.57 ? 37  GLU A OE1 1 
ATOM   296 O OE2 . GLU A 1 37  ? -7.344  -12.661 0.824   1.00 60.66 ? 37  GLU A OE2 1 
ATOM   297 N N   . ALA A 1 38  ? -2.425  -10.503 3.634   1.00 58.50 ? 38  ALA A N   1 
ATOM   298 C CA  . ALA A 1 38  ? -1.427  -9.669  2.966   1.00 56.12 ? 38  ALA A CA  1 
ATOM   299 C C   . ALA A 1 38  ? -0.017  -10.253 3.042   1.00 56.35 ? 38  ALA A C   1 
ATOM   300 O O   . ALA A 1 38  ? 0.629   -10.457 2.011   1.00 54.02 ? 38  ALA A O   1 
ATOM   301 C CB  . ALA A 1 38  ? -1.447  -8.262  3.555   1.00 54.51 ? 38  ALA A CB  1 
ATOM   302 N N   . VAL A 1 39  ? 0.459   -10.532 4.254   1.00 56.76 ? 39  VAL A N   1 
ATOM   303 C CA  . VAL A 1 39  ? 1.805   -11.090 4.417   1.00 60.53 ? 39  VAL A CA  1 
ATOM   304 C C   . VAL A 1 39  ? 1.916   -12.369 3.602   1.00 61.43 ? 39  VAL A C   1 
ATOM   305 O O   . VAL A 1 39  ? 2.959   -12.661 3.013   1.00 64.29 ? 39  VAL A O   1 
ATOM   306 C CB  . VAL A 1 39  ? 2.115   -11.416 5.889   1.00 62.22 ? 39  VAL A CB  1 
ATOM   307 C CG1 . VAL A 1 39  ? 3.571   -11.822 6.026   1.00 60.20 ? 39  VAL A CG1 1 
ATOM   308 C CG2 . VAL A 1 39  ? 1.811   -10.215 6.768   1.00 61.49 ? 39  VAL A CG2 1 
ATOM   309 N N   . GLU A 1 40  ? 0.826   -13.127 3.581   1.00 63.92 ? 40  GLU A N   1 
ATOM   310 C CA  . GLU A 1 40  ? 0.755   -14.370 2.832   1.00 65.46 ? 40  GLU A CA  1 
ATOM   311 C C   . GLU A 1 40  ? 0.989   -14.074 1.355   1.00 66.04 ? 40  GLU A C   1 
ATOM   312 O O   . GLU A 1 40  ? 1.958   -14.549 0.755   1.00 67.99 ? 40  GLU A O   1 
ATOM   313 C CB  . GLU A 1 40  ? -0.627  -15.000 3.019   1.00 69.31 ? 40  GLU A CB  1 
ATOM   314 C CG  . GLU A 1 40  ? -0.953  -16.110 2.033   1.00 74.63 ? 40  GLU A CG  1 
ATOM   315 C CD  . GLU A 1 40  ? -2.396  -16.569 2.135   1.00 78.75 ? 40  GLU A CD  1 
ATOM   316 O OE1 . GLU A 1 40  ? -2.810  -16.990 3.242   1.00 79.91 ? 40  GLU A OE1 1 
ATOM   317 O OE2 . GLU A 1 40  ? -3.115  -16.506 1.110   1.00 79.76 ? 40  GLU A OE2 1 
ATOM   318 N N   . MET A 1 41  ? 0.091   -13.278 0.779   1.00 61.20 ? 41  MET A N   1 
ATOM   319 C CA  . MET A 1 41  ? 0.181   -12.905 -0.626  1.00 60.68 ? 41  MET A CA  1 
ATOM   320 C C   . MET A 1 41  ? 1.526   -12.266 -0.971  1.00 57.62 ? 41  MET A C   1 
ATOM   321 O O   . MET A 1 41  ? 2.063   -12.495 -2.052  1.00 57.61 ? 41  MET A O   1 
ATOM   322 C CB  . MET A 1 41  ? -0.977  -11.962 -0.983  1.00 57.91 ? 41  MET A CB  1 
ATOM   323 C CG  . MET A 1 41  ? -2.355  -12.597 -0.770  1.00 57.49 ? 41  MET A CG  1 
ATOM   324 S SD  . MET A 1 41  ? -3.760  -11.464 -0.920  1.00 55.42 ? 41  MET A SD  1 
ATOM   325 C CE  . MET A 1 41  ? -3.960  -11.405 -2.707  1.00 60.71 ? 41  MET A CE  1 
ATOM   326 N N   . VAL A 1 42  ? 2.082   -11.476 -0.058  1.00 55.77 ? 42  VAL A N   1 
ATOM   327 C CA  . VAL A 1 42  ? 3.370   -10.832 -0.321  1.00 56.08 ? 42  VAL A CA  1 
ATOM   328 C C   . VAL A 1 42  ? 4.440   -11.857 -0.695  1.00 60.20 ? 42  VAL A C   1 
ATOM   329 O O   . VAL A 1 42  ? 5.179   -11.667 -1.662  1.00 56.77 ? 42  VAL A O   1 
ATOM   330 C CB  . VAL A 1 42  ? 3.874   -10.012 0.894   1.00 54.05 ? 42  VAL A CB  1 
ATOM   331 C CG1 . VAL A 1 42  ? 5.339   -9.630  0.695   1.00 52.47 ? 42  VAL A CG1 1 
ATOM   332 C CG2 . VAL A 1 42  ? 3.037   -8.758  1.056   1.00 49.27 ? 42  VAL A CG2 1 
ATOM   333 N N   . GLU A 1 43  ? 4.527   -12.942 0.070   1.00 66.30 ? 43  GLU A N   1 
ATOM   334 C CA  . GLU A 1 43  ? 5.516   -13.978 -0.218  1.00 70.21 ? 43  GLU A CA  1 
ATOM   335 C C   . GLU A 1 43  ? 5.259   -14.696 -1.543  1.00 69.06 ? 43  GLU A C   1 
ATOM   336 O O   . GLU A 1 43  ? 6.125   -14.728 -2.421  1.00 69.91 ? 43  GLU A O   1 
ATOM   337 C CB  . GLU A 1 43  ? 5.561   -15.020 0.903   1.00 73.06 ? 43  GLU A CB  1 
ATOM   338 C CG  . GLU A 1 43  ? 6.434   -16.223 0.554   1.00 75.43 ? 43  GLU A CG  1 
ATOM   339 C CD  . GLU A 1 43  ? 6.528   -17.235 1.672   1.00 79.50 ? 43  GLU A CD  1 
ATOM   340 O OE1 . GLU A 1 43  ? 7.138   -16.914 2.717   1.00 81.93 ? 43  GLU A OE1 1 
ATOM   341 O OE2 . GLU A 1 43  ? 5.993   -18.352 1.506   1.00 80.52 ? 43  GLU A OE2 1 
ATOM   342 N N   . GLU A 1 44  ? 4.069   -15.271 -1.686  1.00 68.83 ? 44  GLU A N   1 
ATOM   343 C CA  . GLU A 1 44  ? 3.734   -16.005 -2.898  1.00 71.21 ? 44  GLU A CA  1 
ATOM   344 C C   . GLU A 1 44  ? 3.171   -15.136 -4.017  1.00 71.94 ? 44  GLU A C   1 
ATOM   345 O O   . GLU A 1 44  ? 2.225   -15.525 -4.706  1.00 71.84 ? 44  GLU A O   1 
ATOM   346 C CB  . GLU A 1 44  ? 2.763   -17.140 -2.560  1.00 76.28 ? 44  GLU A CB  1 
ATOM   347 C CG  . GLU A 1 44  ? 1.521   -16.723 -1.794  1.00 80.30 ? 44  GLU A CG  1 
ATOM   348 C CD  . GLU A 1 44  ? 0.382   -16.318 -2.703  1.00 82.47 ? 44  GLU A CD  1 
ATOM   349 O OE1 . GLU A 1 44  ? 0.065   -17.087 -3.637  1.00 85.54 ? 44  GLU A OE1 1 
ATOM   350 O OE2 . GLU A 1 44  ? -0.205  -15.241 -2.479  1.00 85.68 ? 44  GLU A OE2 1 
ATOM   351 N N   . LEU A 1 45  ? 3.771   -13.964 -4.201  1.00 70.76 ? 45  LEU A N   1 
ATOM   352 C CA  . LEU A 1 45  ? 3.343   -13.027 -5.237  1.00 68.78 ? 45  LEU A CA  1 
ATOM   353 C C   . LEU A 1 45  ? 4.423   -11.966 -5.442  1.00 63.44 ? 45  LEU A C   1 
ATOM   354 O O   . LEU A 1 45  ? 4.613   -11.457 -6.544  1.00 60.48 ? 45  LEU A O   1 
ATOM   355 C CB  . LEU A 1 45  ? 2.021   -12.375 -4.819  1.00 73.42 ? 45  LEU A CB  1 
ATOM   356 C CG  . LEU A 1 45  ? 1.331   -11.370 -5.738  1.00 78.01 ? 45  LEU A CG  1 
ATOM   357 C CD1 . LEU A 1 45  ? 1.188   -11.945 -7.142  1.00 80.71 ? 45  LEU A CD1 1 
ATOM   358 C CD2 . LEU A 1 45  ? -0.039  -11.033 -5.149  1.00 79.97 ? 45  LEU A CD2 1 
ATOM   359 N N   . GLN A 1 46  ? 5.133   -11.658 -4.362  1.00 60.75 ? 46  GLN A N   1 
ATOM   360 C CA  . GLN A 1 46  ? 6.203   -10.668 -4.361  1.00 60.43 ? 46  GLN A CA  1 
ATOM   361 C C   . GLN A 1 46  ? 5.891   -9.456  -5.230  1.00 51.80 ? 46  GLN A C   1 
ATOM   362 O O   . GLN A 1 46  ? 6.501   -9.249  -6.280  1.00 53.71 ? 46  GLN A O   1 
ATOM   363 C CB  . GLN A 1 46  ? 7.508   -11.320 -4.804  1.00 63.91 ? 46  GLN A CB  1 
ATOM   364 C CG  . GLN A 1 46  ? 7.904   -12.486 -3.919  1.00 73.54 ? 46  GLN A CG  1 
ATOM   365 C CD  . GLN A 1 46  ? 9.265   -13.035 -4.263  1.00 78.03 ? 46  GLN A CD  1 
ATOM   366 O OE1 . GLN A 1 46  ? 9.523   -13.415 -5.408  1.00 80.89 ? 46  GLN A OE1 1 
ATOM   367 N NE2 . GLN A 1 46  ? 10.150  -13.087 -3.272  1.00 80.95 ? 46  GLN A NE2 1 
ATOM   368 N N   . PRO A 1 47  ? 4.933   -8.630  -4.790  1.00 50.09 ? 47  PRO A N   1 
ATOM   369 C CA  . PRO A 1 47  ? 4.542   -7.434  -5.537  1.00 43.16 ? 47  PRO A CA  1 
ATOM   370 C C   . PRO A 1 47  ? 5.671   -6.415  -5.617  1.00 43.15 ? 47  PRO A C   1 
ATOM   371 O O   . PRO A 1 47  ? 6.558   -6.385  -4.760  1.00 42.82 ? 47  PRO A O   1 
ATOM   372 C CB  . PRO A 1 47  ? 3.340   -6.931  -4.754  1.00 43.97 ? 47  PRO A CB  1 
ATOM   373 C CG  . PRO A 1 47  ? 3.692   -7.291  -3.346  1.00 43.89 ? 47  PRO A CG  1 
ATOM   374 C CD  . PRO A 1 47  ? 4.207   -8.710  -3.511  1.00 45.87 ? 47  PRO A CD  1 
ATOM   375 N N   . ASP A 1 48  ? 5.639   -5.581  -6.656  1.00 43.64 ? 48  ASP A N   1 
ATOM   376 C CA  . ASP A 1 48  ? 6.662   -4.560  -6.842  1.00 39.48 ? 48  ASP A CA  1 
ATOM   377 C C   . ASP A 1 48  ? 6.402   -3.384  -5.897  1.00 34.87 ? 48  ASP A C   1 
ATOM   378 O O   . ASP A 1 48  ? 7.289   -2.610  -5.613  1.00 33.81 ? 48  ASP A O   1 
ATOM   379 C CB  . ASP A 1 48  ? 6.680   -4.096  -8.302  1.00 40.19 ? 48  ASP A CB  1 
ATOM   380 C CG  . ASP A 1 48  ? 7.023   -5.227  -9.266  1.00 50.47 ? 48  ASP A CG  1 
ATOM   381 O OD1 . ASP A 1 48  ? 8.172   -5.701  -9.213  1.00 45.54 ? 48  ASP A OD1 1 
ATOM   382 O OD2 . ASP A 1 48  ? 6.146   -5.645  -10.063 1.00 42.30 ? 48  ASP A OD2 1 
ATOM   383 N N   . LEU A 1 49  ? 5.174   -3.267  -5.407  1.00 37.97 ? 49  LEU A N   1 
ATOM   384 C CA  . LEU A 1 49  ? 4.816   -2.199  -4.474  1.00 32.43 ? 49  LEU A CA  1 
ATOM   385 C C   . LEU A 1 49  ? 3.547   -2.579  -3.749  1.00 33.37 ? 49  LEU A C   1 
ATOM   386 O O   . LEU A 1 49  ? 2.662   -3.236  -4.321  1.00 28.94 ? 49  LEU A O   1 
ATOM   387 C CB  . LEU A 1 49  ? 4.611   -0.860  -5.213  1.00 28.94 ? 49  LEU A CB  1 
ATOM   388 C CG  . LEU A 1 49  ? 4.258   0.384   -4.358  1.00 25.06 ? 49  LEU A CG  1 
ATOM   389 C CD1 . LEU A 1 49  ? 4.891   1.647   -4.959  1.00 21.21 ? 49  LEU A CD1 1 
ATOM   390 C CD2 . LEU A 1 49  ? 2.747   0.542   -4.275  1.00 25.25 ? 49  LEU A CD2 1 
ATOM   391 N N   . ILE A 1 50  ? 3.458   -2.175  -2.487  1.00 26.27 ? 50  ILE A N   1 
ATOM   392 C CA  . ILE A 1 50  ? 2.279   -2.445  -1.680  1.00 30.10 ? 50  ILE A CA  1 
ATOM   393 C C   . ILE A 1 50  ? 1.632   -1.133  -1.252  1.00 30.94 ? 50  ILE A C   1 
ATOM   394 O O   . ILE A 1 50  ? 2.339   -0.208  -0.854  1.00 28.13 ? 50  ILE A O   1 
ATOM   395 C CB  . ILE A 1 50  ? 2.654   -3.241  -0.388  1.00 34.04 ? 50  ILE A CB  1 
ATOM   396 C CG1 . ILE A 1 50  ? 3.435   -4.506  -0.754  1.00 29.77 ? 50  ILE A CG1 1 
ATOM   397 C CG2 . ILE A 1 50  ? 1.413   -3.577  0.407   1.00 33.20 ? 50  ILE A CG2 1 
ATOM   398 C CD1 . ILE A 1 50  ? 4.036   -5.220  0.480   1.00 33.22 ? 50  ILE A CD1 1 
ATOM   399 N N   . LEU A 1 51  ? 0.303   -1.048  -1.378  1.00 26.41 ? 51  LEU A N   1 
ATOM   400 C CA  . LEU A 1 51  ? -0.464  0.102   -0.939  1.00 28.62 ? 51  LEU A CA  1 
ATOM   401 C C   . LEU A 1 51  ? -1.069  -0.476  0.322   1.00 31.86 ? 51  LEU A C   1 
ATOM   402 O O   . LEU A 1 51  ? -1.784  -1.482  0.276   1.00 35.01 ? 51  LEU A O   1 
ATOM   403 C CB  . LEU A 1 51  ? -1.542  0.489   -1.964  1.00 32.31 ? 51  LEU A CB  1 
ATOM   404 C CG  . LEU A 1 51  ? -1.006  1.331   -3.124  1.00 31.02 ? 51  LEU A CG  1 
ATOM   405 C CD1 . LEU A 1 51  ? -2.114  1.533   -4.157  1.00 30.36 ? 51  LEU A CD1 1 
ATOM   406 C CD2 . LEU A 1 51  ? -0.515  2.696   -2.625  1.00 27.90 ? 51  LEU A CD2 1 
ATOM   407 N N   . LEU A 1 52  ? -0.798  0.157   1.450   1.00 29.51 ? 52  LEU A N   1 
ATOM   408 C CA  . LEU A 1 52  ? -1.211  -0.409  2.728   1.00 31.26 ? 52  LEU A CA  1 
ATOM   409 C C   . LEU A 1 52  ? -1.946  0.510   3.661   1.00 27.46 ? 52  LEU A C   1 
ATOM   410 O O   . LEU A 1 52  ? -1.431  1.535   4.080   1.00 26.65 ? 52  LEU A O   1 
ATOM   411 C CB  . LEU A 1 52  ? 0.032   -0.953  3.424   1.00 30.14 ? 52  LEU A CB  1 
ATOM   412 C CG  . LEU A 1 52  ? -0.099  -1.518  4.835   1.00 35.29 ? 52  LEU A CG  1 
ATOM   413 C CD1 . LEU A 1 52  ? -0.986  -2.779  4.807   1.00 27.84 ? 52  LEU A CD1 1 
ATOM   414 C CD2 . LEU A 1 52  ? 1.308   -1.824  5.348   1.00 36.73 ? 52  LEU A CD2 1 
ATOM   415 N N   . ASP A 1 53  ? -3.175  0.136   3.981   1.00 29.97 ? 53  ASP A N   1 
ATOM   416 C CA  . ASP A 1 53  ? -3.969  0.954   4.877   1.00 32.42 ? 53  ASP A CA  1 
ATOM   417 C C   . ASP A 1 53  ? -3.327  0.839   6.259   1.00 31.01 ? 53  ASP A C   1 
ATOM   418 O O   . ASP A 1 53  ? -3.032  -0.266  6.738   1.00 30.46 ? 53  ASP A O   1 
ATOM   419 C CB  . ASP A 1 53  ? -5.407  0.454   4.926   1.00 37.89 ? 53  ASP A CB  1 
ATOM   420 C CG  . ASP A 1 53  ? -6.373  1.523   5.398   1.00 51.53 ? 53  ASP A CG  1 
ATOM   421 O OD1 . ASP A 1 53  ? -6.128  2.119   6.474   1.00 46.61 ? 53  ASP A OD1 1 
ATOM   422 O OD2 . ASP A 1 53  ? -7.378  1.766   4.692   1.00 58.03 ? 53  ASP A OD2 1 
ATOM   423 N N   . ILE A 1 54  ? -3.101  1.980   6.888   1.00 30.87 ? 54  ILE A N   1 
ATOM   424 C CA  . ILE A 1 54  ? -2.458  1.993   8.191   1.00 35.25 ? 54  ILE A CA  1 
ATOM   425 C C   . ILE A 1 54  ? -3.417  1.538   9.272   1.00 35.07 ? 54  ILE A C   1 
ATOM   426 O O   . ILE A 1 54  ? -2.989  0.992   10.273  1.00 38.28 ? 54  ILE A O   1 
ATOM   427 C CB  . ILE A 1 54  ? -1.877  3.399   8.517   1.00 36.51 ? 54  ILE A CB  1 
ATOM   428 C CG1 . ILE A 1 54  ? -0.815  3.286   9.626   1.00 42.21 ? 54  ILE A CG1 1 
ATOM   429 C CG2 . ILE A 1 54  ? -2.961  4.325   8.962   1.00 36.68 ? 54  ILE A CG2 1 
ATOM   430 C CD1 . ILE A 1 54  ? 0.005   4.541   9.814   1.00 36.91 ? 54  ILE A CD1 1 
ATOM   431 N N   . MET A 1 55  ? -4.716  1.706   9.042   1.00 39.92 ? 55  MET A N   1 
ATOM   432 C CA  . MET A 1 55  ? -5.713  1.299   10.027  1.00 44.11 ? 55  MET A CA  1 
ATOM   433 C C   . MET A 1 55  ? -6.381  -0.071  9.841   1.00 46.16 ? 55  MET A C   1 
ATOM   434 O O   . MET A 1 55  ? -7.564  -0.213  10.119  1.00 46.91 ? 55  MET A O   1 
ATOM   435 C CB  . MET A 1 55  ? -6.801  2.371   10.151  1.00 42.94 ? 55  MET A CB  1 
ATOM   436 C CG  . MET A 1 55  ? -6.347  3.670   10.806  1.00 46.37 ? 55  MET A CG  1 
ATOM   437 S SD  . MET A 1 55  ? -5.467  3.420   12.388  1.00 57.05 ? 55  MET A SD  1 
ATOM   438 C CE  . MET A 1 55  ? -4.518  4.957   12.450  1.00 49.66 ? 55  MET A CE  1 
ATOM   439 N N   . LEU A 1 56  ? -5.638  -1.075  9.382   1.00 52.37 ? 56  LEU A N   1 
ATOM   440 C CA  . LEU A 1 56  ? -6.197  -2.427  9.231   1.00 57.16 ? 56  LEU A CA  1 
ATOM   441 C C   . LEU A 1 56  ? -6.560  -2.962  10.631  1.00 61.36 ? 56  LEU A C   1 
ATOM   442 O O   . LEU A 1 56  ? -6.261  -2.303  11.631  1.00 65.27 ? 56  LEU A O   1 
ATOM   443 C CB  . LEU A 1 56  ? -5.168  -3.345  8.579   1.00 56.15 ? 56  LEU A CB  1 
ATOM   444 C CG  . LEU A 1 56  ? -4.932  -3.228  7.078   1.00 56.39 ? 56  LEU A CG  1 
ATOM   445 C CD1 . LEU A 1 56  ? -3.834  -4.214  6.684   1.00 60.08 ? 56  LEU A CD1 1 
ATOM   446 C CD2 . LEU A 1 56  ? -6.218  -3.527  6.321   1.00 53.47 ? 56  LEU A CD2 1 
ATOM   447 N N   . PRO A 1 57  ? -7.186  -4.159  10.724  1.00 66.70 ? 57  PRO A N   1 
ATOM   448 C CA  . PRO A 1 57  ? -7.606  -4.803  11.986  1.00 70.52 ? 57  PRO A CA  1 
ATOM   449 C C   . PRO A 1 57  ? -6.739  -4.635  13.241  1.00 77.18 ? 57  PRO A C   1 
ATOM   450 O O   . PRO A 1 57  ? -6.205  -5.615  13.773  1.00 78.20 ? 57  PRO A O   1 
ATOM   451 C CB  . PRO A 1 57  ? -7.755  -6.276  11.593  1.00 68.36 ? 57  PRO A CB  1 
ATOM   452 C CG  . PRO A 1 57  ? -6.936  -6.405  10.338  1.00 64.05 ? 57  PRO A CG  1 
ATOM   453 C CD  . PRO A 1 57  ? -7.293  -5.133  9.629   1.00 68.06 ? 57  PRO A CD  1 
ATOM   454 N N   . ASN A 1 58  ? -6.634  -3.389  13.712  1.00 80.73 ? 58  ASN A N   1 
ATOM   455 C CA  . ASN A 1 58  ? -5.864  -3.008  14.901  1.00 82.11 ? 58  ASN A CA  1 
ATOM   456 C C   . ASN A 1 58  ? -4.368  -2.746  14.698  1.00 83.02 ? 58  ASN A C   1 
ATOM   457 O O   . ASN A 1 58  ? -3.530  -3.622  14.945  1.00 84.87 ? 58  ASN A O   1 
ATOM   458 C CB  . ASN A 1 58  ? -6.058  -4.035  16.028  1.00 82.25 ? 58  ASN A CB  1 
ATOM   459 C CG  . ASN A 1 58  ? -7.425  -3.931  16.684  1.00 81.33 ? 58  ASN A CG  1 
ATOM   460 O OD1 . ASN A 1 58  ? -7.715  -4.639  17.653  1.00 84.44 ? 58  ASN A OD1 1 
ATOM   461 N ND2 . ASN A 1 58  ? -8.271  -3.050  16.161  1.00 77.27 ? 58  ASN A ND2 1 
ATOM   462 N N   . LYS A 1 59  ? -4.049  -1.525  14.262  1.00 81.85 ? 59  LYS A N   1 
ATOM   463 C CA  . LYS A 1 59  ? -2.670  -1.081  14.034  1.00 73.74 ? 59  LYS A CA  1 
ATOM   464 C C   . LYS A 1 59  ? -1.935  -1.974  13.053  1.00 69.09 ? 59  LYS A C   1 
ATOM   465 O O   . LYS A 1 59  ? -0.760  -1.739  12.767  1.00 60.87 ? 59  LYS A O   1 
ATOM   466 C CB  . LYS A 1 59  ? -1.893  -1.086  15.354  1.00 77.81 ? 59  LYS A CB  1 
ATOM   467 C CG  . LYS A 1 59  ? -2.589  -0.370  16.506  1.00 83.47 ? 59  LYS A CG  1 
ATOM   468 C CD  . LYS A 1 59  ? -2.543  -1.172  17.808  1.00 83.35 ? 59  LYS A CD  1 
ATOM   469 C CE  . LYS A 1 59  ? -3.347  -2.464  17.698  1.00 83.70 ? 59  LYS A CE  1 
ATOM   470 N NZ  . LYS A 1 59  ? -3.548  -3.128  19.016  1.00 84.41 ? 59  LYS A NZ  1 
ATOM   471 N N   . ASP A 1 60  ? -2.627  -2.996  12.547  1.00 63.76 ? 60  ASP A N   1 
ATOM   472 C CA  . ASP A 1 60  ? -2.008  -3.950  11.645  1.00 57.83 ? 60  ASP A CA  1 
ATOM   473 C C   . ASP A 1 60  ? -1.199  -3.287  10.521  1.00 48.08 ? 60  ASP A C   1 
ATOM   474 O O   . ASP A 1 60  ? -0.198  -3.843  10.093  1.00 53.04 ? 60  ASP A O   1 
ATOM   475 C CB  . ASP A 1 60  ? -3.055  -4.954  11.100  1.00 55.72 ? 60  ASP A CB  1 
ATOM   476 C CG  . ASP A 1 60  ? -3.147  -6.248  11.952  1.00 62.42 ? 60  ASP A CG  1 
ATOM   477 O OD1 . ASP A 1 60  ? -4.172  -6.469  12.643  1.00 59.64 ? 60  ASP A OD1 1 
ATOM   478 O OD2 . ASP A 1 60  ? -2.196  -7.061  11.934  1.00 55.10 ? 60  ASP A OD2 1 
ATOM   479 N N   . GLY A 1 61  ? -1.593  -2.103  10.061  1.00 50.07 ? 61  GLY A N   1 
ATOM   480 C CA  . GLY A 1 61  ? -0.821  -1.450  9.007   1.00 43.03 ? 61  GLY A CA  1 
ATOM   481 C C   . GLY A 1 61  ? 0.650   -1.350  9.390   1.00 41.44 ? 61  GLY A C   1 
ATOM   482 O O   . GLY A 1 61  ? 1.555   -1.771  8.660   1.00 40.46 ? 61  GLY A O   1 
ATOM   483 N N   . VAL A 1 62  ? 0.905   -0.773  10.553  1.00 40.37 ? 62  VAL A N   1 
ATOM   484 C CA  . VAL A 1 62  ? 2.267   -0.657  11.039  1.00 41.41 ? 62  VAL A CA  1 
ATOM   485 C C   . VAL A 1 62  ? 2.858   -2.059  11.233  1.00 42.03 ? 62  VAL A C   1 
ATOM   486 O O   . VAL A 1 62  ? 3.987   -2.333  10.822  1.00 40.49 ? 62  VAL A O   1 
ATOM   487 C CB  . VAL A 1 62  ? 2.288   0.119   12.370  1.00 45.22 ? 62  VAL A CB  1 
ATOM   488 C CG1 . VAL A 1 62  ? 3.672   0.076   12.990  1.00 47.21 ? 62  VAL A CG1 1 
ATOM   489 C CG2 . VAL A 1 62  ? 1.860   1.542   12.112  1.00 37.19 ? 62  VAL A CG2 1 
ATOM   490 N N   . GLU A 1 63  ? 2.086   -2.962  11.826  1.00 46.10 ? 63  GLU A N   1 
ATOM   491 C CA  . GLU A 1 63  ? 2.585   -4.311  12.050  1.00 47.69 ? 63  GLU A CA  1 
ATOM   492 C C   . GLU A 1 63  ? 2.798   -5.068  10.748  1.00 47.72 ? 63  GLU A C   1 
ATOM   493 O O   . GLU A 1 63  ? 3.735   -5.855  10.640  1.00 47.27 ? 63  GLU A O   1 
ATOM   494 C CB  . GLU A 1 63  ? 1.640   -5.100  12.964  1.00 55.06 ? 63  GLU A CB  1 
ATOM   495 C CG  . GLU A 1 63  ? 1.515   -4.515  14.381  1.00 67.00 ? 63  GLU A CG  1 
ATOM   496 C CD  . GLU A 1 63  ? 2.873   -4.278  15.049  1.00 71.55 ? 63  GLU A CD  1 
ATOM   497 O OE1 . GLU A 1 63  ? 3.740   -5.181  14.979  1.00 73.05 ? 63  GLU A OE1 1 
ATOM   498 O OE2 . GLU A 1 63  ? 3.068   -3.193  15.651  1.00 71.67 ? 63  GLU A OE2 1 
ATOM   499 N N   . VAL A 1 64  ? 1.939   -4.839  9.752   1.00 43.36 ? 64  VAL A N   1 
ATOM   500 C CA  . VAL A 1 64  ? 2.108   -5.526  8.476   1.00 36.84 ? 64  VAL A CA  1 
ATOM   501 C C   . VAL A 1 64  ? 3.397   -5.046  7.847   1.00 37.21 ? 64  VAL A C   1 
ATOM   502 O O   . VAL A 1 64  ? 4.201   -5.843  7.352   1.00 41.00 ? 64  VAL A O   1 
ATOM   503 C CB  . VAL A 1 64  ? 0.933   -5.247  7.511   1.00 41.55 ? 64  VAL A CB  1 
ATOM   504 C CG1 . VAL A 1 64  ? 1.229   -5.831  6.142   1.00 37.67 ? 64  VAL A CG1 1 
ATOM   505 C CG2 . VAL A 1 64  ? -0.345  -5.858  8.062   1.00 42.69 ? 64  VAL A CG2 1 
ATOM   506 N N   . CYS A 1 65  ? 3.594   -3.734  7.878   1.00 38.08 ? 65  CYS A N   1 
ATOM   507 C CA  . CYS A 1 65  ? 4.791   -3.123  7.330   1.00 40.07 ? 65  CYS A CA  1 
ATOM   508 C C   . CYS A 1 65  ? 6.035   -3.717  8.003   1.00 44.52 ? 65  CYS A C   1 
ATOM   509 O O   . CYS A 1 65  ? 6.998   -4.115  7.343   1.00 40.65 ? 65  CYS A O   1 
ATOM   510 C CB  . CYS A 1 65  ? 4.755   -1.613  7.569   1.00 35.44 ? 65  CYS A CB  1 
ATOM   511 S SG  . CYS A 1 65  ? 6.176   -0.782  6.868   1.00 38.18 ? 65  CYS A SG  1 
ATOM   512 N N   . ARG A 1 66  ? 6.019   -3.778  9.324   1.00 46.00 ? 66  ARG A N   1 
ATOM   513 C CA  . ARG A 1 66  ? 7.168   -4.332  10.036  1.00 50.44 ? 66  ARG A CA  1 
ATOM   514 C C   . ARG A 1 66  ? 7.469   -5.774  9.635   1.00 49.15 ? 66  ARG A C   1 
ATOM   515 O O   . ARG A 1 66  ? 8.615   -6.114  9.338   1.00 51.77 ? 66  ARG A O   1 
ATOM   516 C CB  . ARG A 1 66  ? 6.943   -4.254  11.544  1.00 54.31 ? 66  ARG A CB  1 
ATOM   517 C CG  . ARG A 1 66  ? 7.282   -2.902  12.137  1.00 54.59 ? 66  ARG A CG  1 
ATOM   518 C CD  . ARG A 1 66  ? 7.072   -2.918  13.627  1.00 58.66 ? 66  ARG A CD  1 
ATOM   519 N NE  . ARG A 1 66  ? 7.585   -1.708  14.256  1.00 64.85 ? 66  ARG A NE  1 
ATOM   520 C CZ  . ARG A 1 66  ? 7.420   -1.412  15.541  1.00 67.80 ? 66  ARG A CZ  1 
ATOM   521 N NH1 . ARG A 1 66  ? 6.753   -2.241  16.334  1.00 70.10 ? 66  ARG A NH1 1 
ATOM   522 N NH2 . ARG A 1 66  ? 7.924   -0.291  16.036  1.00 69.45 ? 66  ARG A NH2 1 
ATOM   523 N N   . GLU A 1 67  ? 6.451   -6.628  9.625   1.00 50.86 ? 67  GLU A N   1 
ATOM   524 C CA  . GLU A 1 67  ? 6.681   -8.020  9.258   1.00 53.93 ? 67  GLU A CA  1 
ATOM   525 C C   . GLU A 1 67  ? 7.285   -8.112  7.870   1.00 55.89 ? 67  GLU A C   1 
ATOM   526 O O   . GLU A 1 67  ? 8.397   -8.609  7.710   1.00 56.58 ? 67  GLU A O   1 
ATOM   527 C CB  . GLU A 1 67  ? 5.381   -8.828  9.310   1.00 57.75 ? 67  GLU A CB  1 
ATOM   528 C CG  . GLU A 1 67  ? 4.730   -8.830  10.686  1.00 62.25 ? 67  GLU A CG  1 
ATOM   529 C CD  . GLU A 1 67  ? 3.792   -10.003 10.878  1.00 64.63 ? 67  GLU A CD  1 
ATOM   530 O OE1 . GLU A 1 67  ? 3.136   -10.069 11.937  1.00 68.54 ? 67  GLU A OE1 1 
ATOM   531 O OE2 . GLU A 1 67  ? 3.718   -10.861 9.975   1.00 65.16 ? 67  GLU A OE2 1 
ATOM   532 N N   . VAL A 1 68  ? 6.564   -7.617  6.865   1.00 51.28 ? 68  VAL A N   1 
ATOM   533 C CA  . VAL A 1 68  ? 7.060   -7.655  5.494   1.00 44.84 ? 68  VAL A CA  1 
ATOM   534 C C   . VAL A 1 68  ? 8.508   -7.195  5.396   1.00 44.15 ? 68  VAL A C   1 
ATOM   535 O O   . VAL A 1 68  ? 9.318   -7.811  4.705   1.00 49.53 ? 68  VAL A O   1 
ATOM   536 C CB  . VAL A 1 68  ? 6.202   -6.767  4.572   1.00 41.87 ? 68  VAL A CB  1 
ATOM   537 C CG1 . VAL A 1 68  ? 6.877   -6.608  3.205   1.00 38.23 ? 68  VAL A CG1 1 
ATOM   538 C CG2 . VAL A 1 68  ? 4.822   -7.379  4.427   1.00 38.72 ? 68  VAL A CG2 1 
ATOM   539 N N   . ARG A 1 69  ? 8.839   -6.110  6.083   1.00 48.90 ? 69  ARG A N   1 
ATOM   540 C CA  . ARG A 1 69  ? 10.200  -5.589  6.030   1.00 52.93 ? 69  ARG A CA  1 
ATOM   541 C C   . ARG A 1 69  ? 11.211  -6.562  6.620   1.00 58.19 ? 69  ARG A C   1 
ATOM   542 O O   . ARG A 1 69  ? 12.392  -6.526  6.265   1.00 57.19 ? 69  ARG A O   1 
ATOM   543 C CB  . ARG A 1 69  ? 10.284  -4.239  6.747   1.00 52.19 ? 69  ARG A CB  1 
ATOM   544 C CG  . ARG A 1 69  ? 9.832   -3.070  5.879   1.00 50.46 ? 69  ARG A CG  1 
ATOM   545 C CD  . ARG A 1 69  ? 10.866  -2.731  4.809   1.00 48.50 ? 69  ARG A CD  1 
ATOM   546 N NE  . ARG A 1 69  ? 10.414  -1.673  3.901   1.00 50.12 ? 69  ARG A NE  1 
ATOM   547 C CZ  . ARG A 1 69  ? 9.876   -1.883  2.700   1.00 42.11 ? 69  ARG A CZ  1 
ATOM   548 N NH1 . ARG A 1 69  ? 9.490   -0.852  1.948   1.00 38.07 ? 69  ARG A NH1 1 
ATOM   549 N NH2 . ARG A 1 69  ? 9.731   -3.114  2.242   1.00 38.97 ? 69  ARG A NH2 1 
ATOM   550 N N   . LYS A 1 70  ? 10.749  -7.435  7.511   1.00 57.61 ? 70  LYS A N   1 
ATOM   551 C CA  . LYS A 1 70  ? 11.636  -8.419  8.115   1.00 61.66 ? 70  LYS A CA  1 
ATOM   552 C C   . LYS A 1 70  ? 12.230  -9.306  7.032   1.00 58.68 ? 70  LYS A C   1 
ATOM   553 O O   . LYS A 1 70  ? 13.207  -10.012 7.277   1.00 62.62 ? 70  LYS A O   1 
ATOM   554 C CB  . LYS A 1 70  ? 10.884  -9.293  9.130   1.00 62.84 ? 70  LYS A CB  1 
ATOM   555 C CG  . LYS A 1 70  ? 10.313  -8.533  10.328  1.00 67.17 ? 70  LYS A CG  1 
ATOM   556 C CD  . LYS A 1 70  ? 11.374  -7.708  11.052  1.00 66.55 ? 70  LYS A CD  1 
ATOM   557 C CE  . LYS A 1 70  ? 10.768  -6.941  12.233  1.00 68.56 ? 70  LYS A CE  1 
ATOM   558 N NZ  . LYS A 1 70  ? 11.758  -6.036  12.893  1.00 63.95 ? 70  LYS A NZ  1 
ATOM   559 N N   . LYS A 1 71  ? 11.648  -9.267  5.833   1.00 55.61 ? 71  LYS A N   1 
ATOM   560 C CA  . LYS A 1 71  ? 12.145  -10.092 4.735   1.00 55.85 ? 71  LYS A CA  1 
ATOM   561 C C   . LYS A 1 71  ? 12.079  -9.501  3.322   1.00 59.32 ? 71  LYS A C   1 
ATOM   562 O O   . LYS A 1 71  ? 12.673  -10.060 2.404   1.00 60.09 ? 71  LYS A O   1 
ATOM   563 C CB  . LYS A 1 71  ? 11.424  -11.444 4.740   1.00 59.86 ? 71  LYS A CB  1 
ATOM   564 C CG  . LYS A 1 71  ? 11.695  -12.270 5.996   1.00 62.99 ? 71  LYS A CG  1 
ATOM   565 C CD  . LYS A 1 71  ? 10.959  -13.597 5.986   1.00 68.07 ? 71  LYS A CD  1 
ATOM   566 C CE  . LYS A 1 71  ? 11.225  -14.372 7.275   1.00 67.75 ? 71  LYS A CE  1 
ATOM   567 N NZ  . LYS A 1 71  ? 10.461  -15.651 7.324   1.00 68.77 ? 71  LYS A NZ  1 
ATOM   568 N N   . TYR A 1 72  ? 11.375  -8.387  3.125   1.00 54.66 ? 72  TYR A N   1 
ATOM   569 C CA  . TYR A 1 72  ? 11.278  -7.815  1.775   1.00 53.00 ? 72  TYR A CA  1 
ATOM   570 C C   . TYR A 1 72  ? 11.578  -6.323  1.730   1.00 46.94 ? 72  TYR A C   1 
ATOM   571 O O   . TYR A 1 72  ? 11.274  -5.596  2.669   1.00 49.44 ? 72  TYR A O   1 
ATOM   572 C CB  . TYR A 1 72  ? 9.880   -8.067  1.198   1.00 50.26 ? 72  TYR A CB  1 
ATOM   573 C CG  . TYR A 1 72  ? 9.454   -9.524  1.236   1.00 58.43 ? 72  TYR A CG  1 
ATOM   574 C CD1 . TYR A 1 72  ? 10.009  -10.464 0.361   1.00 53.46 ? 72  TYR A CD1 1 
ATOM   575 C CD2 . TYR A 1 72  ? 8.513   -9.966  2.168   1.00 51.81 ? 72  TYR A CD2 1 
ATOM   576 C CE1 . TYR A 1 72  ? 9.637   -11.811 0.417   1.00 52.59 ? 72  TYR A CE1 1 
ATOM   577 C CE2 . TYR A 1 72  ? 8.139   -11.308 2.232   1.00 58.15 ? 72  TYR A CE2 1 
ATOM   578 C CZ  . TYR A 1 72  ? 8.703   -12.221 1.355   1.00 54.27 ? 72  TYR A CZ  1 
ATOM   579 O OH  . TYR A 1 72  ? 8.326   -13.543 1.432   1.00 57.24 ? 72  TYR A OH  1 
ATOM   580 N N   . ASP A 1 73  ? 12.145  -5.872  0.614   1.00 46.23 ? 73  ASP A N   1 
ATOM   581 C CA  . ASP A 1 73  ? 12.501  -4.472  0.438   1.00 46.75 ? 73  ASP A CA  1 
ATOM   582 C C   . ASP A 1 73  ? 11.680  -3.677  -0.589  1.00 43.29 ? 73  ASP A C   1 
ATOM   583 O O   . ASP A 1 73  ? 12.073  -2.565  -0.944  1.00 38.81 ? 73  ASP A O   1 
ATOM   584 C CB  . ASP A 1 73  ? 13.985  -4.361  0.072   1.00 52.50 ? 73  ASP A CB  1 
ATOM   585 C CG  . ASP A 1 73  ? 14.898  -4.704  1.231   1.00 63.76 ? 73  ASP A CG  1 
ATOM   586 O OD1 . ASP A 1 73  ? 14.810  -4.028  2.285   1.00 63.96 ? 73  ASP A OD1 1 
ATOM   587 O OD2 . ASP A 1 73  ? 15.705  -5.649  1.088   1.00 65.03 ? 73  ASP A OD2 1 
ATOM   588 N N   . MET A 1 74  ? 10.557  -4.222  -1.061  1.00 38.47 ? 74  MET A N   1 
ATOM   589 C CA  . MET A 1 74  ? 9.767   -3.505  -2.049  1.00 40.30 ? 74  MET A CA  1 
ATOM   590 C C   . MET A 1 74  ? 9.061   -2.289  -1.442  1.00 35.59 ? 74  MET A C   1 
ATOM   591 O O   . MET A 1 74  ? 8.671   -2.293  -0.284  1.00 31.19 ? 74  MET A O   1 
ATOM   592 C CB  . MET A 1 74  ? 8.723   -4.413  -2.718  1.00 42.49 ? 74  MET A CB  1 
ATOM   593 C CG  . MET A 1 74  ? 7.452   -4.633  -1.923  1.00 39.78 ? 74  MET A CG  1 
ATOM   594 S SD  . MET A 1 74  ? 7.608   -5.784  -0.549  1.00 53.39 ? 74  MET A SD  1 
ATOM   595 C CE  . MET A 1 74  ? 7.433   -7.353  -1.390  1.00 48.10 ? 74  MET A CE  1 
ATOM   596 N N   . PRO A 1 75  ? 8.876   -1.243  -2.247  1.00 36.07 ? 75  PRO A N   1 
ATOM   597 C CA  . PRO A 1 75  ? 8.219   -0.013  -1.798  1.00 35.82 ? 75  PRO A CA  1 
ATOM   598 C C   . PRO A 1 75  ? 6.877   -0.282  -1.153  1.00 29.96 ? 75  PRO A C   1 
ATOM   599 O O   . PRO A 1 75  ? 6.113   -1.129  -1.626  1.00 31.83 ? 75  PRO A O   1 
ATOM   600 C CB  . PRO A 1 75  ? 8.074   0.789   -3.088  1.00 33.70 ? 75  PRO A CB  1 
ATOM   601 C CG  . PRO A 1 75  ? 9.179   0.307   -3.920  1.00 40.13 ? 75  PRO A CG  1 
ATOM   602 C CD  . PRO A 1 75  ? 9.203   -1.167  -3.678  1.00 36.28 ? 75  PRO A CD  1 
ATOM   603 N N   . ILE A 1 76  ? 6.612   0.421   -0.060  1.00 31.21 ? 76  ILE A N   1 
ATOM   604 C CA  . ILE A 1 76  ? 5.349   0.334   0.658   1.00 28.25 ? 76  ILE A CA  1 
ATOM   605 C C   . ILE A 1 76  ? 4.831   1.755   0.810   1.00 29.51 ? 76  ILE A C   1 
ATOM   606 O O   . ILE A 1 76  ? 5.562   2.655   1.291   1.00 29.08 ? 76  ILE A O   1 
ATOM   607 C CB  . ILE A 1 76  ? 5.540   -0.264  2.085   1.00 31.93 ? 76  ILE A CB  1 
ATOM   608 C CG1 . ILE A 1 76  ? 5.995   -1.725  1.967   1.00 33.59 ? 76  ILE A CG1 1 
ATOM   609 C CG2 . ILE A 1 76  ? 4.235   -0.169  2.899   1.00 25.29 ? 76  ILE A CG2 1 
ATOM   610 C CD1 . ILE A 1 76  ? 6.227   -2.419  3.323   1.00 40.49 ? 76  ILE A CD1 1 
ATOM   611 N N   . ILE A 1 77  ? 3.596   1.973   0.381   1.00 25.98 ? 77  ILE A N   1 
ATOM   612 C CA  . ILE A 1 77  ? 2.961   3.293   0.527   1.00 27.61 ? 77  ILE A CA  1 
ATOM   613 C C   . ILE A 1 77  ? 1.810   3.125   1.527   1.00 27.91 ? 77  ILE A C   1 
ATOM   614 O O   . ILE A 1 77  ? 0.913   2.274   1.316   1.00 26.49 ? 77  ILE A O   1 
ATOM   615 C CB  . ILE A 1 77  ? 2.382   3.822   -0.815  1.00 31.18 ? 77  ILE A CB  1 
ATOM   616 C CG1 . ILE A 1 77  ? 3.508   3.988   -1.861  1.00 25.55 ? 77  ILE A CG1 1 
ATOM   617 C CG2 . ILE A 1 77  ? 1.652   5.125   -0.557  1.00 22.70 ? 77  ILE A CG2 1 
ATOM   618 C CD1 . ILE A 1 77  ? 3.075   4.639   -3.177  1.00 23.81 ? 77  ILE A CD1 1 
ATOM   619 N N   . MET A 1 78  ? 1.842   3.896   2.620   1.00 22.82 ? 78  MET A N   1 
ATOM   620 C CA  . MET A 1 78  ? 0.781   3.829   3.637   1.00 24.02 ? 78  MET A CA  1 
ATOM   621 C C   . MET A 1 78  ? -0.387  4.704   3.206   1.00 24.71 ? 78  MET A C   1 
ATOM   622 O O   . MET A 1 78  ? -0.180  5.807   2.686   1.00 27.49 ? 78  MET A O   1 
ATOM   623 C CB  . MET A 1 78  ? 1.260   4.365   4.997   1.00 27.61 ? 78  MET A CB  1 
ATOM   624 C CG  . MET A 1 78  ? 2.463   3.662   5.596   1.00 30.79 ? 78  MET A CG  1 
ATOM   625 S SD  . MET A 1 78  ? 2.148   1.896   5.810   1.00 39.91 ? 78  MET A SD  1 
ATOM   626 C CE  . MET A 1 78  ? 0.734   1.899   6.669   1.00 24.07 ? 78  MET A CE  1 
ATOM   627 N N   . LEU A 1 79  ? -1.607  4.215   3.403   1.00 26.04 ? 79  LEU A N   1 
ATOM   628 C CA  . LEU A 1 79  ? -2.798  5.005   3.077   1.00 25.50 ? 79  LEU A CA  1 
ATOM   629 C C   . LEU A 1 79  ? -3.276  5.470   4.465   1.00 26.85 ? 79  LEU A C   1 
ATOM   630 O O   . LEU A 1 79  ? -3.562  4.634   5.329   1.00 29.06 ? 79  LEU A O   1 
ATOM   631 C CB  . LEU A 1 79  ? -3.865  4.116   2.428   1.00 26.87 ? 79  LEU A CB  1 
ATOM   632 C CG  . LEU A 1 79  ? -3.451  3.280   1.211   1.00 34.09 ? 79  LEU A CG  1 
ATOM   633 C CD1 . LEU A 1 79  ? -4.646  2.489   0.738   1.00 43.50 ? 79  LEU A CD1 1 
ATOM   634 C CD2 . LEU A 1 79  ? -2.927  4.185   0.093   1.00 41.02 ? 79  LEU A CD2 1 
ATOM   635 N N   . THR A 1 80  ? -3.366  6.778   4.660   1.00 28.67 ? 80  THR A N   1 
ATOM   636 C CA  . THR A 1 80  ? -3.749  7.355   5.939   1.00 30.49 ? 80  THR A CA  1 
ATOM   637 C C   . THR A 1 80  ? -4.795  8.439   5.811   1.00 36.29 ? 80  THR A C   1 
ATOM   638 O O   . THR A 1 80  ? -5.117  8.870   4.705   1.00 34.65 ? 80  THR A O   1 
ATOM   639 C CB  . THR A 1 80  ? -2.514  8.000   6.632   1.00 29.90 ? 80  THR A CB  1 
ATOM   640 O OG1 . THR A 1 80  ? -2.242  9.281   6.039   1.00 34.69 ? 80  THR A OG1 1 
ATOM   641 C CG2 . THR A 1 80  ? -1.268  7.118   6.439   1.00 32.95 ? 80  THR A CG2 1 
ATOM   642 N N   . ALA A 1 81  ? -5.310  8.898   6.954   1.00 34.87 ? 81  ALA A N   1 
ATOM   643 C CA  . ALA A 1 81  ? -6.295  9.975   6.953   1.00 38.08 ? 81  ALA A CA  1 
ATOM   644 C C   . ALA A 1 81  ? -5.561  11.299  6.776   1.00 36.28 ? 81  ALA A C   1 
ATOM   645 O O   . ALA A 1 81  ? -4.346  11.370  6.945   1.00 41.27 ? 81  ALA A O   1 
ATOM   646 C CB  . ALA A 1 81  ? -7.075  9.982   8.276   1.00 41.06 ? 81  ALA A CB  1 
ATOM   647 N N   . LYS A 1 82  ? -6.293  12.359  6.444   1.00 38.58 ? 82  LYS A N   1 
ATOM   648 C CA  . LYS A 1 82  ? -5.671  13.663  6.270   1.00 39.48 ? 82  LYS A CA  1 
ATOM   649 C C   . LYS A 1 82  ? -5.431  14.399  7.588   1.00 36.60 ? 82  LYS A C   1 
ATOM   650 O O   . LYS A 1 82  ? -4.512  15.195  7.707   1.00 33.96 ? 82  LYS A O   1 
ATOM   651 C CB  . LYS A 1 82  ? -6.560  14.577  5.422   1.00 45.12 ? 82  LYS A CB  1 
ATOM   652 C CG  . LYS A 1 82  ? -6.588  14.303  3.938   1.00 52.37 ? 82  LYS A CG  1 
ATOM   653 C CD  . LYS A 1 82  ? -7.288  15.459  3.221   1.00 56.60 ? 82  LYS A CD  1 
ATOM   654 C CE  . LYS A 1 82  ? -7.052  15.423  1.721   1.00 58.73 ? 82  LYS A CE  1 
ATOM   655 N NZ  . LYS A 1 82  ? -7.701  16.591  1.040   1.00 59.87 ? 82  LYS A NZ  1 
ATOM   656 N N   . ASP A 1 83  ? -6.255  14.117  8.585   1.00 38.08 ? 83  ASP A N   1 
ATOM   657 C CA  . ASP A 1 83  ? -6.182  14.862  9.828   1.00 39.60 ? 83  ASP A CA  1 
ATOM   658 C C   . ASP A 1 83  ? -5.276  14.379  10.940  1.00 38.02 ? 83  ASP A C   1 
ATOM   659 O O   . ASP A 1 83  ? -5.298  14.945  12.029  1.00 44.29 ? 83  ASP A O   1 
ATOM   660 C CB  . ASP A 1 83  ? -7.601  15.043  10.386  1.00 45.87 ? 83  ASP A CB  1 
ATOM   661 C CG  . ASP A 1 83  ? -8.238  13.729  10.801  1.00 49.08 ? 83  ASP A CG  1 
ATOM   662 O OD1 . ASP A 1 83  ? -7.616  12.669  10.581  1.00 44.53 ? 83  ASP A OD1 1 
ATOM   663 O OD2 . ASP A 1 83  ? -9.367  13.754  11.345  1.00 57.22 ? 83  ASP A OD2 1 
ATOM   664 N N   . SER A 1 84  ? -4.492  13.341  10.689  1.00 36.65 ? 84  SER A N   1 
ATOM   665 C CA  . SER A 1 84  ? -3.600  12.836  11.721  1.00 30.76 ? 84  SER A CA  1 
ATOM   666 C C   . SER A 1 84  ? -2.163  12.904  11.249  1.00 31.63 ? 84  SER A C   1 
ATOM   667 O O   . SER A 1 84  ? -1.772  12.158  10.341  1.00 26.79 ? 84  SER A O   1 
ATOM   668 C CB  . SER A 1 84  ? -3.912  11.387  12.051  1.00 32.95 ? 84  SER A CB  1 
ATOM   669 O OG  . SER A 1 84  ? -2.956  10.902  12.979  1.00 35.26 ? 84  SER A OG  1 
ATOM   670 N N   . GLU A 1 85  ? -1.377  13.769  11.870  1.00 28.18 ? 85  GLU A N   1 
ATOM   671 C CA  . GLU A 1 85  ? 0.031   13.895  11.472  1.00 34.11 ? 85  GLU A CA  1 
ATOM   672 C C   . GLU A 1 85  ? 0.850   12.654  11.819  1.00 33.95 ? 85  GLU A C   1 
ATOM   673 O O   . GLU A 1 85  ? 1.668   12.160  11.004  1.00 29.13 ? 85  GLU A O   1 
ATOM   674 C CB  . GLU A 1 85  ? 0.694   15.103  12.132  1.00 29.95 ? 85  GLU A CB  1 
ATOM   675 C CG  . GLU A 1 85  ? 2.139   15.317  11.575  1.00 31.59 ? 85  GLU A CG  1 
ATOM   676 C CD  . GLU A 1 85  ? 2.850   16.521  12.168  1.00 34.74 ? 85  GLU A CD  1 
ATOM   677 O OE1 . GLU A 1 85  ? 3.286   16.440  13.333  1.00 33.90 ? 85  GLU A OE1 1 
ATOM   678 O OE2 . GLU A 1 85  ? 2.972   17.545  11.466  1.00 28.06 ? 85  GLU A OE2 1 
ATOM   679 N N   . ILE A 1 86  ? 0.620   12.130  13.021  1.00 29.37 ? 86  ILE A N   1 
ATOM   680 C CA  . ILE A 1 86  ? 1.376   10.972  13.462  1.00 26.48 ? 86  ILE A CA  1 
ATOM   681 C C   . ILE A 1 86  ? 1.139   9.770   12.550  1.00 29.78 ? 86  ILE A C   1 
ATOM   682 O O   . ILE A 1 86  ? 2.073   9.011   12.275  1.00 24.28 ? 86  ILE A O   1 
ATOM   683 C CB  . ILE A 1 86  ? 1.066   10.634  14.969  1.00 29.90 ? 86  ILE A CB  1 
ATOM   684 C CG1 . ILE A 1 86  ? 1.987   9.515   15.453  1.00 25.95 ? 86  ILE A CG1 1 
ATOM   685 C CG2 . ILE A 1 86  ? -0.415  10.234  15.154  1.00 33.22 ? 86  ILE A CG2 1 
ATOM   686 C CD1 . ILE A 1 86  ? 3.439   9.888   15.453  1.00 28.55 ? 86  ILE A CD1 1 
ATOM   687 N N   . ASP A 1 87  ? -0.088  9.593   12.052  1.00 26.07 ? 87  ASP A N   1 
ATOM   688 C CA  . ASP A 1 87  ? -0.344  8.475   11.131  1.00 25.88 ? 87  ASP A CA  1 
ATOM   689 C C   . ASP A 1 87  ? 0.498   8.570   9.850   1.00 25.52 ? 87  ASP A C   1 
ATOM   690 O O   . ASP A 1 87  ? 0.863   7.553   9.242   1.00 27.92 ? 87  ASP A O   1 
ATOM   691 C CB  . ASP A 1 87  ? -1.828  8.418   10.748  1.00 30.99 ? 87  ASP A CB  1 
ATOM   692 C CG  . ASP A 1 87  ? -2.698  7.863   11.873  1.00 40.82 ? 87  ASP A CG  1 
ATOM   693 O OD1 . ASP A 1 87  ? -2.144  7.454   12.915  1.00 35.46 ? 87  ASP A OD1 1 
ATOM   694 O OD2 . ASP A 1 87  ? -3.924  7.836   11.713  1.00 38.71 ? 87  ASP A OD2 1 
ATOM   695 N N   . LYS A 1 88  ? 0.785   9.792   9.426   1.00 27.87 ? 88  LYS A N   1 
ATOM   696 C CA  . LYS A 1 88  ? 1.580   10.016  8.223   1.00 26.55 ? 88  LYS A CA  1 
ATOM   697 C C   . LYS A 1 88  ? 3.081   9.781   8.459   1.00 28.02 ? 88  LYS A C   1 
ATOM   698 O O   . LYS A 1 88  ? 3.790   9.185   7.630   1.00 27.69 ? 88  LYS A O   1 
ATOM   699 C CB  . LYS A 1 88  ? 1.362   11.457  7.746   1.00 26.32 ? 88  LYS A CB  1 
ATOM   700 C CG  . LYS A 1 88  ? -0.086  11.755  7.358   1.00 28.78 ? 88  LYS A CG  1 
ATOM   701 C CD  . LYS A 1 88  ? -0.329  13.242  7.276   1.00 27.23 ? 88  LYS A CD  1 
ATOM   702 C CE  . LYS A 1 88  ? -1.837  13.532  7.019   1.00 28.08 ? 88  LYS A CE  1 
ATOM   703 N NZ  . LYS A 1 88  ? -2.092  14.989  7.047   1.00 31.82 ? 88  LYS A NZ  1 
ATOM   704 N N   . VAL A 1 89  ? 3.560   10.297  9.581   1.00 23.80 ? 89  VAL A N   1 
ATOM   705 C CA  . VAL A 1 89  ? 4.951   10.169  9.962   1.00 26.34 ? 89  VAL A CA  1 
ATOM   706 C C   . VAL A 1 89  ? 5.367   8.747   10.377  1.00 23.53 ? 89  VAL A C   1 
ATOM   707 O O   . VAL A 1 89  ? 6.425   8.239   9.947   1.00 26.96 ? 89  VAL A O   1 
ATOM   708 C CB  . VAL A 1 89  ? 5.260   11.117  11.151  1.00 31.09 ? 89  VAL A CB  1 
ATOM   709 C CG1 . VAL A 1 89  ? 6.646   10.816  11.718  1.00 30.30 ? 89  VAL A CG1 1 
ATOM   710 C CG2 . VAL A 1 89  ? 5.163   12.594  10.696  1.00 29.15 ? 89  VAL A CG2 1 
ATOM   711 N N   . ILE A 1 90  ? 4.531   8.084   11.174  1.00 30.18 ? 90  ILE A N   1 
ATOM   712 C CA  . ILE A 1 90  ? 4.905   6.768   11.707  1.00 28.16 ? 90  ILE A CA  1 
ATOM   713 C C   . ILE A 1 90  ? 5.336   5.740   10.692  1.00 30.21 ? 90  ILE A C   1 
ATOM   714 O O   . ILE A 1 90  ? 6.322   5.048   10.907  1.00 29.35 ? 90  ILE A O   1 
ATOM   715 C CB  . ILE A 1 90  ? 3.803   6.169   12.608  1.00 28.88 ? 90  ILE A CB  1 
ATOM   716 C CG1 . ILE A 1 90  ? 4.401   5.059   13.498  1.00 29.89 ? 90  ILE A CG1 1 
ATOM   717 C CG2 . ILE A 1 90  ? 2.676   5.611   11.764  1.00 28.08 ? 90  ILE A CG2 1 
ATOM   718 C CD1 . ILE A 1 90  ? 5.567   5.563   14.383  1.00 32.30 ? 90  ILE A CD1 1 
ATOM   719 N N   . GLY A 1 91  ? 4.628   5.635   9.569   1.00 29.39 ? 91  GLY A N   1 
ATOM   720 C CA  . GLY A 1 91  ? 5.017   4.638   8.588   1.00 23.76 ? 91  GLY A CA  1 
ATOM   721 C C   . GLY A 1 91  ? 6.436   4.805   8.059   1.00 28.28 ? 91  GLY A C   1 
ATOM   722 O O   . GLY A 1 91  ? 7.152   3.807   7.923   1.00 27.71 ? 91  GLY A O   1 
ATOM   723 N N   . LEU A 1 92  ? 6.834   6.041   7.731   1.00 27.10 ? 92  LEU A N   1 
ATOM   724 C CA  . LEU A 1 92  ? 8.195   6.296   7.218   1.00 27.81 ? 92  LEU A CA  1 
ATOM   725 C C   . LEU A 1 92  ? 9.288   5.933   8.259   1.00 35.62 ? 92  LEU A C   1 
ATOM   726 O O   . LEU A 1 92  ? 10.456  5.651   7.912   1.00 29.84 ? 92  LEU A O   1 
ATOM   727 C CB  . LEU A 1 92  ? 8.333   7.766   6.776   1.00 27.23 ? 92  LEU A CB  1 
ATOM   728 C CG  . LEU A 1 92  ? 7.919   7.953   5.291   1.00 27.70 ? 92  LEU A CG  1 
ATOM   729 C CD1 . LEU A 1 92  ? 6.492   7.424   5.084   1.00 32.37 ? 92  LEU A CD1 1 
ATOM   730 C CD2 . LEU A 1 92  ? 7.986   9.395   4.884   1.00 36.19 ? 92  LEU A CD2 1 
ATOM   731 N N   . GLU A 1 93  ? 8.898   5.938   9.527   1.00 35.25 ? 93  GLU A N   1 
ATOM   732 C CA  . GLU A 1 93  ? 9.819   5.594   10.618  1.00 40.23 ? 93  GLU A CA  1 
ATOM   733 C C   . GLU A 1 93  ? 10.018  4.107   10.782  1.00 44.17 ? 93  GLU A C   1 
ATOM   734 O O   . GLU A 1 93  ? 11.012  3.674   11.377  1.00 40.81 ? 93  GLU A O   1 
ATOM   735 C CB  . GLU A 1 93  ? 9.306   6.110   11.956  1.00 38.99 ? 93  GLU A CB  1 
ATOM   736 C CG  . GLU A 1 93  ? 9.500   7.552   12.235  1.00 38.10 ? 93  GLU A CG  1 
ATOM   737 C CD  . GLU A 1 93  ? 9.124   7.888   13.668  1.00 45.32 ? 93  GLU A CD  1 
ATOM   738 O OE1 . GLU A 1 93  ? 9.732   7.327   14.595  1.00 54.06 ? 93  GLU A OE1 1 
ATOM   739 O OE2 . GLU A 1 93  ? 8.222   8.708   13.878  1.00 45.05 ? 93  GLU A OE2 1 
ATOM   740 N N   . ILE A 1 94  ? 9.078   3.304   10.285  1.00 38.17 ? 94  ILE A N   1 
ATOM   741 C CA  . ILE A 1 94  ? 9.213   1.875   10.459  1.00 37.65 ? 94  ILE A CA  1 
ATOM   742 C C   . ILE A 1 94  ? 9.387   1.040   9.187   1.00 40.05 ? 94  ILE A C   1 
ATOM   743 O O   . ILE A 1 94  ? 9.157   -0.164  9.193   1.00 39.27 ? 94  ILE A O   1 
ATOM   744 C CB  . ILE A 1 94  ? 8.057   1.332   11.358  1.00 40.17 ? 94  ILE A CB  1 
ATOM   745 C CG1 . ILE A 1 94  ? 6.686   1.820   10.881  1.00 40.03 ? 94  ILE A CG1 1 
ATOM   746 C CG2 . ILE A 1 94  ? 8.242   1.858   12.772  1.00 44.17 ? 94  ILE A CG2 1 
ATOM   747 C CD1 . ILE A 1 94  ? 5.976   0.879   9.951   1.00 41.34 ? 94  ILE A CD1 1 
ATOM   748 N N   . GLY A 1 95  ? 9.825   1.680   8.106   1.00 34.51 ? 95  GLY A N   1 
ATOM   749 C CA  . GLY A 1 95  ? 10.072  0.942   6.882   1.00 37.45 ? 95  GLY A CA  1 
ATOM   750 C C   . GLY A 1 95  ? 9.263   1.327   5.651   1.00 34.47 ? 95  GLY A C   1 
ATOM   751 O O   . GLY A 1 95  ? 9.678   1.012   4.537   1.00 37.75 ? 95  GLY A O   1 
ATOM   752 N N   . ALA A 1 96  ? 8.110   1.965   5.831   1.00 31.26 ? 96  ALA A N   1 
ATOM   753 C CA  . ALA A 1 96  ? 7.319   2.354   4.658   1.00 30.93 ? 96  ALA A CA  1 
ATOM   754 C C   . ALA A 1 96  ? 8.084   3.447   3.941   1.00 28.03 ? 96  ALA A C   1 
ATOM   755 O O   . ALA A 1 96  ? 8.886   4.170   4.541   1.00 28.77 ? 96  ALA A O   1 
ATOM   756 C CB  . ALA A 1 96  ? 5.931   2.835   5.068   1.00 27.50 ? 96  ALA A CB  1 
ATOM   757 N N   . ASP A 1 97  ? 7.837   3.574   2.645   1.00 27.97 ? 97  ASP A N   1 
ATOM   758 C CA  . ASP A 1 97  ? 8.545   4.539   1.836   1.00 27.21 ? 97  ASP A CA  1 
ATOM   759 C C   . ASP A 1 97  ? 7.800   5.816   1.548   1.00 29.84 ? 97  ASP A C   1 
ATOM   760 O O   . ASP A 1 97  ? 8.414   6.798   1.121   1.00 28.14 ? 97  ASP A O   1 
ATOM   761 C CB  . ASP A 1 97  ? 8.910   3.879   0.514   1.00 31.93 ? 97  ASP A CB  1 
ATOM   762 C CG  . ASP A 1 97  ? 9.718   2.621   0.718   1.00 35.17 ? 97  ASP A CG  1 
ATOM   763 O OD1 . ASP A 1 97  ? 10.901  2.745   1.087   1.00 37.38 ? 97  ASP A OD1 1 
ATOM   764 O OD2 . ASP A 1 97  ? 9.170   1.522   0.538   1.00 34.03 ? 97  ASP A OD2 1 
ATOM   765 N N   . ASP A 1 98  ? 6.491   5.820   1.793   1.00 27.07 ? 98  ASP A N   1 
ATOM   766 C CA  . ASP A 1 98  ? 5.701   7.001   1.472   1.00 27.89 ? 98  ASP A CA  1 
ATOM   767 C C   . ASP A 1 98  ? 4.304   6.839   2.071   1.00 27.52 ? 98  ASP A C   1 
ATOM   768 O O   . ASP A 1 98  ? 3.981   5.790   2.652   1.00 23.62 ? 98  ASP A O   1 
ATOM   769 C CB  . ASP A 1 98  ? 5.599   7.095   -0.074  1.00 31.13 ? 98  ASP A CB  1 
ATOM   770 C CG  . ASP A 1 98  ? 5.388   8.522   -0.578  1.00 31.93 ? 98  ASP A CG  1 
ATOM   771 O OD1 . ASP A 1 98  ? 5.021   9.405   0.228   1.00 27.47 ? 98  ASP A OD1 1 
ATOM   772 O OD2 . ASP A 1 98  ? 5.579   8.760   -1.794  1.00 24.41 ? 98  ASP A OD2 1 
ATOM   773 N N   . TYR A 1 99  ? 3.489   7.886   1.954   1.00 23.97 ? 99  TYR A N   1 
ATOM   774 C CA  . TYR A 1 99  ? 2.113   7.817   2.417   1.00 22.76 ? 99  TYR A CA  1 
ATOM   775 C C   . TYR A 1 99  ? 1.267   8.659   1.479   1.00 28.56 ? 99  TYR A C   1 
ATOM   776 O O   . TYR A 1 99  ? 1.775   9.536   0.783   1.00 30.13 ? 99  TYR A O   1 
ATOM   777 C CB  . TYR A 1 99  ? 1.966   8.360   3.847   1.00 25.05 ? 99  TYR A CB  1 
ATOM   778 C CG  . TYR A 1 99  ? 2.134   9.854   3.978   1.00 28.09 ? 99  TYR A CG  1 
ATOM   779 C CD1 . TYR A 1 99  ? 1.037   10.722  3.842   1.00 25.55 ? 99  TYR A CD1 1 
ATOM   780 C CD2 . TYR A 1 99  ? 3.383   10.406  4.278   1.00 25.39 ? 99  TYR A CD2 1 
ATOM   781 C CE1 . TYR A 1 99  ? 1.180   12.114  4.022   1.00 30.04 ? 99  TYR A CE1 1 
ATOM   782 C CE2 . TYR A 1 99  ? 3.546   11.780  4.442   1.00 29.54 ? 99  TYR A CE2 1 
ATOM   783 C CZ  . TYR A 1 99  ? 2.430   12.634  4.320   1.00 26.24 ? 99  TYR A CZ  1 
ATOM   784 O OH  . TYR A 1 99  ? 2.608   13.981  4.530   1.00 32.74 ? 99  TYR A OH  1 
ATOM   785 N N   . VAL A 1 100 ? -0.020  8.362   1.460   1.00 26.43 ? 100 VAL A N   1 
ATOM   786 C CA  . VAL A 1 100 ? -0.980  9.084   0.641   1.00 33.17 ? 100 VAL A CA  1 
ATOM   787 C C   . VAL A 1 100 ? -2.185  9.273   1.543   1.00 30.80 ? 100 VAL A C   1 
ATOM   788 O O   . VAL A 1 100 ? -2.627  8.321   2.198   1.00 34.72 ? 100 VAL A O   1 
ATOM   789 C CB  . VAL A 1 100 ? -1.335  8.270   -0.599  1.00 31.91 ? 100 VAL A CB  1 
ATOM   790 C CG1 . VAL A 1 100 ? -2.560  8.851   -1.281  1.00 40.65 ? 100 VAL A CG1 1 
ATOM   791 C CG2 . VAL A 1 100 ? -0.117  8.278   -1.566  1.00 33.07 ? 100 VAL A CG2 1 
ATOM   792 N N   . THR A 1 101 ? -2.684  10.498  1.623   1.00 32.66 ? 101 THR A N   1 
ATOM   793 C CA  . THR A 1 101 ? -3.837  10.759  2.476   1.00 38.52 ? 101 THR A CA  1 
ATOM   794 C C   . THR A 1 101 ? -5.177  10.620  1.742   1.00 45.46 ? 101 THR A C   1 
ATOM   795 O O   . THR A 1 101 ? -5.284  10.841  0.528   1.00 40.48 ? 101 THR A O   1 
ATOM   796 C CB  . THR A 1 101 ? -3.775  12.154  3.072   1.00 37.98 ? 101 THR A CB  1 
ATOM   797 O OG1 . THR A 1 101 ? -3.821  13.122  2.016   1.00 42.06 ? 101 THR A OG1 1 
ATOM   798 C CG2 . THR A 1 101 ? -2.472  12.340  3.856   1.00 37.14 ? 101 THR A CG2 1 
ATOM   799 N N   . LYS A 1 102 ? -6.201  10.259  2.504   1.00 44.17 ? 102 LYS A N   1 
ATOM   800 C CA  . LYS A 1 102 ? -7.537  10.105  1.963   1.00 46.33 ? 102 LYS A CA  1 
ATOM   801 C C   . LYS A 1 102 ? -8.375  11.332  2.329   1.00 47.39 ? 102 LYS A C   1 
ATOM   802 O O   . LYS A 1 102 ? -8.286  11.850  3.441   1.00 48.48 ? 102 LYS A O   1 
ATOM   803 C CB  . LYS A 1 102 ? -8.165  8.824   2.526   1.00 48.24 ? 102 LYS A CB  1 
ATOM   804 C CG  . LYS A 1 102 ? -7.370  7.572   2.139   1.00 48.55 ? 102 LYS A CG  1 
ATOM   805 C CD  . LYS A 1 102 ? -8.091  6.289   2.505   1.00 57.70 ? 102 LYS A CD  1 
ATOM   806 C CE  . LYS A 1 102 ? -8.135  6.099   4.001   1.00 61.09 ? 102 LYS A CE  1 
ATOM   807 N NZ  . LYS A 1 102 ? -6.758  6.067   4.544   1.00 49.99 ? 102 LYS A NZ  1 
ATOM   808 N N   . PRO A 1 103 ? -9.186  11.827  1.386   1.00 48.23 ? 103 PRO A N   1 
ATOM   809 C CA  . PRO A 1 103 ? -9.323  11.276  0.039   1.00 43.56 ? 103 PRO A CA  1 
ATOM   810 C C   . PRO A 1 103 ? -8.167  11.736  -0.837  1.00 40.39 ? 103 PRO A C   1 
ATOM   811 O O   . PRO A 1 103 ? -7.586  12.799  -0.608  1.00 42.26 ? 103 PRO A O   1 
ATOM   812 C CB  . PRO A 1 103 ? -10.657 11.855  -0.425  1.00 44.29 ? 103 PRO A CB  1 
ATOM   813 C CG  . PRO A 1 103 ? -10.608 13.243  0.181   1.00 41.57 ? 103 PRO A CG  1 
ATOM   814 C CD  . PRO A 1 103 ? -10.161 12.917  1.603   1.00 45.14 ? 103 PRO A CD  1 
ATOM   815 N N   . PHE A 1 104 ? -7.838  10.937  -1.840  1.00 38.18 ? 104 PHE A N   1 
ATOM   816 C CA  . PHE A 1 104 ? -6.756  11.282  -2.763  1.00 41.79 ? 104 PHE A CA  1 
ATOM   817 C C   . PHE A 1 104 ? -7.275  11.188  -4.191  1.00 38.30 ? 104 PHE A C   1 
ATOM   818 O O   . PHE A 1 104 ? -8.156  10.388  -4.489  1.00 40.90 ? 104 PHE A O   1 
ATOM   819 C CB  . PHE A 1 104 ? -5.599  10.309  -2.587  1.00 42.12 ? 104 PHE A CB  1 
ATOM   820 C CG  . PHE A 1 104 ? -6.009  8.869   -2.661  1.00 42.78 ? 104 PHE A CG  1 
ATOM   821 C CD1 . PHE A 1 104 ? -6.235  8.257   -3.883  1.00 43.27 ? 104 PHE A CD1 1 
ATOM   822 C CD2 . PHE A 1 104 ? -6.168  8.120   -1.489  1.00 49.83 ? 104 PHE A CD2 1 
ATOM   823 C CE1 . PHE A 1 104 ? -6.612  6.921   -3.947  1.00 51.02 ? 104 PHE A CE1 1 
ATOM   824 C CE2 . PHE A 1 104 ? -6.543  6.785   -1.537  1.00 46.11 ? 104 PHE A CE2 1 
ATOM   825 C CZ  . PHE A 1 104 ? -6.766  6.181   -2.762  1.00 52.60 ? 104 PHE A CZ  1 
ATOM   826 N N   . SER A 1 105 ? -6.732  12.008  -5.077  1.00 35.52 ? 105 SER A N   1 
ATOM   827 C CA  . SER A 1 105 ? -7.181  11.960  -6.458  1.00 38.84 ? 105 SER A CA  1 
ATOM   828 C C   . SER A 1 105 ? -6.455  10.829  -7.162  1.00 39.79 ? 105 SER A C   1 
ATOM   829 O O   . SER A 1 105 ? -5.389  10.366  -6.718  1.00 38.83 ? 105 SER A O   1 
ATOM   830 C CB  . SER A 1 105 ? -6.856  13.273  -7.176  1.00 39.03 ? 105 SER A CB  1 
ATOM   831 O OG  . SER A 1 105 ? -5.447  13.434  -7.276  1.00 41.01 ? 105 SER A OG  1 
ATOM   832 N N   . THR A 1 106 ? -7.026  10.405  -8.277  1.00 35.44 ? 106 THR A N   1 
ATOM   833 C CA  . THR A 1 106 ? -6.430  9.365   -9.069  1.00 37.92 ? 106 THR A CA  1 
ATOM   834 C C   . THR A 1 106 ? -5.063  9.866   -9.542  1.00 37.55 ? 106 THR A C   1 
ATOM   835 O O   . THR A 1 106 ? -4.108  9.107   -9.578  1.00 30.13 ? 106 THR A O   1 
ATOM   836 C CB  . THR A 1 106 ? -7.336  9.021   -10.261 1.00 37.74 ? 106 THR A CB  1 
ATOM   837 O OG1 . THR A 1 106 ? -8.546  8.420   -9.767  1.00 39.26 ? 106 THR A OG1 1 
ATOM   838 C CG2 . THR A 1 106 ? -6.621  8.044   -11.222 1.00 37.70 ? 106 THR A CG2 1 
ATOM   839 N N   . ARG A 1 107 ? -4.966  11.154  -9.865  1.00 32.65 ? 107 ARG A N   1 
ATOM   840 C CA  . ARG A 1 107 ? -3.703  11.731  -10.327 1.00 36.09 ? 107 ARG A CA  1 
ATOM   841 C C   . ARG A 1 107 ? -2.608  11.574  -9.253  1.00 32.11 ? 107 ARG A C   1 
ATOM   842 O O   . ARG A 1 107 ? -1.467  11.219  -9.548  1.00 29.40 ? 107 ARG A O   1 
ATOM   843 C CB  . ARG A 1 107 ? -3.911  13.212  -10.641 1.00 35.64 ? 107 ARG A CB  1 
ATOM   844 C CG  . ARG A 1 107 ? -2.668  13.971  -10.990 1.00 39.73 ? 107 ARG A CG  1 
ATOM   845 C CD  . ARG A 1 107 ? -3.014  15.365  -11.561 1.00 39.76 ? 107 ARG A CD  1 
ATOM   846 N NE  . ARG A 1 107 ? -3.597  16.270  -10.574 1.00 38.35 ? 107 ARG A NE  1 
ATOM   847 C CZ  . ARG A 1 107 ? -4.013  17.511  -10.842 1.00 46.48 ? 107 ARG A CZ  1 
ATOM   848 N NH1 . ARG A 1 107 ? -3.917  18.009  -12.076 1.00 36.19 ? 107 ARG A NH1 1 
ATOM   849 N NH2 . ARG A 1 107 ? -4.517  18.266  -9.878  1.00 39.74 ? 107 ARG A NH2 1 
ATOM   850 N N   . GLU A 1 108 ? -2.961  11.849  -8.008  1.00 27.19 ? 108 GLU A N   1 
ATOM   851 C CA  . GLU A 1 108 ? -1.996  11.727  -6.924  1.00 31.82 ? 108 GLU A CA  1 
ATOM   852 C C   . GLU A 1 108 ? -1.590  10.272  -6.729  1.00 31.57 ? 108 GLU A C   1 
ATOM   853 O O   . GLU A 1 108 ? -0.394  9.979   -6.598  1.00 29.41 ? 108 GLU A O   1 
ATOM   854 C CB  . GLU A 1 108 ? -2.582  12.272  -5.623  1.00 31.56 ? 108 GLU A CB  1 
ATOM   855 C CG  . GLU A 1 108 ? -1.633  12.089  -4.443  1.00 36.53 ? 108 GLU A CG  1 
ATOM   856 C CD  . GLU A 1 108 ? -2.083  12.829  -3.207  1.00 44.08 ? 108 GLU A CD  1 
ATOM   857 O OE1 . GLU A 1 108 ? -3.279  12.718  -2.854  1.00 56.19 ? 108 GLU A OE1 1 
ATOM   858 O OE2 . GLU A 1 108 ? -1.243  13.511  -2.580  1.00 45.73 ? 108 GLU A OE2 1 
ATOM   859 N N   . LEU A 1 109 ? -2.580  9.367   -6.702  1.00 30.02 ? 109 LEU A N   1 
ATOM   860 C CA  . LEU A 1 109 ? -2.335  7.924   -6.530  1.00 31.53 ? 109 LEU A CA  1 
ATOM   861 C C   . LEU A 1 109 ? -1.310  7.407   -7.545  1.00 31.67 ? 109 LEU A C   1 
ATOM   862 O O   . LEU A 1 109 ? -0.289  6.815   -7.172  1.00 25.81 ? 109 LEU A O   1 
ATOM   863 C CB  . LEU A 1 109 ? -3.637  7.099   -6.696  1.00 24.47 ? 109 LEU A CB  1 
ATOM   864 C CG  . LEU A 1 109 ? -3.448  5.561   -6.718  1.00 30.98 ? 109 LEU A CG  1 
ATOM   865 C CD1 . LEU A 1 109 ? -3.176  5.056   -5.310  1.00 30.77 ? 109 LEU A CD1 1 
ATOM   866 C CD2 . LEU A 1 109 ? -4.681  4.856   -7.266  1.00 38.28 ? 109 LEU A CD2 1 
ATOM   867 N N   . LEU A 1 110 ? -1.584  7.643   -8.825  1.00 24.43 ? 110 LEU A N   1 
ATOM   868 C CA  . LEU A 1 110 ? -0.709  7.158   -9.892  1.00 27.63 ? 110 LEU A CA  1 
ATOM   869 C C   . LEU A 1 110 ? 0.685   7.766   -9.844  1.00 25.10 ? 110 LEU A C   1 
ATOM   870 O O   . LEU A 1 110 ? 1.672   7.065   -10.086 1.00 25.53 ? 110 LEU A O   1 
ATOM   871 C CB  . LEU A 1 110 ? -1.347  7.408   -11.264 1.00 30.17 ? 110 LEU A CB  1 
ATOM   872 C CG  . LEU A 1 110 ? -2.756  6.840   -11.552 1.00 32.07 ? 110 LEU A CG  1 
ATOM   873 C CD1 . LEU A 1 110 ? -3.206  7.302   -12.940 1.00 36.92 ? 110 LEU A CD1 1 
ATOM   874 C CD2 . LEU A 1 110 ? -2.780  5.312   -11.477 1.00 35.33 ? 110 LEU A CD2 1 
ATOM   875 N N   . ALA A 1 111 ? 0.766   9.066   -9.543  1.00 24.48 ? 111 ALA A N   1 
ATOM   876 C CA  . ALA A 1 111 ? 2.045   9.757   -9.448  1.00 24.25 ? 111 ALA A CA  1 
ATOM   877 C C   . ALA A 1 111 ? 2.842   9.166   -8.303  1.00 24.57 ? 111 ALA A C   1 
ATOM   878 O O   . ALA A 1 111 ? 4.031   8.921   -8.438  1.00 26.69 ? 111 ALA A O   1 
ATOM   879 C CB  . ALA A 1 111 ? 1.843   11.254  -9.201  1.00 27.01 ? 111 ALA A CB  1 
ATOM   880 N N   . ARG A 1 112 ? 2.190   8.937   -7.170  1.00 25.20 ? 112 ARG A N   1 
ATOM   881 C CA  . ARG A 1 112 ? 2.884   8.377   -6.007  1.00 25.58 ? 112 ARG A CA  1 
ATOM   882 C C   . ARG A 1 112 ? 3.376   6.945   -6.270  1.00 27.29 ? 112 ARG A C   1 
ATOM   883 O O   . ARG A 1 112 ? 4.471   6.572   -5.859  1.00 23.37 ? 112 ARG A O   1 
ATOM   884 C CB  . ARG A 1 112 ? 1.959   8.394   -4.786  1.00 27.73 ? 112 ARG A CB  1 
ATOM   885 C CG  . ARG A 1 112 ? 1.718   9.781   -4.228  1.00 27.86 ? 112 ARG A CG  1 
ATOM   886 C CD  . ARG A 1 112 ? 2.905   10.217  -3.392  1.00 26.42 ? 112 ARG A CD  1 
ATOM   887 N NE  . ARG A 1 112 ? 2.868   11.634  -3.057  1.00 28.47 ? 112 ARG A NE  1 
ATOM   888 C CZ  . ARG A 1 112 ? 3.869   12.292  -2.470  1.00 26.73 ? 112 ARG A CZ  1 
ATOM   889 N NH1 . ARG A 1 112 ? 4.998   11.664  -2.154  1.00 27.69 ? 112 ARG A NH1 1 
ATOM   890 N NH2 . ARG A 1 112 ? 3.749   13.589  -2.210  1.00 26.17 ? 112 ARG A NH2 1 
ATOM   891 N N   . VAL A 1 113 ? 2.551   6.132   -6.925  1.00 23.60 ? 113 VAL A N   1 
ATOM   892 C CA  . VAL A 1 113 ? 2.926   4.762   -7.193  1.00 22.85 ? 113 VAL A CA  1 
ATOM   893 C C   . VAL A 1 113 ? 4.125   4.743   -8.145  1.00 21.39 ? 113 VAL A C   1 
ATOM   894 O O   . VAL A 1 113 ? 5.112   4.056   -7.898  1.00 25.30 ? 113 VAL A O   1 
ATOM   895 C CB  . VAL A 1 113 ? 1.726   3.954   -7.794  1.00 28.14 ? 113 VAL A CB  1 
ATOM   896 C CG1 . VAL A 1 113 ? 2.192   2.579   -8.297  1.00 25.44 ? 113 VAL A CG1 1 
ATOM   897 C CG2 . VAL A 1 113 ? 0.634   3.762   -6.697  1.00 28.22 ? 113 VAL A CG2 1 
ATOM   898 N N   . LYS A 1 114 ? 4.054   5.508   -9.225  1.00 21.40 ? 114 LYS A N   1 
ATOM   899 C CA  . LYS A 1 114 ? 5.174   5.542   -10.170 1.00 24.71 ? 114 LYS A CA  1 
ATOM   900 C C   . LYS A 1 114 ? 6.442   6.127   -9.563  1.00 26.15 ? 114 LYS A C   1 
ATOM   901 O O   . LYS A 1 114 ? 7.539   5.562   -9.726  1.00 26.83 ? 114 LYS A O   1 
ATOM   902 C CB  . LYS A 1 114 ? 4.788   6.309   -11.432 1.00 27.30 ? 114 LYS A CB  1 
ATOM   903 C CG  . LYS A 1 114 ? 5.907   6.346   -12.481 1.00 34.04 ? 114 LYS A CG  1 
ATOM   904 C CD  . LYS A 1 114 ? 5.440   7.035   -13.746 1.00 26.31 ? 114 LYS A CD  1 
ATOM   905 C CE  . LYS A 1 114 ? 4.365   6.212   -14.441 1.00 28.69 ? 114 LYS A CE  1 
ATOM   906 N NZ  . LYS A 1 114 ? 3.825   6.871   -15.689 1.00 29.76 ? 114 LYS A NZ  1 
ATOM   907 N N   . ALA A 1 115 ? 6.314   7.236   -8.837  1.00 27.32 ? 115 ALA A N   1 
ATOM   908 C CA  . ALA A 1 115 ? 7.490   7.842   -8.214  1.00 29.07 ? 115 ALA A CA  1 
ATOM   909 C C   . ALA A 1 115 ? 8.164   6.859   -7.264  1.00 28.77 ? 115 ALA A C   1 
ATOM   910 O O   . ALA A 1 115 ? 9.393   6.775   -7.229  1.00 25.92 ? 115 ALA A O   1 
ATOM   911 C CB  . ALA A 1 115 ? 7.105   9.142   -7.453  1.00 23.12 ? 115 ALA A CB  1 
ATOM   912 N N   . ASN A 1 116 ? 7.371   6.095   -6.514  1.00 22.64 ? 116 ASN A N   1 
ATOM   913 C CA  . ASN A 1 116 ? 7.949   5.142   -5.565  1.00 26.26 ? 116 ASN A CA  1 
ATOM   914 C C   . ASN A 1 116 ? 8.521   3.899   -6.233  1.00 29.54 ? 116 ASN A C   1 
ATOM   915 O O   . ASN A 1 116 ? 9.511   3.354   -5.762  1.00 25.64 ? 116 ASN A O   1 
ATOM   916 C CB  . ASN A 1 116 ? 6.933   4.747   -4.492  1.00 26.04 ? 116 ASN A CB  1 
ATOM   917 C CG  . ASN A 1 116 ? 6.839   5.775   -3.382  1.00 30.41 ? 116 ASN A CG  1 
ATOM   918 O OD1 . ASN A 1 116 ? 7.582   5.716   -2.382  1.00 31.92 ? 116 ASN A OD1 1 
ATOM   919 N ND2 . ASN A 1 116 ? 5.944   6.739   -3.557  1.00 27.82 ? 116 ASN A ND2 1 
ATOM   920 N N   . LEU A 1 117 ? 7.914   3.459   -7.326  1.00 28.31 ? 117 LEU A N   1 
ATOM   921 C CA  . LEU A 1 117 ? 8.467   2.305   -8.048  1.00 30.80 ? 117 LEU A CA  1 
ATOM   922 C C   . LEU A 1 117 ? 9.830   2.658   -8.651  1.00 33.50 ? 117 LEU A C   1 
ATOM   923 O O   . LEU A 1 117 ? 10.701  1.814   -8.763  1.00 32.23 ? 117 LEU A O   1 
ATOM   924 C CB  . LEU A 1 117 ? 7.534   1.883   -9.187  1.00 26.73 ? 117 LEU A CB  1 
ATOM   925 C CG  . LEU A 1 117 ? 6.269   1.104   -8.807  1.00 26.75 ? 117 LEU A CG  1 
ATOM   926 C CD1 . LEU A 1 117 ? 5.343   1.005   -10.025 1.00 29.65 ? 117 LEU A CD1 1 
ATOM   927 C CD2 . LEU A 1 117 ? 6.663   -0.269  -8.293  1.00 30.70 ? 117 LEU A CD2 1 
ATOM   928 N N   . ARG A 1 118 ? 10.011  3.916   -9.040  1.00 31.09 ? 118 ARG A N   1 
ATOM   929 C CA  . ARG A 1 118 ? 11.244  4.348   -9.676  1.00 29.98 ? 118 ARG A CA  1 
ATOM   930 C C   . ARG A 1 118 ? 12.219  5.091   -8.782  1.00 27.00 ? 118 ARG A C   1 
ATOM   931 O O   . ARG A 1 118 ? 13.182  5.660   -9.280  1.00 30.49 ? 118 ARG A O   1 
ATOM   932 C CB  . ARG A 1 118 ? 10.922  5.218   -10.894 1.00 30.78 ? 118 ARG A CB  1 
ATOM   933 C CG  . ARG A 1 118 ? 9.950   4.546   -11.821 1.00 32.27 ? 118 ARG A CG  1 
ATOM   934 C CD  . ARG A 1 118 ? 9.846   5.219   -13.178 1.00 33.17 ? 118 ARG A CD  1 
ATOM   935 N NE  . ARG A 1 118 ? 8.815   4.545   -13.966 1.00 31.82 ? 118 ARG A NE  1 
ATOM   936 C CZ  . ARG A 1 118 ? 8.359   4.979   -15.137 1.00 29.36 ? 118 ARG A CZ  1 
ATOM   937 N NH1 . ARG A 1 118 ? 8.841   6.096   -15.686 1.00 34.57 ? 118 ARG A NH1 1 
ATOM   938 N NH2 . ARG A 1 118 ? 7.394   4.312   -15.750 1.00 31.20 ? 118 ARG A NH2 1 
ATOM   939 N N   . ARG A 1 119 ? 11.987  5.083   -7.470  1.00 27.12 ? 119 ARG A N   1 
ATOM   940 C CA  . ARG A 1 119 ? 12.879  5.769   -6.541  1.00 31.43 ? 119 ARG A CA  1 
ATOM   941 C C   . ARG A 1 119 ? 14.307  5.229   -6.662  1.00 41.52 ? 119 ARG A C   1 
ATOM   942 O O   . ARG A 1 119 ? 14.509  4.016   -6.663  1.00 44.95 ? 119 ARG A O   1 
ATOM   943 C CB  . ARG A 1 119 ? 12.397  5.575   -5.103  1.00 28.46 ? 119 ARG A CB  1 
ATOM   944 C CG  . ARG A 1 119 ? 13.246  6.260   -4.049  1.00 29.47 ? 119 ARG A CG  1 
ATOM   945 C CD  . ARG A 1 119 ? 12.769  5.869   -2.662  1.00 32.87 ? 119 ARG A CD  1 
ATOM   946 N NE  . ARG A 1 119 ? 11.373  6.258   -2.431  1.00 38.19 ? 119 ARG A NE  1 
ATOM   947 C CZ  . ARG A 1 119 ? 10.991  7.382   -1.824  1.00 35.47 ? 119 ARG A CZ  1 
ATOM   948 N NH1 . ARG A 1 119 ? 11.892  8.245   -1.372  1.00 30.40 ? 119 ARG A NH1 1 
ATOM   949 N NH2 . ARG A 1 119 ? 9.704   7.644   -1.671  1.00 32.26 ? 119 ARG A NH2 1 
ATOM   950 N N   . GLN A 1 120 ? 15.283  6.134   -6.732  1.00 39.43 ? 120 GLN A N   1 
ATOM   951 C CA  . GLN A 1 120 ? 16.688  5.757   -6.863  1.00 47.12 ? 120 GLN A CA  1 
ATOM   952 C C   . GLN A 1 120 ? 17.160  4.847   -5.733  1.00 52.18 ? 120 GLN A C   1 
ATOM   953 O O   . GLN A 1 120 ? 16.675  4.993   -4.588  1.00 57.34 ? 120 GLN A O   1 
ATOM   954 C CB  . GLN A 1 120 ? 17.569  7.011   -6.892  1.00 45.38 ? 120 GLN A CB  1 
ATOM   955 C CG  . GLN A 1 120 ? 19.046  6.726   -7.088  1.00 49.12 ? 120 GLN A CG  1 
ATOM   956 C CD  . GLN A 1 120 ? 19.884  7.987   -7.146  1.00 50.77 ? 120 GLN A CD  1 
ATOM   957 O OE1 . GLN A 1 120 ? 20.112  8.647   -6.137  1.00 52.81 ? 120 GLN A OE1 1 
ATOM   958 N NE2 . GLN A 1 120 ? 20.343  8.331   -8.339  1.00 56.87 ? 120 GLN A NE2 1 
ATOM   959 O OXT . GLN A 1 120 ? 18.035  4.008   -6.018  1.00 60.94 ? 120 GLN A OXT 1 
HETATM 960 O O   . HOH B 2 .   ? -4.661  16.672  -6.705  1.00 38.01 ? 121 HOH A O   1 
HETATM 961 O O   . HOH B 2 .   ? 7.719   1.662   -13.276 1.00 27.61 ? 122 HOH A O   1 
HETATM 962 O O   . HOH B 2 .   ? 2.591   6.624   7.555   1.00 31.42 ? 123 HOH A O   1 
HETATM 963 O O   . HOH B 2 .   ? -1.021  16.296  9.575   1.00 26.90 ? 124 HOH A O   1 
HETATM 964 O O   . HOH B 2 .   ? -0.391  11.115  -12.046 1.00 33.54 ? 125 HOH A O   1 
HETATM 965 O O   . HOH B 2 .   ? -7.243  13.067  -10.546 1.00 43.64 ? 126 HOH A O   1 
HETATM 966 O O   . HOH B 2 .   ? 4.928   19.272  12.566  1.00 28.36 ? 127 HOH A O   1 
HETATM 967 O O   . HOH B 2 .   ? 0.980   14.130  -3.602  1.00 43.33 ? 128 HOH A O   1 
HETATM 968 O O   . HOH B 2 .   ? -2.997  16.924  11.352  1.00 36.38 ? 129 HOH A O   1 
HETATM 969 O O   . HOH B 2 .   ? -9.609  -1.136  -14.692 1.00 35.28 ? 130 HOH A O   1 
HETATM 970 O O   . HOH B 2 .   ? 0.443   13.918  15.526  1.00 46.35 ? 131 HOH A O   1 
HETATM 971 O O   . HOH B 2 .   ? 9.978   3.826   -2.987  1.00 34.51 ? 132 HOH A O   1 
HETATM 972 O O   . HOH B 2 .   ? -6.416  5.138   -13.835 1.00 40.64 ? 133 HOH A O   1 
HETATM 973 O O   . HOH B 2 .   ? 1.225   5.169   -12.059 1.00 31.33 ? 134 HOH A O   1 
HETATM 974 O O   . HOH B 2 .   ? -3.815  -3.913  -16.000 1.00 44.22 ? 135 HOH A O   1 
HETATM 975 O O   . HOH B 2 .   ? -9.812  8.963   -2.062  1.00 40.55 ? 136 HOH A O   1 
HETATM 976 O O   . HOH B 2 .   ? 14.888  8.245   -0.857  1.00 42.31 ? 137 HOH A O   1 
HETATM 977 O O   . HOH B 2 .   ? 5.008   2.674   -13.250 1.00 37.77 ? 138 HOH A O   1 
HETATM 978 O O   . HOH B 2 .   ? -5.057  7.440   9.512   1.00 39.33 ? 139 HOH A O   1 
HETATM 979 O O   . HOH B 2 .   ? -8.235  6.367   -7.340  1.00 47.93 ? 140 HOH A O   1 
HETATM 980 O O   . HOH B 2 .   ? -4.756  -7.299  -12.097 1.00 45.33 ? 141 HOH A O   1 
HETATM 981 O O   . HOH B 2 .   ? 11.178  4.095   6.086   1.00 45.70 ? 142 HOH A O   1 
HETATM 982 O O   . HOH B 2 .   ? 0.388   14.170  -6.753  1.00 31.04 ? 143 HOH A O   1 
HETATM 983 O O   . HOH B 2 .   ? -2.304  11.184  -13.981 1.00 42.48 ? 144 HOH A O   1 
HETATM 984 O O   . HOH B 2 .   ? 12.049  0.872   2.226   1.00 44.91 ? 145 HOH A O   1 
HETATM 985 O O   . HOH B 2 .   ? -5.132  14.178  -4.044  1.00 44.66 ? 146 HOH A O   1 
HETATM 986 O O   . HOH B 2 .   ? 2.009   4.949   -16.874 1.00 44.13 ? 147 HOH A O   1 
HETATM 987 O O   . HOH B 2 .   ? -15.586 -2.976  3.285   1.00 45.03 ? 148 HOH A O   1 
HETATM 988 O O   . HOH B 2 .   ? 11.440  0.204   -0.533  1.00 39.22 ? 149 HOH A O   1 
# 
loop_
_pdbx_poly_seq_scheme.asym_id 
_pdbx_poly_seq_scheme.entity_id 
_pdbx_poly_seq_scheme.seq_id 
_pdbx_poly_seq_scheme.mon_id 
_pdbx_poly_seq_scheme.ndb_seq_num 
_pdbx_poly_seq_scheme.pdb_seq_num 
_pdbx_poly_seq_scheme.auth_seq_num 
_pdbx_poly_seq_scheme.pdb_mon_id 
_pdbx_poly_seq_scheme.auth_mon_id 
_pdbx_poly_seq_scheme.pdb_strand_id 
_pdbx_poly_seq_scheme.pdb_ins_code 
_pdbx_poly_seq_scheme.hetero 
A 1 1   MET 1   1   1   MET ALA A . n 
A 1 2   ASP 2   2   2   ASP ASP A . n 
A 1 3   LYS 3   3   3   LYS LYS A . n 
A 1 4   LYS 4   4   4   LYS LYS A . n 
A 1 5   ILE 5   5   5   ILE ILE A . n 
A 1 6   LEU 6   6   6   LEU LEU A . n 
A 1 7   VAL 7   7   7   VAL VAL A . n 
A 1 8   VAL 8   8   8   VAL VAL A . n 
A 1 9   ASP 9   9   9   ASP ASP A . n 
A 1 10  ASP 10  10  10  ASP ASP A . n 
A 1 11  GLU 11  11  11  GLU GLU A . n 
A 1 12  LYS 12  12  12  LYS LYS A . n 
A 1 13  PRO 13  13  13  PRO PRO A . n 
A 1 14  ILE 14  14  14  ILE ILE A . n 
A 1 15  ALA 15  15  15  ALA ALA A . n 
A 1 16  ASP 16  16  16  ASP ASP A . n 
A 1 17  ILE 17  17  17  ILE ILE A . n 
A 1 18  LEU 18  18  18  LEU LEU A . n 
A 1 19  GLU 19  19  19  GLU GLU A . n 
A 1 20  PHE 20  20  20  PHE PHE A . n 
A 1 21  ASN 21  21  21  ASN ASN A . n 
A 1 22  LEU 22  22  22  LEU LEU A . n 
A 1 23  ARG 23  23  23  ARG ARG A . n 
A 1 24  LYS 24  24  24  LYS LYS A . n 
A 1 25  GLU 25  25  25  GLU GLU A . n 
A 1 26  GLY 26  26  26  GLY GLY A . n 
A 1 27  TYR 27  27  27  TYR TYR A . n 
A 1 28  GLU 28  28  28  GLU GLU A . n 
A 1 29  VAL 29  29  29  VAL VAL A . n 
A 1 30  HIS 30  30  30  HIS HIS A . n 
A 1 31  CYS 31  31  31  CYS CYS A . n 
A 1 32  ALA 32  32  32  ALA ALA A . n 
A 1 33  HIS 33  33  33  HIS HIS A . n 
A 1 34  ASP 34  34  34  ASP ASP A . n 
A 1 35  GLY 35  35  35  GLY GLY A . n 
A 1 36  ASN 36  36  36  ASN ASN A . n 
A 1 37  GLU 37  37  37  GLU GLU A . n 
A 1 38  ALA 38  38  38  ALA ALA A . n 
A 1 39  VAL 39  39  39  VAL VAL A . n 
A 1 40  GLU 40  40  40  GLU GLU A . n 
A 1 41  MET 41  41  41  MET MET A . n 
A 1 42  VAL 42  42  42  VAL VAL A . n 
A 1 43  GLU 43  43  43  GLU GLU A . n 
A 1 44  GLU 44  44  44  GLU GLU A . n 
A 1 45  LEU 45  45  45  LEU LEU A . n 
A 1 46  GLN 46  46  46  GLN GLN A . n 
A 1 47  PRO 47  47  47  PRO PRO A . n 
A 1 48  ASP 48  48  48  ASP ASP A . n 
A 1 49  LEU 49  49  49  LEU LEU A . n 
A 1 50  ILE 50  50  50  ILE ILE A . n 
A 1 51  LEU 51  51  51  LEU LEU A . n 
A 1 52  LEU 52  52  52  LEU LEU A . n 
A 1 53  ASP 53  53  53  ASP ASP A . n 
A 1 54  ILE 54  54  54  ILE ILE A . n 
A 1 55  MET 55  55  55  MET MET A . n 
A 1 56  LEU 56  56  56  LEU LEU A . n 
A 1 57  PRO 57  57  57  PRO PRO A . n 
A 1 58  ASN 58  58  58  ASN ASN A . n 
A 1 59  LYS 59  59  59  LYS LYS A . n 
A 1 60  ASP 60  60  60  ASP ASP A . n 
A 1 61  GLY 61  61  61  GLY GLY A . n 
A 1 62  VAL 62  62  62  VAL VAL A . n 
A 1 63  GLU 63  63  63  GLU GLU A . n 
A 1 64  VAL 64  64  64  VAL VAL A . n 
A 1 65  CYS 65  65  65  CYS CYS A . n 
A 1 66  ARG 66  66  66  ARG ARG A . n 
A 1 67  GLU 67  67  67  GLU GLU A . n 
A 1 68  VAL 68  68  68  VAL VAL A . n 
A 1 69  ARG 69  69  69  ARG ARG A . n 
A 1 70  LYS 70  70  70  LYS LYS A . n 
A 1 71  LYS 71  71  71  LYS LYS A . n 
A 1 72  TYR 72  72  72  TYR TYR A . n 
A 1 73  ASP 73  73  73  ASP ASP A . n 
A 1 74  MET 74  74  74  MET MET A . n 
A 1 75  PRO 75  75  75  PRO PRO A . n 
A 1 76  ILE 76  76  76  ILE ILE A . n 
A 1 77  ILE 77  77  77  ILE ILE A . n 
A 1 78  MET 78  78  78  MET MET A . n 
A 1 79  LEU 79  79  79  LEU LEU A . n 
A 1 80  THR 80  80  80  THR THR A . n 
A 1 81  ALA 81  81  81  ALA ALA A . n 
A 1 82  LYS 82  82  82  LYS LYS A . n 
A 1 83  ASP 83  83  83  ASP ASP A . n 
A 1 84  SER 84  84  84  SER SER A . n 
A 1 85  GLU 85  85  85  GLU GLU A . n 
A 1 86  ILE 86  86  86  ILE ILE A . n 
A 1 87  ASP 87  87  87  ASP ASP A . n 
A 1 88  LYS 88  88  88  LYS LYS A . n 
A 1 89  VAL 89  89  89  VAL VAL A . n 
A 1 90  ILE 90  90  90  ILE ILE A . n 
A 1 91  GLY 91  91  91  GLY GLY A . n 
A 1 92  LEU 92  92  92  LEU LEU A . n 
A 1 93  GLU 93  93  93  GLU GLU A . n 
A 1 94  ILE 94  94  94  ILE ILE A . n 
A 1 95  GLY 95  95  95  GLY GLY A . n 
A 1 96  ALA 96  96  96  ALA ALA A . n 
A 1 97  ASP 97  97  97  ASP ASP A . n 
A 1 98  ASP 98  98  98  ASP ASP A . n 
A 1 99  TYR 99  99  99  TYR TYR A . n 
A 1 100 VAL 100 100 100 VAL VAL A . n 
A 1 101 THR 101 101 101 THR THR A . n 
A 1 102 LYS 102 102 102 LYS LYS A . n 
A 1 103 PRO 103 103 103 PRO PRO A . n 
A 1 104 PHE 104 104 104 PHE PHE A . n 
A 1 105 SER 105 105 105 SER SER A . n 
A 1 106 THR 106 106 106 THR THR A . n 
A 1 107 ARG 107 107 107 ARG ARG A . n 
A 1 108 GLU 108 108 108 GLU GLU A . n 
A 1 109 LEU 109 109 109 LEU LEU A . n 
A 1 110 LEU 110 110 110 LEU LEU A . n 
A 1 111 ALA 111 111 111 ALA ALA A . n 
A 1 112 ARG 112 112 112 ARG ARG A . n 
A 1 113 VAL 113 113 113 VAL VAL A . n 
A 1 114 LYS 114 114 114 LYS LYS A . n 
A 1 115 ALA 115 115 115 ALA ALA A . n 
A 1 116 ASN 116 116 116 ASN ASN A . n 
A 1 117 LEU 117 117 117 LEU LEU A . n 
A 1 118 ARG 118 118 118 ARG ARG A . n 
A 1 119 ARG 119 119 119 ARG ARG A . n 
A 1 120 GLN 120 120 120 GLN GLN A . n 
# 
loop_
_pdbx_nonpoly_scheme.asym_id 
_pdbx_nonpoly_scheme.entity_id 
_pdbx_nonpoly_scheme.mon_id 
_pdbx_nonpoly_scheme.ndb_seq_num 
_pdbx_nonpoly_scheme.pdb_seq_num 
_pdbx_nonpoly_scheme.auth_seq_num 
_pdbx_nonpoly_scheme.pdb_mon_id 
_pdbx_nonpoly_scheme.auth_mon_id 
_pdbx_nonpoly_scheme.pdb_strand_id 
_pdbx_nonpoly_scheme.pdb_ins_code 
B 2 HOH 1  121 121 HOH HOH A . 
B 2 HOH 2  122 122 HOH HOH A . 
B 2 HOH 3  123 123 HOH HOH A . 
B 2 HOH 4  124 124 HOH HOH A . 
B 2 HOH 5  125 125 HOH HOH A . 
B 2 HOH 6  126 126 HOH HOH A . 
B 2 HOH 7  127 127 HOH HOH A . 
B 2 HOH 8  128 128 HOH HOH A . 
B 2 HOH 9  129 129 HOH HOH A . 
B 2 HOH 10 130 130 HOH HOH A . 
B 2 HOH 11 131 131 HOH HOH A . 
B 2 HOH 12 132 132 HOH HOH A . 
B 2 HOH 13 133 133 HOH HOH A . 
B 2 HOH 14 134 134 HOH HOH A . 
B 2 HOH 15 135 135 HOH HOH A . 
B 2 HOH 16 136 136 HOH HOH A . 
B 2 HOH 17 137 137 HOH HOH A . 
B 2 HOH 18 138 138 HOH HOH A . 
B 2 HOH 19 139 139 HOH HOH A . 
B 2 HOH 20 140 140 HOH HOH A . 
B 2 HOH 21 141 141 HOH HOH A . 
B 2 HOH 22 142 142 HOH HOH A . 
B 2 HOH 23 143 143 HOH HOH A . 
B 2 HOH 24 144 144 HOH HOH A . 
B 2 HOH 25 145 145 HOH HOH A . 
B 2 HOH 26 146 146 HOH HOH A . 
B 2 HOH 27 147 147 HOH HOH A . 
B 2 HOH 28 148 148 HOH HOH A . 
B 2 HOH 29 149 149 HOH HOH A . 
# 
_pdbx_struct_assembly.id                   1 
_pdbx_struct_assembly.details              author_and_software_defined_assembly 
_pdbx_struct_assembly.method_details       PISA 
_pdbx_struct_assembly.oligomeric_details   monomeric 
_pdbx_struct_assembly.oligomeric_count     1 
# 
_pdbx_struct_assembly_gen.assembly_id       1 
_pdbx_struct_assembly_gen.oper_expression   1 
_pdbx_struct_assembly_gen.asym_id_list      A,B 
# 
_pdbx_struct_oper_list.id                   1 
_pdbx_struct_oper_list.type                 'identity operation' 
_pdbx_struct_oper_list.name                 1_555 
_pdbx_struct_oper_list.symmetry_operation   x,y,z 
_pdbx_struct_oper_list.matrix[1][1]         1.0000000000 
_pdbx_struct_oper_list.matrix[1][2]         0.0000000000 
_pdbx_struct_oper_list.matrix[1][3]         0.0000000000 
_pdbx_struct_oper_list.vector[1]            0.0000000000 
_pdbx_struct_oper_list.matrix[2][1]         0.0000000000 
_pdbx_struct_oper_list.matrix[2][2]         1.0000000000 
_pdbx_struct_oper_list.matrix[2][3]         0.0000000000 
_pdbx_struct_oper_list.vector[2]            0.0000000000 
_pdbx_struct_oper_list.matrix[3][1]         0.0000000000 
_pdbx_struct_oper_list.matrix[3][2]         0.0000000000 
_pdbx_struct_oper_list.matrix[3][3]         1.0000000000 
_pdbx_struct_oper_list.vector[3]            0.0000000000 
# 
loop_
_pdbx_audit_revision_history.ordinal 
_pdbx_audit_revision_history.data_content_type 
_pdbx_audit_revision_history.major_revision 
_pdbx_audit_revision_history.minor_revision 
_pdbx_audit_revision_history.revision_date 
1 'Structure model' 1 0 2010-03-02 
2 'Structure model' 1 1 2011-07-13 
3 'Structure model' 1 2 2017-10-25 
4 'Structure model' 1 3 2023-09-06 
# 
_pdbx_audit_revision_details.ordinal             1 
_pdbx_audit_revision_details.revision_ordinal    1 
_pdbx_audit_revision_details.data_content_type   'Structure model' 
_pdbx_audit_revision_details.provider            repository 
_pdbx_audit_revision_details.type                'Initial release' 
_pdbx_audit_revision_details.description         ? 
_pdbx_audit_revision_details.details             ? 
# 
loop_
_pdbx_audit_revision_group.ordinal 
_pdbx_audit_revision_group.revision_ordinal 
_pdbx_audit_revision_group.data_content_type 
_pdbx_audit_revision_group.group 
1 2 'Structure model' 'Version format compliance' 
2 3 'Structure model' 'Refinement description'    
3 4 'Structure model' 'Data collection'           
4 4 'Structure model' 'Database references'       
5 4 'Structure model' 'Refinement description'    
# 
loop_
_pdbx_audit_revision_category.ordinal 
_pdbx_audit_revision_category.revision_ordinal 
_pdbx_audit_revision_category.data_content_type 
_pdbx_audit_revision_category.category 
1 3 'Structure model' software                      
2 4 'Structure model' chem_comp_atom                
3 4 'Structure model' chem_comp_bond                
4 4 'Structure model' database_2                    
5 4 'Structure model' pdbx_initial_refinement_model 
# 
loop_
_pdbx_audit_revision_item.ordinal 
_pdbx_audit_revision_item.revision_ordinal 
_pdbx_audit_revision_item.data_content_type 
_pdbx_audit_revision_item.item 
1 4 'Structure model' '_database_2.pdbx_DOI'                
2 4 'Structure model' '_database_2.pdbx_database_accession' 
# 
_pdbx_phasing_MR.entry_id                     3F6P 
_pdbx_phasing_MR.method_rotation              ? 
_pdbx_phasing_MR.method_translation           ? 
_pdbx_phasing_MR.model_details                ? 
_pdbx_phasing_MR.R_factor                     0.495 
_pdbx_phasing_MR.R_rigid_body                 ? 
_pdbx_phasing_MR.correlation_coeff_Fo_to_Fc   0.411 
_pdbx_phasing_MR.correlation_coeff_Io_to_Ic   0.439 
_pdbx_phasing_MR.d_res_high_rotation          3.000 
_pdbx_phasing_MR.d_res_low_rotation           12.000 
_pdbx_phasing_MR.d_res_high_translation       3.000 
_pdbx_phasing_MR.d_res_low_translation        8.000 
_pdbx_phasing_MR.packing                      ? 
_pdbx_phasing_MR.reflns_percent_rotation      ? 
_pdbx_phasing_MR.reflns_percent_translation   ? 
_pdbx_phasing_MR.sigma_F_rotation             ? 
_pdbx_phasing_MR.sigma_F_translation          ? 
_pdbx_phasing_MR.sigma_I_rotation             ? 
_pdbx_phasing_MR.sigma_I_translation          ? 
# 
_phasing.method   MR 
# 
loop_
_software.name 
_software.version 
_software.date 
_software.type 
_software.contact_author 
_software.contact_author_email 
_software.classification 
_software.location 
_software.language 
_software.citation_id 
_software.pdbx_ordinal 
DENZO       .       ?               package 'Zbyszek Otwinowski' hkl@hkl-xray.com      'data reduction'  http://www.hkl-xray.com/ 
?          ? 1 
SCALEPACK   .       ?               package 'Zbyszek Otwinowski' hkl@hkl-xray.com      'data scaling'    http://www.hkl-xray.com/ 
?          ? 2 
AMoRE       .       ?               program 'Jorge Navaza'       ccp4@ccp4.ac.uk       phasing           http://www.ccp4.ac.uk/ 
Fortran_77 ? 3 
CNS         .       ?               package 'Axel T. Brunger'    axel.brunger@yale.edu refinement        http://cns-online.org/ 
Fortran_77 ? 4 
PDB_EXTRACT 3.006   'June 11, 2008' package PDB                  help@deposit.rcsb.org 'data extraction' 
http://sw-tools.pdb.org/apps/PDB_EXTRACT/ C++        ? 5 
ADSC        Quantum ?               ?       ?                    ?                     'data collection' ? ?          ? 6 
HKL-2000    .       ?               ?       ?                    ?                     'data reduction'  ? ?          ? 7 
HKL-2000    .       ?               ?       ?                    ?                     'data scaling'    ? ?          ? 8 
# 
loop_
_pdbx_validate_torsion.id 
_pdbx_validate_torsion.PDB_model_num 
_pdbx_validate_torsion.auth_comp_id 
_pdbx_validate_torsion.auth_asym_id 
_pdbx_validate_torsion.auth_seq_id 
_pdbx_validate_torsion.PDB_ins_code 
_pdbx_validate_torsion.label_alt_id 
_pdbx_validate_torsion.phi 
_pdbx_validate_torsion.psi 
1 1 GLU A 44 ? ? -86.53  41.76  
2 1 LEU A 45 ? ? -165.29 -31.23 
3 1 GLN A 46 ? ? 38.34   70.07  
4 1 MET A 55 ? ? -97.10  37.12  
5 1 PRO A 57 ? ? -35.00  64.18  
6 1 ASN A 58 ? ? 84.90   83.13  
7 1 LYS A 59 ? ? 57.04   0.35   
8 1 LYS A 71 ? ? -144.85 -11.44 
# 
loop_
_pdbx_unobs_or_zero_occ_atoms.id 
_pdbx_unobs_or_zero_occ_atoms.PDB_model_num 
_pdbx_unobs_or_zero_occ_atoms.polymer_flag 
_pdbx_unobs_or_zero_occ_atoms.occupancy_flag 
_pdbx_unobs_or_zero_occ_atoms.auth_asym_id 
_pdbx_unobs_or_zero_occ_atoms.auth_comp_id 
_pdbx_unobs_or_zero_occ_atoms.auth_seq_id 
_pdbx_unobs_or_zero_occ_atoms.PDB_ins_code 
_pdbx_unobs_or_zero_occ_atoms.auth_atom_id 
_pdbx_unobs_or_zero_occ_atoms.label_alt_id 
_pdbx_unobs_or_zero_occ_atoms.label_asym_id 
_pdbx_unobs_or_zero_occ_atoms.label_comp_id 
_pdbx_unobs_or_zero_occ_atoms.label_seq_id 
_pdbx_unobs_or_zero_occ_atoms.label_atom_id 
1 1 Y 1 A MET 1 ? CG ? A MET 1 CG 
2 1 Y 1 A MET 1 ? SD ? A MET 1 SD 
3 1 Y 1 A MET 1 ? CE ? A MET 1 CE 
# 
loop_
_chem_comp_atom.comp_id 
_chem_comp_atom.atom_id 
_chem_comp_atom.type_symbol 
_chem_comp_atom.pdbx_aromatic_flag 
_chem_comp_atom.pdbx_stereo_config 
_chem_comp_atom.pdbx_ordinal 
ALA N    N N N 1   
ALA CA   C N S 2   
ALA C    C N N 3   
ALA O    O N N 4   
ALA CB   C N N 5   
ALA OXT  O N N 6   
ALA H    H N N 7   
ALA H2   H N N 8   
ALA HA   H N N 9   
ALA HB1  H N N 10  
ALA HB2  H N N 11  
ALA HB3  H N N 12  
ALA HXT  H N N 13  
ARG N    N N N 14  
ARG CA   C N S 15  
ARG C    C N N 16  
ARG O    O N N 17  
ARG CB   C N N 18  
ARG CG   C N N 19  
ARG CD   C N N 20  
ARG NE   N N N 21  
ARG CZ   C N N 22  
ARG NH1  N N N 23  
ARG NH2  N N N 24  
ARG OXT  O N N 25  
ARG H    H N N 26  
ARG H2   H N N 27  
ARG HA   H N N 28  
ARG HB2  H N N 29  
ARG HB3  H N N 30  
ARG HG2  H N N 31  
ARG HG3  H N N 32  
ARG HD2  H N N 33  
ARG HD3  H N N 34  
ARG HE   H N N 35  
ARG HH11 H N N 36  
ARG HH12 H N N 37  
ARG HH21 H N N 38  
ARG HH22 H N N 39  
ARG HXT  H N N 40  
ASN N    N N N 41  
ASN CA   C N S 42  
ASN C    C N N 43  
ASN O    O N N 44  
ASN CB   C N N 45  
ASN CG   C N N 46  
ASN OD1  O N N 47  
ASN ND2  N N N 48  
ASN OXT  O N N 49  
ASN H    H N N 50  
ASN H2   H N N 51  
ASN HA   H N N 52  
ASN HB2  H N N 53  
ASN HB3  H N N 54  
ASN HD21 H N N 55  
ASN HD22 H N N 56  
ASN HXT  H N N 57  
ASP N    N N N 58  
ASP CA   C N S 59  
ASP C    C N N 60  
ASP O    O N N 61  
ASP CB   C N N 62  
ASP CG   C N N 63  
ASP OD1  O N N 64  
ASP OD2  O N N 65  
ASP OXT  O N N 66  
ASP H    H N N 67  
ASP H2   H N N 68  
ASP HA   H N N 69  
ASP HB2  H N N 70  
ASP HB3  H N N 71  
ASP HD2  H N N 72  
ASP HXT  H N N 73  
CYS N    N N N 74  
CYS CA   C N R 75  
CYS C    C N N 76  
CYS O    O N N 77  
CYS CB   C N N 78  
CYS SG   S N N 79  
CYS OXT  O N N 80  
CYS H    H N N 81  
CYS H2   H N N 82  
CYS HA   H N N 83  
CYS HB2  H N N 84  
CYS HB3  H N N 85  
CYS HG   H N N 86  
CYS HXT  H N N 87  
GLN N    N N N 88  
GLN CA   C N S 89  
GLN C    C N N 90  
GLN O    O N N 91  
GLN CB   C N N 92  
GLN CG   C N N 93  
GLN CD   C N N 94  
GLN OE1  O N N 95  
GLN NE2  N N N 96  
GLN OXT  O N N 97  
GLN H    H N N 98  
GLN H2   H N N 99  
GLN HA   H N N 100 
GLN HB2  H N N 101 
GLN HB3  H N N 102 
GLN HG2  H N N 103 
GLN HG3  H N N 104 
GLN HE21 H N N 105 
GLN HE22 H N N 106 
GLN HXT  H N N 107 
GLU N    N N N 108 
GLU CA   C N S 109 
GLU C    C N N 110 
GLU O    O N N 111 
GLU CB   C N N 112 
GLU CG   C N N 113 
GLU CD   C N N 114 
GLU OE1  O N N 115 
GLU OE2  O N N 116 
GLU OXT  O N N 117 
GLU H    H N N 118 
GLU H2   H N N 119 
GLU HA   H N N 120 
GLU HB2  H N N 121 
GLU HB3  H N N 122 
GLU HG2  H N N 123 
GLU HG3  H N N 124 
GLU HE2  H N N 125 
GLU HXT  H N N 126 
GLY N    N N N 127 
GLY CA   C N N 128 
GLY C    C N N 129 
GLY O    O N N 130 
GLY OXT  O N N 131 
GLY H    H N N 132 
GLY H2   H N N 133 
GLY HA2  H N N 134 
GLY HA3  H N N 135 
GLY HXT  H N N 136 
HIS N    N N N 137 
HIS CA   C N S 138 
HIS C    C N N 139 
HIS O    O N N 140 
HIS CB   C N N 141 
HIS CG   C Y N 142 
HIS ND1  N Y N 143 
HIS CD2  C Y N 144 
HIS CE1  C Y N 145 
HIS NE2  N Y N 146 
HIS OXT  O N N 147 
HIS H    H N N 148 
HIS H2   H N N 149 
HIS HA   H N N 150 
HIS HB2  H N N 151 
HIS HB3  H N N 152 
HIS HD1  H N N 153 
HIS HD2  H N N 154 
HIS HE1  H N N 155 
HIS HE2  H N N 156 
HIS HXT  H N N 157 
HOH O    O N N 158 
HOH H1   H N N 159 
HOH H2   H N N 160 
ILE N    N N N 161 
ILE CA   C N S 162 
ILE C    C N N 163 
ILE O    O N N 164 
ILE CB   C N S 165 
ILE CG1  C N N 166 
ILE CG2  C N N 167 
ILE CD1  C N N 168 
ILE OXT  O N N 169 
ILE H    H N N 170 
ILE H2   H N N 171 
ILE HA   H N N 172 
ILE HB   H N N 173 
ILE HG12 H N N 174 
ILE HG13 H N N 175 
ILE HG21 H N N 176 
ILE HG22 H N N 177 
ILE HG23 H N N 178 
ILE HD11 H N N 179 
ILE HD12 H N N 180 
ILE HD13 H N N 181 
ILE HXT  H N N 182 
LEU N    N N N 183 
LEU CA   C N S 184 
LEU C    C N N 185 
LEU O    O N N 186 
LEU CB   C N N 187 
LEU CG   C N N 188 
LEU CD1  C N N 189 
LEU CD2  C N N 190 
LEU OXT  O N N 191 
LEU H    H N N 192 
LEU H2   H N N 193 
LEU HA   H N N 194 
LEU HB2  H N N 195 
LEU HB3  H N N 196 
LEU HG   H N N 197 
LEU HD11 H N N 198 
LEU HD12 H N N 199 
LEU HD13 H N N 200 
LEU HD21 H N N 201 
LEU HD22 H N N 202 
LEU HD23 H N N 203 
LEU HXT  H N N 204 
LYS N    N N N 205 
LYS CA   C N S 206 
LYS C    C N N 207 
LYS O    O N N 208 
LYS CB   C N N 209 
LYS CG   C N N 210 
LYS CD   C N N 211 
LYS CE   C N N 212 
LYS NZ   N N N 213 
LYS OXT  O N N 214 
LYS H    H N N 215 
LYS H2   H N N 216 
LYS HA   H N N 217 
LYS HB2  H N N 218 
LYS HB3  H N N 219 
LYS HG2  H N N 220 
LYS HG3  H N N 221 
LYS HD2  H N N 222 
LYS HD3  H N N 223 
LYS HE2  H N N 224 
LYS HE3  H N N 225 
LYS HZ1  H N N 226 
LYS HZ2  H N N 227 
LYS HZ3  H N N 228 
LYS HXT  H N N 229 
MET N    N N N 230 
MET CA   C N S 231 
MET C    C N N 232 
MET O    O N N 233 
MET CB   C N N 234 
MET CG   C N N 235 
MET SD   S N N 236 
MET CE   C N N 237 
MET OXT  O N N 238 
MET H    H N N 239 
MET H2   H N N 240 
MET HA   H N N 241 
MET HB2  H N N 242 
MET HB3  H N N 243 
MET HG2  H N N 244 
MET HG3  H N N 245 
MET HE1  H N N 246 
MET HE2  H N N 247 
MET HE3  H N N 248 
MET HXT  H N N 249 
PHE N    N N N 250 
PHE CA   C N S 251 
PHE C    C N N 252 
PHE O    O N N 253 
PHE CB   C N N 254 
PHE CG   C Y N 255 
PHE CD1  C Y N 256 
PHE CD2  C Y N 257 
PHE CE1  C Y N 258 
PHE CE2  C Y N 259 
PHE CZ   C Y N 260 
PHE OXT  O N N 261 
PHE H    H N N 262 
PHE H2   H N N 263 
PHE HA   H N N 264 
PHE HB2  H N N 265 
PHE HB3  H N N 266 
PHE HD1  H N N 267 
PHE HD2  H N N 268 
PHE HE1  H N N 269 
PHE HE2  H N N 270 
PHE HZ   H N N 271 
PHE HXT  H N N 272 
PRO N    N N N 273 
PRO CA   C N S 274 
PRO C    C N N 275 
PRO O    O N N 276 
PRO CB   C N N 277 
PRO CG   C N N 278 
PRO CD   C N N 279 
PRO OXT  O N N 280 
PRO H    H N N 281 
PRO HA   H N N 282 
PRO HB2  H N N 283 
PRO HB3  H N N 284 
PRO HG2  H N N 285 
PRO HG3  H N N 286 
PRO HD2  H N N 287 
PRO HD3  H N N 288 
PRO HXT  H N N 289 
SER N    N N N 290 
SER CA   C N S 291 
SER C    C N N 292 
SER O    O N N 293 
SER CB   C N N 294 
SER OG   O N N 295 
SER OXT  O N N 296 
SER H    H N N 297 
SER H2   H N N 298 
SER HA   H N N 299 
SER HB2  H N N 300 
SER HB3  H N N 301 
SER HG   H N N 302 
SER HXT  H N N 303 
THR N    N N N 304 
THR CA   C N S 305 
THR C    C N N 306 
THR O    O N N 307 
THR CB   C N R 308 
THR OG1  O N N 309 
THR CG2  C N N 310 
THR OXT  O N N 311 
THR H    H N N 312 
THR H2   H N N 313 
THR HA   H N N 314 
THR HB   H N N 315 
THR HG1  H N N 316 
THR HG21 H N N 317 
THR HG22 H N N 318 
THR HG23 H N N 319 
THR HXT  H N N 320 
TYR N    N N N 321 
TYR CA   C N S 322 
TYR C    C N N 323 
TYR O    O N N 324 
TYR CB   C N N 325 
TYR CG   C Y N 326 
TYR CD1  C Y N 327 
TYR CD2  C Y N 328 
TYR CE1  C Y N 329 
TYR CE2  C Y N 330 
TYR CZ   C Y N 331 
TYR OH   O N N 332 
TYR OXT  O N N 333 
TYR H    H N N 334 
TYR H2   H N N 335 
TYR HA   H N N 336 
TYR HB2  H N N 337 
TYR HB3  H N N 338 
TYR HD1  H N N 339 
TYR HD2  H N N 340 
TYR HE1  H N N 341 
TYR HE2  H N N 342 
TYR HH   H N N 343 
TYR HXT  H N N 344 
VAL N    N N N 345 
VAL CA   C N S 346 
VAL C    C N N 347 
VAL O    O N N 348 
VAL CB   C N N 349 
VAL CG1  C N N 350 
VAL CG2  C N N 351 
VAL OXT  O N N 352 
VAL H    H N N 353 
VAL H2   H N N 354 
VAL HA   H N N 355 
VAL HB   H N N 356 
VAL HG11 H N N 357 
VAL HG12 H N N 358 
VAL HG13 H N N 359 
VAL HG21 H N N 360 
VAL HG22 H N N 361 
VAL HG23 H N N 362 
VAL HXT  H N N 363 
# 
loop_
_chem_comp_bond.comp_id 
_chem_comp_bond.atom_id_1 
_chem_comp_bond.atom_id_2 
_chem_comp_bond.value_order 
_chem_comp_bond.pdbx_aromatic_flag 
_chem_comp_bond.pdbx_stereo_config 
_chem_comp_bond.pdbx_ordinal 
ALA N   CA   sing N N 1   
ALA N   H    sing N N 2   
ALA N   H2   sing N N 3   
ALA CA  C    sing N N 4   
ALA CA  CB   sing N N 5   
ALA CA  HA   sing N N 6   
ALA C   O    doub N N 7   
ALA C   OXT  sing N N 8   
ALA CB  HB1  sing N N 9   
ALA CB  HB2  sing N N 10  
ALA CB  HB3  sing N N 11  
ALA OXT HXT  sing N N 12  
ARG N   CA   sing N N 13  
ARG N   H    sing N N 14  
ARG N   H2   sing N N 15  
ARG CA  C    sing N N 16  
ARG CA  CB   sing N N 17  
ARG CA  HA   sing N N 18  
ARG C   O    doub N N 19  
ARG C   OXT  sing N N 20  
ARG CB  CG   sing N N 21  
ARG CB  HB2  sing N N 22  
ARG CB  HB3  sing N N 23  
ARG CG  CD   sing N N 24  
ARG CG  HG2  sing N N 25  
ARG CG  HG3  sing N N 26  
ARG CD  NE   sing N N 27  
ARG CD  HD2  sing N N 28  
ARG CD  HD3  sing N N 29  
ARG NE  CZ   sing N N 30  
ARG NE  HE   sing N N 31  
ARG CZ  NH1  sing N N 32  
ARG CZ  NH2  doub N N 33  
ARG NH1 HH11 sing N N 34  
ARG NH1 HH12 sing N N 35  
ARG NH2 HH21 sing N N 36  
ARG NH2 HH22 sing N N 37  
ARG OXT HXT  sing N N 38  
ASN N   CA   sing N N 39  
ASN N   H    sing N N 40  
ASN N   H2   sing N N 41  
ASN CA  C    sing N N 42  
ASN CA  CB   sing N N 43  
ASN CA  HA   sing N N 44  
ASN C   O    doub N N 45  
ASN C   OXT  sing N N 46  
ASN CB  CG   sing N N 47  
ASN CB  HB2  sing N N 48  
ASN CB  HB3  sing N N 49  
ASN CG  OD1  doub N N 50  
ASN CG  ND2  sing N N 51  
ASN ND2 HD21 sing N N 52  
ASN ND2 HD22 sing N N 53  
ASN OXT HXT  sing N N 54  
ASP N   CA   sing N N 55  
ASP N   H    sing N N 56  
ASP N   H2   sing N N 57  
ASP CA  C    sing N N 58  
ASP CA  CB   sing N N 59  
ASP CA  HA   sing N N 60  
ASP C   O    doub N N 61  
ASP C   OXT  sing N N 62  
ASP CB  CG   sing N N 63  
ASP CB  HB2  sing N N 64  
ASP CB  HB3  sing N N 65  
ASP CG  OD1  doub N N 66  
ASP CG  OD2  sing N N 67  
ASP OD2 HD2  sing N N 68  
ASP OXT HXT  sing N N 69  
CYS N   CA   sing N N 70  
CYS N   H    sing N N 71  
CYS N   H2   sing N N 72  
CYS CA  C    sing N N 73  
CYS CA  CB   sing N N 74  
CYS CA  HA   sing N N 75  
CYS C   O    doub N N 76  
CYS C   OXT  sing N N 77  
CYS CB  SG   sing N N 78  
CYS CB  HB2  sing N N 79  
CYS CB  HB3  sing N N 80  
CYS SG  HG   sing N N 81  
CYS OXT HXT  sing N N 82  
GLN N   CA   sing N N 83  
GLN N   H    sing N N 84  
GLN N   H2   sing N N 85  
GLN CA  C    sing N N 86  
GLN CA  CB   sing N N 87  
GLN CA  HA   sing N N 88  
GLN C   O    doub N N 89  
GLN C   OXT  sing N N 90  
GLN CB  CG   sing N N 91  
GLN CB  HB2  sing N N 92  
GLN CB  HB3  sing N N 93  
GLN CG  CD   sing N N 94  
GLN CG  HG2  sing N N 95  
GLN CG  HG3  sing N N 96  
GLN CD  OE1  doub N N 97  
GLN CD  NE2  sing N N 98  
GLN NE2 HE21 sing N N 99  
GLN NE2 HE22 sing N N 100 
GLN OXT HXT  sing N N 101 
GLU N   CA   sing N N 102 
GLU N   H    sing N N 103 
GLU N   H2   sing N N 104 
GLU CA  C    sing N N 105 
GLU CA  CB   sing N N 106 
GLU CA  HA   sing N N 107 
GLU C   O    doub N N 108 
GLU C   OXT  sing N N 109 
GLU CB  CG   sing N N 110 
GLU CB  HB2  sing N N 111 
GLU CB  HB3  sing N N 112 
GLU CG  CD   sing N N 113 
GLU CG  HG2  sing N N 114 
GLU CG  HG3  sing N N 115 
GLU CD  OE1  doub N N 116 
GLU CD  OE2  sing N N 117 
GLU OE2 HE2  sing N N 118 
GLU OXT HXT  sing N N 119 
GLY N   CA   sing N N 120 
GLY N   H    sing N N 121 
GLY N   H2   sing N N 122 
GLY CA  C    sing N N 123 
GLY CA  HA2  sing N N 124 
GLY CA  HA3  sing N N 125 
GLY C   O    doub N N 126 
GLY C   OXT  sing N N 127 
GLY OXT HXT  sing N N 128 
HIS N   CA   sing N N 129 
HIS N   H    sing N N 130 
HIS N   H2   sing N N 131 
HIS CA  C    sing N N 132 
HIS CA  CB   sing N N 133 
HIS CA  HA   sing N N 134 
HIS C   O    doub N N 135 
HIS C   OXT  sing N N 136 
HIS CB  CG   sing N N 137 
HIS CB  HB2  sing N N 138 
HIS CB  HB3  sing N N 139 
HIS CG  ND1  sing Y N 140 
HIS CG  CD2  doub Y N 141 
HIS ND1 CE1  doub Y N 142 
HIS ND1 HD1  sing N N 143 
HIS CD2 NE2  sing Y N 144 
HIS CD2 HD2  sing N N 145 
HIS CE1 NE2  sing Y N 146 
HIS CE1 HE1  sing N N 147 
HIS NE2 HE2  sing N N 148 
HIS OXT HXT  sing N N 149 
HOH O   H1   sing N N 150 
HOH O   H2   sing N N 151 
ILE N   CA   sing N N 152 
ILE N   H    sing N N 153 
ILE N   H2   sing N N 154 
ILE CA  C    sing N N 155 
ILE CA  CB   sing N N 156 
ILE CA  HA   sing N N 157 
ILE C   O    doub N N 158 
ILE C   OXT  sing N N 159 
ILE CB  CG1  sing N N 160 
ILE CB  CG2  sing N N 161 
ILE CB  HB   sing N N 162 
ILE CG1 CD1  sing N N 163 
ILE CG1 HG12 sing N N 164 
ILE CG1 HG13 sing N N 165 
ILE CG2 HG21 sing N N 166 
ILE CG2 HG22 sing N N 167 
ILE CG2 HG23 sing N N 168 
ILE CD1 HD11 sing N N 169 
ILE CD1 HD12 sing N N 170 
ILE CD1 HD13 sing N N 171 
ILE OXT HXT  sing N N 172 
LEU N   CA   sing N N 173 
LEU N   H    sing N N 174 
LEU N   H2   sing N N 175 
LEU CA  C    sing N N 176 
LEU CA  CB   sing N N 177 
LEU CA  HA   sing N N 178 
LEU C   O    doub N N 179 
LEU C   OXT  sing N N 180 
LEU CB  CG   sing N N 181 
LEU CB  HB2  sing N N 182 
LEU CB  HB3  sing N N 183 
LEU CG  CD1  sing N N 184 
LEU CG  CD2  sing N N 185 
LEU CG  HG   sing N N 186 
LEU CD1 HD11 sing N N 187 
LEU CD1 HD12 sing N N 188 
LEU CD1 HD13 sing N N 189 
LEU CD2 HD21 sing N N 190 
LEU CD2 HD22 sing N N 191 
LEU CD2 HD23 sing N N 192 
LEU OXT HXT  sing N N 193 
LYS N   CA   sing N N 194 
LYS N   H    sing N N 195 
LYS N   H2   sing N N 196 
LYS CA  C    sing N N 197 
LYS CA  CB   sing N N 198 
LYS CA  HA   sing N N 199 
LYS C   O    doub N N 200 
LYS C   OXT  sing N N 201 
LYS CB  CG   sing N N 202 
LYS CB  HB2  sing N N 203 
LYS CB  HB3  sing N N 204 
LYS CG  CD   sing N N 205 
LYS CG  HG2  sing N N 206 
LYS CG  HG3  sing N N 207 
LYS CD  CE   sing N N 208 
LYS CD  HD2  sing N N 209 
LYS CD  HD3  sing N N 210 
LYS CE  NZ   sing N N 211 
LYS CE  HE2  sing N N 212 
LYS CE  HE3  sing N N 213 
LYS NZ  HZ1  sing N N 214 
LYS NZ  HZ2  sing N N 215 
LYS NZ  HZ3  sing N N 216 
LYS OXT HXT  sing N N 217 
MET N   CA   sing N N 218 
MET N   H    sing N N 219 
MET N   H2   sing N N 220 
MET CA  C    sing N N 221 
MET CA  CB   sing N N 222 
MET CA  HA   sing N N 223 
MET C   O    doub N N 224 
MET C   OXT  sing N N 225 
MET CB  CG   sing N N 226 
MET CB  HB2  sing N N 227 
MET CB  HB3  sing N N 228 
MET CG  SD   sing N N 229 
MET CG  HG2  sing N N 230 
MET CG  HG3  sing N N 231 
MET SD  CE   sing N N 232 
MET CE  HE1  sing N N 233 
MET CE  HE2  sing N N 234 
MET CE  HE3  sing N N 235 
MET OXT HXT  sing N N 236 
PHE N   CA   sing N N 237 
PHE N   H    sing N N 238 
PHE N   H2   sing N N 239 
PHE CA  C    sing N N 240 
PHE CA  CB   sing N N 241 
PHE CA  HA   sing N N 242 
PHE C   O    doub N N 243 
PHE C   OXT  sing N N 244 
PHE CB  CG   sing N N 245 
PHE CB  HB2  sing N N 246 
PHE CB  HB3  sing N N 247 
PHE CG  CD1  doub Y N 248 
PHE CG  CD2  sing Y N 249 
PHE CD1 CE1  sing Y N 250 
PHE CD1 HD1  sing N N 251 
PHE CD2 CE2  doub Y N 252 
PHE CD2 HD2  sing N N 253 
PHE CE1 CZ   doub Y N 254 
PHE CE1 HE1  sing N N 255 
PHE CE2 CZ   sing Y N 256 
PHE CE2 HE2  sing N N 257 
PHE CZ  HZ   sing N N 258 
PHE OXT HXT  sing N N 259 
PRO N   CA   sing N N 260 
PRO N   CD   sing N N 261 
PRO N   H    sing N N 262 
PRO CA  C    sing N N 263 
PRO CA  CB   sing N N 264 
PRO CA  HA   sing N N 265 
PRO C   O    doub N N 266 
PRO C   OXT  sing N N 267 
PRO CB  CG   sing N N 268 
PRO CB  HB2  sing N N 269 
PRO CB  HB3  sing N N 270 
PRO CG  CD   sing N N 271 
PRO CG  HG2  sing N N 272 
PRO CG  HG3  sing N N 273 
PRO CD  HD2  sing N N 274 
PRO CD  HD3  sing N N 275 
PRO OXT HXT  sing N N 276 
SER N   CA   sing N N 277 
SER N   H    sing N N 278 
SER N   H2   sing N N 279 
SER CA  C    sing N N 280 
SER CA  CB   sing N N 281 
SER CA  HA   sing N N 282 
SER C   O    doub N N 283 
SER C   OXT  sing N N 284 
SER CB  OG   sing N N 285 
SER CB  HB2  sing N N 286 
SER CB  HB3  sing N N 287 
SER OG  HG   sing N N 288 
SER OXT HXT  sing N N 289 
THR N   CA   sing N N 290 
THR N   H    sing N N 291 
THR N   H2   sing N N 292 
THR CA  C    sing N N 293 
THR CA  CB   sing N N 294 
THR CA  HA   sing N N 295 
THR C   O    doub N N 296 
THR C   OXT  sing N N 297 
THR CB  OG1  sing N N 298 
THR CB  CG2  sing N N 299 
THR CB  HB   sing N N 300 
THR OG1 HG1  sing N N 301 
THR CG2 HG21 sing N N 302 
THR CG2 HG22 sing N N 303 
THR CG2 HG23 sing N N 304 
THR OXT HXT  sing N N 305 
TYR N   CA   sing N N 306 
TYR N   H    sing N N 307 
TYR N   H2   sing N N 308 
TYR CA  C    sing N N 309 
TYR CA  CB   sing N N 310 
TYR CA  HA   sing N N 311 
TYR C   O    doub N N 312 
TYR C   OXT  sing N N 313 
TYR CB  CG   sing N N 314 
TYR CB  HB2  sing N N 315 
TYR CB  HB3  sing N N 316 
TYR CG  CD1  doub Y N 317 
TYR CG  CD2  sing Y N 318 
TYR CD1 CE1  sing Y N 319 
TYR CD1 HD1  sing N N 320 
TYR CD2 CE2  doub Y N 321 
TYR CD2 HD2  sing N N 322 
TYR CE1 CZ   doub Y N 323 
TYR CE1 HE1  sing N N 324 
TYR CE2 CZ   sing Y N 325 
TYR CE2 HE2  sing N N 326 
TYR CZ  OH   sing N N 327 
TYR OH  HH   sing N N 328 
TYR OXT HXT  sing N N 329 
VAL N   CA   sing N N 330 
VAL N   H    sing N N 331 
VAL N   H2   sing N N 332 
VAL CA  C    sing N N 333 
VAL CA  CB   sing N N 334 
VAL CA  HA   sing N N 335 
VAL C   O    doub N N 336 
VAL C   OXT  sing N N 337 
VAL CB  CG1  sing N N 338 
VAL CB  CG2  sing N N 339 
VAL CB  HB   sing N N 340 
VAL CG1 HG11 sing N N 341 
VAL CG1 HG12 sing N N 342 
VAL CG1 HG13 sing N N 343 
VAL CG2 HG21 sing N N 344 
VAL CG2 HG22 sing N N 345 
VAL CG2 HG23 sing N N 346 
VAL OXT HXT  sing N N 347 
# 
_pdbx_entity_nonpoly.entity_id   2 
_pdbx_entity_nonpoly.name        water 
_pdbx_entity_nonpoly.comp_id     HOH 
# 
_pdbx_initial_refinement_model.id               1 
_pdbx_initial_refinement_model.entity_id_list   ? 
_pdbx_initial_refinement_model.type             'experimental model' 
_pdbx_initial_refinement_model.source_name      PDB 
_pdbx_initial_refinement_model.accession_code   1NXP 
_pdbx_initial_refinement_model.details          ? 
# 
